data_3O8D
#
_entry.id   3O8D
#
_cell.length_a   89.749
_cell.length_b   110.416
_cell.length_c   144.374
_cell.angle_alpha   90.00
_cell.angle_beta   90.00
_cell.angle_gamma   90.00
#
_symmetry.space_group_name_H-M   'P 21 21 21'
#
loop_
_entity.id
_entity.type
_entity.pdbx_description
1 polymer 'HCV NS3 protease/helicase'
2 non-polymer 'MAGNESIUM ION'
3 non-polymer "ADENOSINE-5'-DIPHOSPHATE"
4 non-polymer 'BERYLLIUM TRIFLUORIDE ION'
5 non-polymer 'SULFATE ION'
6 water water
#
_entity_poly.entity_id   1
_entity_poly.type   'polypeptide(L)'
_entity_poly.pdbx_seq_one_letter_code
;MGSSHHHHHHSSGLVPRGSHMGSVVIVGRIILSGSGSITAYSQQTRGLLGCIITSLTGRDKNQVEGEVQVVSTATQSFLA
TCVNGVCWTVYHGAGSKTLAGPKGPITQMYTNVDQDLVGWQAPPGARSLTPCTCGSSDLYLVTRHADVIPVRRRGDSRGS
LLSPRPVSYLKGSSGGPLLCPSGHAVGIFRAAVCTRGVAKAVDFVPVESMETTMRSPVFTDNSSPPAVPQSFQVAHLHAP
TGSGKSTKVPAAYAAQGYKVLVLNPSVAATLGFGAYMSKAHGIDPNIRTGVRTITTGAPVTYSTYGKFLADGGCSGGAYD
IIICDECHSTDSTTILGIGTVLDQAETAGARLVVLATATPPGSVTVPHPNIEEVALSNTGEIPFYGKAIPIEAIRGGRHL
IFCHSKKKCDELAAKLSGLGINAVAYYRGLDVSVIPTIGDVVVVATDALMTGYTGDFDSVIDCNTCVTQTVDFSLDPTFT
IETTTVPQDAVSRSQRRGRTGRGRRGIYRFVTPGERPSGMFDSSVLCECYDAGCAWYELTPAETSVRLRAYLNTPGLPVC
QDHLEFWESVFTGLTHIDAHFLSQTKQAGDNFPYLVAYQATVCARAQAPPPSWDQMWKCLIRLKPTLHGPTPLLYRLGAV
QNEVTLTHPITKYIMACMSADLEVVT
;
_entity_poly.pdbx_strand_id   A,B
#
# COMPACT_ATOMS: atom_id res chain seq x y z
N GLY A 22 9.68 7.61 -16.87
CA GLY A 22 10.77 8.43 -16.38
C GLY A 22 11.94 7.59 -15.89
N SER A 23 13.06 8.24 -15.58
CA SER A 23 14.30 7.53 -15.20
C SER A 23 14.35 7.08 -13.73
N VAL A 24 15.03 5.97 -13.47
CA VAL A 24 15.47 5.65 -12.12
C VAL A 24 16.47 6.71 -11.66
N VAL A 25 16.39 7.11 -10.38
CA VAL A 25 17.20 8.21 -9.86
C VAL A 25 17.97 7.83 -8.58
N ILE A 26 19.25 8.14 -8.53
CA ILE A 26 20.00 7.97 -7.30
C ILE A 26 19.56 9.05 -6.32
N VAL A 27 19.07 8.62 -5.17
CA VAL A 27 18.55 9.56 -4.17
C VAL A 27 19.36 9.48 -2.88
N GLY A 28 20.30 8.54 -2.84
CA GLY A 28 21.22 8.45 -1.72
C GLY A 28 22.18 7.30 -1.88
N ARG A 29 22.90 6.99 -0.81
CA ARG A 29 23.85 5.88 -0.84
C ARG A 29 23.94 5.22 0.52
N ILE A 30 24.43 3.99 0.51
CA ILE A 30 24.78 3.26 1.73
C ILE A 30 26.31 3.17 1.81
N ILE A 31 26.91 3.81 2.80
CA ILE A 31 28.36 3.81 2.99
C ILE A 31 28.83 2.60 3.78
N LEU A 32 29.72 1.82 3.18
CA LEU A 32 30.19 0.59 3.82
C LEU A 32 31.49 0.84 4.58
N SER A 33 31.65 0.16 5.71
CA SER A 33 32.88 0.27 6.49
C SER A 33 34.05 -0.32 5.72
N GLY A 34 35.22 0.29 5.88
CA GLY A 34 36.42 -0.22 5.23
C GLY A 34 37.10 -1.32 6.05
N SER A 35 37.23 -1.06 7.36
CA SER A 35 38.02 -1.92 8.22
C SER A 35 37.20 -2.64 9.30
N GLY A 36 37.51 -3.92 9.51
CA GLY A 36 36.94 -4.66 10.61
C GLY A 36 35.57 -5.26 10.34
N SER A 37 34.78 -5.35 11.40
CA SER A 37 33.41 -5.85 11.31
C SER A 37 32.63 -5.00 10.32
N ILE A 38 31.77 -5.64 9.54
CA ILE A 38 31.05 -4.91 8.50
C ILE A 38 29.89 -4.09 9.04
N THR A 39 29.99 -2.77 8.88
CA THR A 39 28.93 -1.86 9.28
C THR A 39 28.58 -0.92 8.13
N ALA A 40 27.45 -0.25 8.24
CA ALA A 40 26.97 0.59 7.16
C ALA A 40 26.16 1.78 7.70
N TYR A 41 26.10 2.85 6.92
CA TYR A 41 25.21 3.94 7.28
C TYR A 41 24.72 4.63 6.02
N SER A 42 23.60 5.33 6.14
CA SER A 42 22.95 5.91 4.98
C SER A 42 23.24 7.40 4.84
N GLN A 43 23.36 7.84 3.59
CA GLN A 43 23.42 9.26 3.26
C GLN A 43 22.36 9.51 2.21
N GLN A 44 21.43 10.44 2.51
CA GLN A 44 20.41 10.84 1.54
C GLN A 44 20.81 12.12 0.81
N THR A 45 20.66 12.14 -0.51
CA THR A 45 21.24 13.23 -1.32
C THR A 45 20.22 14.11 -2.08
N ARG A 46 18.99 13.64 -2.24
CA ARG A 46 17.92 14.52 -2.74
C ARG A 46 16.55 14.15 -2.20
N GLY A 47 15.70 15.18 -2.05
CA GLY A 47 14.35 14.98 -1.58
C GLY A 47 13.44 14.60 -2.74
N LEU A 48 12.14 14.63 -2.48
CA LEU A 48 11.16 14.23 -3.48
C LEU A 48 11.13 15.14 -4.72
N LEU A 49 11.20 16.45 -4.49
CA LEU A 49 11.12 17.40 -5.60
C LEU A 49 12.25 17.17 -6.61
N GLY A 50 13.49 17.12 -6.13
CA GLY A 50 14.62 16.84 -7.00
C GLY A 50 14.48 15.48 -7.67
N CYS A 51 13.91 14.53 -6.94
CA CYS A 51 13.80 13.18 -7.45
C CYS A 51 12.97 13.23 -8.73
N ILE A 52 11.73 13.72 -8.61
CA ILE A 52 10.82 13.82 -9.74
C ILE A 52 11.42 14.66 -10.88
N ILE A 53 11.71 15.92 -10.62
CA ILE A 53 12.33 16.78 -11.64
C ILE A 53 13.43 16.03 -12.40
N THR A 54 14.34 15.42 -11.64
CA THR A 54 15.48 14.69 -12.19
C THR A 54 15.05 13.46 -13.00
N SER A 55 14.01 12.78 -12.53
CA SER A 55 13.48 11.61 -13.20
C SER A 55 12.98 11.96 -14.59
N LEU A 56 12.55 13.21 -14.76
CA LEU A 56 12.02 13.66 -16.03
C LEU A 56 13.16 14.07 -16.96
N THR A 57 13.92 15.09 -16.61
CA THR A 57 15.02 15.50 -17.48
C THR A 57 15.93 14.32 -17.75
N GLY A 58 15.97 13.40 -16.79
CA GLY A 58 16.89 12.29 -16.85
C GLY A 58 18.29 12.82 -16.69
N ARG A 59 18.38 14.11 -16.35
CA ARG A 59 19.68 14.76 -16.12
C ARG A 59 19.93 14.90 -14.61
N ASP A 60 20.96 14.21 -14.13
CA ASP A 60 21.32 14.24 -12.72
C ASP A 60 22.75 14.75 -12.64
N LYS A 61 22.90 15.95 -12.09
CA LYS A 61 24.21 16.59 -12.02
C LYS A 61 25.01 16.20 -10.77
N ASN A 62 24.34 15.59 -9.80
CA ASN A 62 24.98 15.25 -8.52
C ASN A 62 26.20 14.34 -8.67
N GLN A 63 27.21 14.55 -7.83
CA GLN A 63 28.34 13.65 -7.80
C GLN A 63 27.90 12.32 -7.18
N VAL A 64 28.22 11.23 -7.87
CA VAL A 64 27.94 9.91 -7.31
C VAL A 64 29.17 9.38 -6.59
N GLU A 65 28.94 8.79 -5.42
CA GLU A 65 30.03 8.23 -4.63
C GLU A 65 29.66 6.83 -4.15
N GLY A 66 30.66 6.12 -3.65
CA GLY A 66 30.46 4.81 -3.07
C GLY A 66 30.01 3.75 -4.06
N GLU A 67 29.68 2.57 -3.54
CA GLU A 67 29.35 1.44 -4.38
C GLU A 67 27.90 1.00 -4.28
N VAL A 68 27.23 1.35 -3.18
CA VAL A 68 25.81 1.00 -3.04
C VAL A 68 24.95 2.26 -3.10
N GLN A 69 24.15 2.36 -4.15
CA GLN A 69 23.33 3.54 -4.38
C GLN A 69 21.90 3.28 -3.92
N VAL A 70 21.26 4.28 -3.35
CA VAL A 70 19.82 4.16 -3.11
C VAL A 70 19.13 4.76 -4.32
N VAL A 71 18.30 3.96 -4.99
CA VAL A 71 17.67 4.40 -6.24
C VAL A 71 16.15 4.44 -6.08
N SER A 72 15.51 5.31 -6.85
CA SER A 72 14.08 5.49 -6.69
C SER A 72 13.44 5.77 -8.03
N THR A 73 12.26 5.20 -8.24
CA THR A 73 11.40 5.63 -9.34
C THR A 73 10.38 6.52 -8.69
N ALA A 74 9.38 6.94 -9.45
CA ALA A 74 8.32 7.76 -8.89
C ALA A 74 7.55 7.02 -7.78
N THR A 75 7.39 5.70 -7.94
CA THR A 75 6.54 4.91 -7.05
C THR A 75 7.28 3.94 -6.11
N GLN A 76 8.52 3.57 -6.45
CA GLN A 76 9.23 2.57 -5.66
C GLN A 76 10.67 2.99 -5.37
N SER A 77 11.23 2.43 -4.30
CA SER A 77 12.60 2.72 -3.91
C SER A 77 13.32 1.42 -3.56
N PHE A 78 14.60 1.33 -3.90
CA PHE A 78 15.39 0.10 -3.70
C PHE A 78 16.89 0.38 -3.88
N LEU A 79 17.70 -0.66 -4.05
CA LEU A 79 19.15 -0.47 -4.06
C LEU A 79 19.79 -0.87 -5.37
N ALA A 80 21.01 -0.39 -5.59
CA ALA A 80 21.83 -0.81 -6.72
C ALA A 80 23.28 -0.91 -6.26
N THR A 81 23.98 -1.95 -6.72
CA THR A 81 25.34 -2.23 -6.29
C THR A 81 26.26 -2.28 -7.51
N CYS A 82 27.36 -1.53 -7.44
CA CYS A 82 28.33 -1.48 -8.52
C CYS A 82 29.35 -2.61 -8.42
N VAL A 83 29.47 -3.39 -9.48
CA VAL A 83 30.47 -4.44 -9.55
C VAL A 83 31.06 -4.40 -10.95
N ASN A 84 32.38 -4.36 -11.05
CA ASN A 84 33.05 -4.38 -12.35
C ASN A 84 32.70 -3.19 -13.23
N GLY A 85 32.49 -2.03 -12.63
CA GLY A 85 32.21 -0.83 -13.39
C GLY A 85 30.78 -0.73 -13.91
N VAL A 86 29.95 -1.67 -13.51
CA VAL A 86 28.52 -1.64 -13.83
C VAL A 86 27.71 -1.48 -12.54
N CYS A 87 26.71 -0.60 -12.59
CA CYS A 87 25.74 -0.42 -11.52
C CYS A 87 24.58 -1.41 -11.71
N TRP A 88 24.50 -2.41 -10.83
CA TRP A 88 23.57 -3.52 -11.01
C TRP A 88 22.33 -3.37 -10.11
N THR A 89 21.17 -3.78 -10.61
CA THR A 89 19.99 -3.91 -9.76
C THR A 89 19.00 -4.93 -10.32
N VAL A 90 17.82 -5.03 -9.71
CA VAL A 90 16.84 -6.05 -10.09
C VAL A 90 15.90 -5.59 -11.21
N TYR A 91 15.60 -6.49 -12.13
CA TYR A 91 14.67 -6.13 -13.18
C TYR A 91 13.29 -5.81 -12.61
N HIS A 92 12.88 -6.57 -11.60
CA HIS A 92 11.53 -6.42 -11.06
C HIS A 92 11.34 -5.06 -10.38
N GLY A 93 12.45 -4.41 -10.07
CA GLY A 93 12.41 -3.08 -9.51
C GLY A 93 12.56 -1.99 -10.56
N ALA A 94 13.56 -2.15 -11.43
CA ALA A 94 13.94 -1.10 -12.35
C ALA A 94 13.31 -1.21 -13.75
N GLY A 95 12.81 -2.39 -14.10
CA GLY A 95 12.37 -2.66 -15.46
C GLY A 95 13.52 -2.38 -16.42
N SER A 96 13.21 -1.78 -17.57
CA SER A 96 14.24 -1.45 -18.56
C SER A 96 14.60 0.02 -18.50
N LYS A 97 14.18 0.66 -17.41
CA LYS A 97 14.30 2.11 -17.27
C LYS A 97 15.72 2.60 -17.43
N THR A 98 15.85 3.84 -17.90
CA THR A 98 17.13 4.52 -17.90
C THR A 98 17.44 4.96 -16.48
N LEU A 99 18.71 5.24 -16.23
CA LEU A 99 19.17 5.85 -14.98
C LEU A 99 19.58 7.30 -15.25
N ALA A 100 19.06 8.23 -14.46
CA ALA A 100 19.39 9.65 -14.64
C ALA A 100 20.88 9.89 -14.48
N GLY A 101 21.45 10.64 -15.41
CA GLY A 101 22.89 10.84 -15.45
C GLY A 101 23.22 12.26 -15.89
N PRO A 102 24.50 12.63 -15.75
CA PRO A 102 24.96 13.99 -16.02
C PRO A 102 24.57 14.46 -17.42
N LYS A 103 25.05 13.73 -18.44
CA LYS A 103 24.74 14.04 -19.83
C LYS A 103 23.27 13.75 -20.16
N GLY A 104 22.53 13.26 -19.17
CA GLY A 104 21.14 12.86 -19.39
C GLY A 104 20.97 11.37 -19.16
N PRO A 105 19.81 10.83 -19.57
CA PRO A 105 19.44 9.43 -19.30
C PRO A 105 20.49 8.44 -19.79
N ILE A 106 20.79 7.45 -18.95
CA ILE A 106 21.72 6.39 -19.30
C ILE A 106 20.89 5.13 -19.55
N THR A 107 20.93 4.61 -20.77
CA THR A 107 20.19 3.39 -21.07
C THR A 107 20.91 2.18 -20.45
N GLN A 108 20.14 1.17 -20.07
CA GLN A 108 20.73 -0.05 -19.52
C GLN A 108 21.68 -0.68 -20.52
N MET A 109 22.86 -1.07 -20.05
CA MET A 109 23.78 -1.86 -20.85
C MET A 109 23.30 -3.29 -20.92
N TYR A 110 22.84 -3.79 -19.78
CA TYR A 110 22.40 -5.17 -19.69
C TYR A 110 20.98 -5.24 -19.13
N THR A 111 20.17 -6.11 -19.73
CA THR A 111 18.80 -6.33 -19.29
C THR A 111 18.56 -7.84 -19.34
N ASN A 112 18.72 -8.51 -18.20
CA ASN A 112 18.62 -9.97 -18.14
C ASN A 112 17.42 -10.38 -17.30
N VAL A 113 16.26 -10.46 -17.94
CA VAL A 113 15.01 -10.74 -17.25
C VAL A 113 15.02 -12.13 -16.62
N ASP A 114 15.67 -13.09 -17.27
CA ASP A 114 15.71 -14.44 -16.74
C ASP A 114 16.38 -14.48 -15.36
N GLN A 115 17.39 -13.63 -15.18
CA GLN A 115 18.14 -13.57 -13.92
C GLN A 115 17.66 -12.43 -13.03
N ASP A 116 16.62 -11.73 -13.47
CA ASP A 116 16.09 -10.59 -12.71
C ASP A 116 17.22 -9.56 -12.49
N LEU A 117 18.03 -9.32 -13.52
CA LEU A 117 19.23 -8.49 -13.35
C LEU A 117 19.34 -7.47 -14.47
N VAL A 118 19.52 -6.20 -14.11
CA VAL A 118 19.84 -5.17 -15.10
C VAL A 118 21.07 -4.43 -14.65
N GLY A 119 21.72 -3.72 -15.56
CA GLY A 119 22.89 -2.92 -15.20
C GLY A 119 23.09 -1.72 -16.09
N TRP A 120 23.50 -0.61 -15.50
CA TRP A 120 23.94 0.58 -16.22
C TRP A 120 25.44 0.74 -16.01
N GLN A 121 26.13 1.26 -17.03
CA GLN A 121 27.55 1.55 -16.85
C GLN A 121 27.68 2.52 -15.68
N ALA A 122 28.52 2.18 -14.72
CA ALA A 122 28.64 3.01 -13.52
C ALA A 122 28.95 4.46 -13.88
N PRO A 123 28.19 5.40 -13.32
CA PRO A 123 28.55 6.79 -13.60
C PRO A 123 29.88 7.14 -12.95
N PRO A 124 30.56 8.17 -13.45
CA PRO A 124 31.83 8.63 -12.86
C PRO A 124 31.64 8.92 -11.37
N GLY A 125 32.58 8.48 -10.55
CA GLY A 125 32.49 8.70 -9.12
C GLY A 125 32.09 7.42 -8.39
N ALA A 126 31.31 6.58 -9.04
CA ALA A 126 30.93 5.33 -8.44
C ALA A 126 32.14 4.40 -8.38
N ARG A 127 32.28 3.68 -7.28
CA ARG A 127 33.31 2.67 -7.17
C ARG A 127 32.63 1.31 -7.15
N SER A 128 33.37 0.27 -7.55
CA SER A 128 32.81 -1.06 -7.61
C SER A 128 33.30 -1.93 -6.48
N LEU A 129 32.44 -2.81 -6.02
CA LEU A 129 32.84 -3.86 -5.10
C LEU A 129 33.60 -4.91 -5.90
N THR A 130 34.53 -5.61 -5.25
CA THR A 130 35.23 -6.68 -5.94
C THR A 130 34.56 -8.02 -5.66
N PRO A 131 34.40 -8.85 -6.70
CA PRO A 131 33.70 -10.14 -6.58
C PRO A 131 34.31 -11.02 -5.50
N CYS A 132 33.48 -11.67 -4.69
CA CYS A 132 34.03 -12.63 -3.75
C CYS A 132 34.32 -13.96 -4.41
N THR A 133 35.57 -14.38 -4.31
CA THR A 133 35.99 -15.67 -4.80
C THR A 133 36.74 -16.39 -3.68
N CYS A 134 36.00 -16.82 -2.66
CA CYS A 134 36.62 -17.45 -1.51
C CYS A 134 35.68 -18.45 -0.84
N GLY A 135 34.52 -18.66 -1.45
CA GLY A 135 33.57 -19.67 -1.00
C GLY A 135 33.21 -19.59 0.47
N SER A 136 33.38 -18.41 1.06
CA SER A 136 32.97 -18.19 2.43
C SER A 136 31.44 -18.26 2.54
N SER A 137 30.95 -19.00 3.52
CA SER A 137 29.51 -19.19 3.66
C SER A 137 28.91 -18.32 4.77
N ASP A 138 29.75 -17.50 5.42
CA ASP A 138 29.24 -16.47 6.30
C ASP A 138 29.05 -15.18 5.52
N LEU A 139 27.79 -14.78 5.36
CA LEU A 139 27.44 -13.67 4.49
C LEU A 139 26.76 -12.57 5.27
N TYR A 140 26.76 -11.38 4.70
CA TYR A 140 26.16 -10.22 5.34
C TYR A 140 25.38 -9.43 4.30
N LEU A 141 24.10 -9.22 4.57
CA LEU A 141 23.23 -8.53 3.64
C LEU A 141 23.03 -7.09 4.10
N VAL A 142 23.28 -6.15 3.21
CA VAL A 142 23.08 -4.75 3.55
C VAL A 142 21.70 -4.30 3.07
N THR A 143 20.87 -3.81 3.98
CA THR A 143 19.51 -3.39 3.64
C THR A 143 19.44 -1.90 3.39
N ARG A 144 18.31 -1.45 2.87
CA ARG A 144 18.15 -0.03 2.53
C ARG A 144 18.20 0.88 3.76
N HIS A 145 18.03 0.28 4.93
CA HIS A 145 18.04 1.03 6.18
C HIS A 145 19.46 1.01 6.75
N ALA A 146 20.34 0.38 6.00
CA ALA A 146 21.75 0.32 6.34
C ALA A 146 21.98 -0.64 7.50
N ASP A 147 21.05 -1.57 7.71
CA ASP A 147 21.33 -2.66 8.63
C ASP A 147 22.24 -3.67 7.94
N VAL A 148 23.02 -4.40 8.72
CA VAL A 148 23.80 -5.50 8.17
C VAL A 148 23.34 -6.76 8.88
N ILE A 149 22.76 -7.68 8.12
CA ILE A 149 22.18 -8.89 8.72
C ILE A 149 22.90 -10.16 8.28
N PRO A 150 23.28 -11.00 9.26
CA PRO A 150 24.05 -12.21 8.99
C PRO A 150 23.21 -13.26 8.27
N VAL A 151 23.83 -13.89 7.27
CA VAL A 151 23.15 -14.85 6.41
C VAL A 151 24.09 -16.03 6.19
N ARG A 152 23.57 -17.25 6.33
CA ARG A 152 24.39 -18.43 6.04
C ARG A 152 24.14 -18.91 4.61
N ARG A 153 25.19 -18.93 3.80
CA ARG A 153 25.05 -19.36 2.41
C ARG A 153 24.64 -20.81 2.35
N ARG A 154 23.60 -21.12 1.55
CA ARG A 154 23.13 -22.50 1.42
C ARG A 154 23.38 -23.09 0.03
N GLY A 155 23.33 -22.25 -0.99
CA GLY A 155 23.53 -22.70 -2.35
C GLY A 155 24.15 -21.62 -3.20
N ASP A 156 24.14 -21.80 -4.52
CA ASP A 156 24.76 -20.83 -5.40
C ASP A 156 24.06 -19.48 -5.29
N SER A 157 22.77 -19.53 -4.97
CA SER A 157 21.95 -18.31 -4.98
C SER A 157 21.04 -18.20 -3.78
N ARG A 158 21.28 -19.01 -2.75
CA ARG A 158 20.41 -19.00 -1.57
C ARG A 158 21.21 -18.89 -0.28
N GLY A 159 20.63 -18.25 0.73
CA GLY A 159 21.23 -18.24 2.04
C GLY A 159 20.15 -18.08 3.09
N SER A 160 20.30 -18.80 4.22
CA SER A 160 19.33 -18.67 5.31
C SER A 160 19.65 -17.53 6.27
N LEU A 161 18.60 -16.89 6.78
CA LEU A 161 18.74 -15.84 7.76
C LEU A 161 19.02 -16.47 9.12
N LEU A 162 19.86 -15.85 9.93
CA LEU A 162 20.16 -16.38 11.25
C LEU A 162 19.01 -16.12 12.22
N SER A 163 18.32 -15.01 12.02
CA SER A 163 17.07 -14.76 12.73
C SER A 163 16.00 -14.20 11.80
N PRO A 164 14.96 -15.00 11.53
CA PRO A 164 13.84 -14.67 10.65
C PRO A 164 13.19 -13.33 10.95
N ARG A 165 12.57 -12.74 9.93
CA ARG A 165 11.97 -11.42 10.05
C ARG A 165 10.76 -11.32 9.12
N PRO A 166 9.77 -10.52 9.50
CA PRO A 166 8.63 -10.25 8.60
C PRO A 166 9.17 -9.76 7.26
N VAL A 167 8.56 -10.14 6.16
CA VAL A 167 9.09 -9.74 4.85
C VAL A 167 9.11 -8.23 4.73
N SER A 168 8.16 -7.57 5.39
CA SER A 168 8.01 -6.13 5.29
C SER A 168 9.33 -5.46 5.62
N TYR A 169 10.15 -6.16 6.40
CA TYR A 169 11.41 -5.61 6.86
C TYR A 169 12.43 -5.53 5.73
N LEU A 170 12.37 -6.50 4.83
CA LEU A 170 13.30 -6.60 3.71
C LEU A 170 12.84 -5.82 2.49
N LYS A 171 11.57 -5.45 2.47
CA LYS A 171 11.03 -4.74 1.33
C LYS A 171 11.81 -3.46 1.07
N GLY A 172 12.27 -3.31 -0.16
CA GLY A 172 13.07 -2.16 -0.53
C GLY A 172 14.57 -2.40 -0.49
N SER A 173 14.99 -3.62 -0.21
CA SER A 173 16.41 -3.93 -0.17
C SER A 173 16.87 -4.75 -1.38
N SER A 174 15.94 -4.94 -2.32
CA SER A 174 16.28 -5.52 -3.61
C SER A 174 17.43 -4.71 -4.19
N GLY A 175 18.44 -5.39 -4.71
CA GLY A 175 19.54 -4.71 -5.37
C GLY A 175 20.73 -4.50 -4.45
N GLY A 176 20.51 -4.70 -3.15
CA GLY A 176 21.53 -4.56 -2.15
C GLY A 176 22.52 -5.72 -2.14
N PRO A 177 23.73 -5.47 -1.63
CA PRO A 177 24.77 -6.49 -1.77
C PRO A 177 24.69 -7.52 -0.66
N LEU A 178 25.04 -8.75 -0.99
CA LEU A 178 25.42 -9.73 0.01
C LEU A 178 26.93 -9.77 -0.02
N LEU A 179 27.53 -9.67 1.16
CA LEU A 179 28.98 -9.53 1.25
C LEU A 179 29.63 -10.68 2.01
N CYS A 180 30.86 -10.98 1.64
CA CYS A 180 31.70 -11.89 2.41
C CYS A 180 32.33 -11.11 3.56
N PRO A 181 32.87 -11.83 4.56
CA PRO A 181 33.52 -11.16 5.71
C PRO A 181 34.57 -10.15 5.28
N SER A 182 35.15 -10.34 4.10
CA SER A 182 36.16 -9.43 3.58
C SER A 182 35.59 -8.18 2.91
N GLY A 183 34.26 -8.10 2.81
CA GLY A 183 33.64 -6.97 2.15
C GLY A 183 33.55 -7.14 0.65
N HIS A 184 33.95 -8.31 0.16
CA HIS A 184 33.78 -8.69 -1.23
C HIS A 184 32.33 -9.07 -1.47
N ALA A 185 31.80 -8.77 -2.66
CA ALA A 185 30.39 -9.02 -2.97
C ALA A 185 30.14 -10.41 -3.57
N VAL A 186 29.16 -11.10 -2.99
CA VAL A 186 28.80 -12.44 -3.43
C VAL A 186 27.65 -12.38 -4.46
N GLY A 187 26.83 -11.34 -4.35
CA GLY A 187 25.69 -11.21 -5.25
C GLY A 187 24.80 -10.08 -4.79
N ILE A 188 23.67 -9.90 -5.48
CA ILE A 188 22.69 -8.92 -5.01
C ILE A 188 21.34 -9.54 -4.62
N PHE A 189 20.73 -8.96 -3.58
CA PHE A 189 19.47 -9.41 -3.05
C PHE A 189 18.34 -9.23 -4.08
N ARG A 190 17.58 -10.29 -4.32
CA ARG A 190 16.39 -10.19 -5.17
C ARG A 190 15.07 -10.65 -4.54
N ALA A 191 15.11 -11.60 -3.62
CA ALA A 191 13.86 -12.15 -3.11
C ALA A 191 13.97 -12.85 -1.76
N ALA A 192 12.86 -12.84 -1.03
CA ALA A 192 12.77 -13.50 0.28
C ALA A 192 12.04 -14.83 0.17
N VAL A 193 12.51 -15.83 0.92
CA VAL A 193 11.81 -17.09 1.03
C VAL A 193 11.09 -17.12 2.37
N CYS A 194 9.76 -17.13 2.31
CA CYS A 194 8.94 -16.94 3.50
C CYS A 194 8.11 -18.17 3.91
N THR A 195 7.71 -18.16 5.17
CA THR A 195 6.71 -19.07 5.71
C THR A 195 5.63 -18.18 6.33
N ARG A 196 4.49 -18.13 5.67
CA ARG A 196 3.40 -17.24 6.08
C ARG A 196 3.84 -15.83 6.46
N GLY A 197 4.54 -15.16 5.55
CA GLY A 197 4.88 -13.76 5.72
C GLY A 197 6.18 -13.52 6.48
N VAL A 198 6.76 -14.59 7.00
CA VAL A 198 7.99 -14.49 7.77
C VAL A 198 9.18 -14.98 6.95
N ALA A 199 10.07 -14.07 6.61
CA ALA A 199 11.27 -14.38 5.84
C ALA A 199 12.26 -15.24 6.62
N LYS A 200 12.69 -16.33 6.02
CA LYS A 200 13.61 -17.27 6.66
C LYS A 200 14.87 -17.49 5.83
N ALA A 201 14.83 -17.09 4.58
CA ALA A 201 15.96 -17.23 3.67
C ALA A 201 15.92 -16.13 2.61
N VAL A 202 17.03 -15.90 1.94
CA VAL A 202 17.07 -14.90 0.88
C VAL A 202 17.60 -15.49 -0.40
N ASP A 203 17.06 -15.01 -1.51
CA ASP A 203 17.51 -15.42 -2.83
C ASP A 203 18.26 -14.24 -3.47
N PHE A 204 19.40 -14.52 -4.08
CA PHE A 204 20.18 -13.43 -4.66
C PHE A 204 20.69 -13.78 -6.04
N VAL A 205 20.96 -12.75 -6.82
CA VAL A 205 21.63 -12.94 -8.10
C VAL A 205 23.11 -12.98 -7.82
N PRO A 206 23.77 -14.12 -8.11
CA PRO A 206 25.20 -14.27 -7.83
C PRO A 206 26.10 -13.44 -8.74
N VAL A 207 27.26 -13.04 -8.20
CA VAL A 207 28.16 -12.20 -8.97
C VAL A 207 28.53 -12.88 -10.29
N GLU A 208 28.65 -14.21 -10.30
CA GLU A 208 28.99 -14.91 -11.55
C GLU A 208 27.96 -14.70 -12.67
N SER A 209 26.71 -14.43 -12.30
CA SER A 209 25.69 -14.12 -13.31
C SER A 209 25.98 -12.78 -13.96
N MET A 210 26.45 -11.83 -13.14
CA MET A 210 26.86 -10.53 -13.66
C MET A 210 28.00 -10.77 -14.64
N GLU A 211 28.90 -11.68 -14.26
CA GLU A 211 30.06 -11.98 -15.08
C GLU A 211 29.63 -12.61 -16.41
N THR A 212 28.77 -13.61 -16.34
CA THR A 212 28.24 -14.23 -17.56
C THR A 212 27.61 -13.17 -18.48
N THR A 213 26.65 -12.43 -17.94
CA THR A 213 26.01 -11.33 -18.66
C THR A 213 27.00 -10.44 -19.42
N MET A 214 28.05 -9.99 -18.74
CA MET A 214 29.02 -9.07 -19.34
C MET A 214 29.76 -9.65 -20.56
N ARG A 215 29.89 -10.97 -20.62
CA ARG A 215 30.54 -11.60 -21.78
C ARG A 215 29.51 -12.27 -22.71
N SER A 216 28.37 -11.63 -22.85
CA SER A 216 27.33 -12.10 -23.76
C SER A 216 26.86 -10.92 -24.61
N PRO A 217 26.35 -11.20 -25.82
CA PRO A 217 25.90 -10.13 -26.70
C PRO A 217 24.88 -9.22 -26.03
N VAL A 218 25.08 -7.91 -26.19
CA VAL A 218 24.11 -6.92 -25.72
C VAL A 218 22.95 -6.87 -26.72
N PHE A 219 23.26 -7.09 -27.99
CA PHE A 219 22.24 -7.09 -29.04
C PHE A 219 21.88 -8.51 -29.48
N THR A 220 20.60 -8.83 -29.44
CA THR A 220 20.13 -10.13 -29.89
C THR A 220 18.95 -9.91 -30.83
N ASP A 221 19.28 -9.69 -32.10
CA ASP A 221 18.29 -9.44 -33.15
C ASP A 221 17.78 -10.78 -33.66
N ASN A 222 16.66 -11.22 -33.09
CA ASN A 222 16.05 -12.47 -33.50
C ASN A 222 15.03 -12.20 -34.60
N SER A 223 15.35 -11.32 -35.54
CA SER A 223 14.33 -10.85 -36.48
C SER A 223 14.14 -11.77 -37.69
N SER A 224 15.04 -12.72 -37.87
CA SER A 224 14.92 -13.68 -38.96
C SER A 224 14.35 -15.00 -38.46
N PRO A 225 13.55 -15.67 -39.30
CA PRO A 225 13.06 -16.99 -38.91
C PRO A 225 14.22 -17.95 -38.63
N PRO A 226 14.14 -18.67 -37.52
CA PRO A 226 15.21 -19.60 -37.18
C PRO A 226 15.38 -20.61 -38.32
N ALA A 227 16.62 -21.04 -38.52
CA ALA A 227 16.90 -22.13 -39.43
C ALA A 227 16.36 -23.39 -38.75
N VAL A 228 15.98 -24.38 -39.56
CA VAL A 228 15.55 -25.66 -39.02
C VAL A 228 16.78 -26.50 -38.75
N PRO A 229 17.06 -26.75 -37.46
CA PRO A 229 18.27 -27.45 -37.03
C PRO A 229 18.25 -28.96 -37.29
N GLN A 230 19.42 -29.58 -37.18
CA GLN A 230 19.55 -31.01 -37.34
C GLN A 230 18.82 -31.74 -36.21
N SER A 231 19.09 -31.33 -34.97
CA SER A 231 18.39 -31.90 -33.83
C SER A 231 17.55 -30.84 -33.15
N PHE A 232 16.64 -31.30 -32.29
CA PHE A 232 15.66 -30.43 -31.64
C PHE A 232 16.25 -29.17 -31.02
N GLN A 233 15.66 -28.02 -31.33
CA GLN A 233 16.08 -26.77 -30.71
C GLN A 233 14.87 -25.86 -30.50
N VAL A 234 14.92 -25.04 -29.45
CA VAL A 234 13.92 -24.04 -29.20
C VAL A 234 14.58 -22.72 -29.60
N ALA A 235 13.87 -21.90 -30.37
CA ALA A 235 14.45 -20.64 -30.83
C ALA A 235 13.44 -19.52 -30.73
N HIS A 236 13.92 -18.28 -30.84
CA HIS A 236 13.07 -17.11 -30.65
C HIS A 236 12.97 -16.29 -31.92
N LEU A 237 11.77 -15.79 -32.19
CA LEU A 237 11.55 -14.93 -33.33
C LEU A 237 10.94 -13.64 -32.87
N HIS A 238 11.69 -12.54 -33.00
CA HIS A 238 11.26 -11.24 -32.51
C HIS A 238 11.27 -10.24 -33.66
N ALA A 239 10.11 -9.75 -34.05
CA ALA A 239 10.03 -8.73 -35.10
C ALA A 239 8.73 -7.95 -34.90
N PRO A 240 8.70 -6.71 -35.41
CA PRO A 240 7.61 -5.78 -35.11
C PRO A 240 6.24 -6.28 -35.54
N THR A 241 5.19 -5.74 -34.94
CA THR A 241 3.83 -6.08 -35.30
C THR A 241 3.62 -5.87 -36.78
N GLY A 242 2.89 -6.78 -37.41
CA GLY A 242 2.55 -6.67 -38.83
C GLY A 242 3.66 -7.06 -39.79
N SER A 243 4.79 -7.56 -39.28
CA SER A 243 5.94 -7.85 -40.14
C SER A 243 5.83 -9.18 -40.92
N GLY A 244 5.05 -10.13 -40.41
CA GLY A 244 4.80 -11.36 -41.15
C GLY A 244 4.98 -12.62 -40.34
N LYS A 245 5.22 -12.46 -39.04
CA LYS A 245 5.51 -13.60 -38.18
C LYS A 245 4.46 -14.71 -38.22
N SER A 246 3.18 -14.34 -38.30
CA SER A 246 2.11 -15.36 -38.21
C SER A 246 1.69 -15.89 -39.57
N THR A 247 2.18 -15.24 -40.64
CA THR A 247 1.69 -15.52 -41.99
C THR A 247 2.84 -15.90 -42.95
N LYS A 248 3.70 -14.93 -43.26
CA LYS A 248 4.83 -15.19 -44.15
C LYS A 248 5.73 -16.31 -43.61
N VAL A 249 6.01 -16.28 -42.32
CA VAL A 249 6.99 -17.22 -41.75
C VAL A 249 6.53 -18.68 -41.86
N PRO A 250 5.31 -18.97 -41.39
CA PRO A 250 4.92 -20.37 -41.59
C PRO A 250 4.79 -20.75 -43.07
N ALA A 251 4.36 -19.83 -43.94
CA ALA A 251 4.22 -20.16 -45.37
C ALA A 251 5.57 -20.51 -45.98
N ALA A 252 6.61 -19.79 -45.56
CA ALA A 252 7.95 -20.00 -46.08
C ALA A 252 8.53 -21.34 -45.58
N TYR A 253 8.29 -21.67 -44.32
CA TYR A 253 8.66 -22.98 -43.81
C TYR A 253 7.98 -24.09 -44.61
N ALA A 254 6.69 -23.93 -44.88
CA ALA A 254 5.95 -24.99 -45.59
C ALA A 254 6.44 -25.11 -47.03
N ALA A 255 6.75 -23.99 -47.65
CA ALA A 255 7.22 -23.98 -49.03
C ALA A 255 8.58 -24.68 -49.12
N GLN A 256 9.29 -24.77 -48.01
CA GLN A 256 10.54 -25.51 -47.96
C GLN A 256 10.33 -26.98 -47.62
N GLY A 257 9.08 -27.40 -47.50
CA GLY A 257 8.78 -28.82 -47.29
C GLY A 257 8.54 -29.27 -45.87
N TYR A 258 8.39 -28.32 -44.94
CA TYR A 258 8.17 -28.66 -43.54
C TYR A 258 6.70 -28.65 -43.16
N LYS A 259 6.33 -29.50 -42.21
CA LYS A 259 4.98 -29.46 -41.63
C LYS A 259 5.00 -28.58 -40.38
N VAL A 260 4.12 -27.57 -40.37
CA VAL A 260 4.16 -26.51 -39.37
C VAL A 260 2.82 -26.37 -38.65
N LEU A 261 2.89 -26.31 -37.33
CA LEU A 261 1.72 -26.02 -36.51
C LEU A 261 1.93 -24.65 -35.90
N VAL A 262 0.97 -23.75 -36.10
CA VAL A 262 1.05 -22.42 -35.50
C VAL A 262 -0.02 -22.30 -34.40
N LEU A 263 0.42 -22.05 -33.18
CA LEU A 263 -0.49 -21.90 -32.04
C LEU A 263 -0.60 -20.43 -31.68
N ASN A 264 -1.82 -19.91 -31.68
CA ASN A 264 -2.09 -18.51 -31.39
C ASN A 264 -3.11 -18.42 -30.25
N PRO A 265 -3.00 -17.41 -29.36
CA PRO A 265 -3.99 -17.29 -28.29
C PRO A 265 -5.35 -16.79 -28.80
N SER A 266 -5.38 -16.21 -29.99
CA SER A 266 -6.58 -15.52 -30.47
C SER A 266 -7.46 -16.32 -31.43
N VAL A 267 -8.71 -16.55 -31.03
CA VAL A 267 -9.72 -17.13 -31.93
C VAL A 267 -9.91 -16.25 -33.17
N ALA A 268 -10.12 -14.96 -32.93
CA ALA A 268 -10.38 -14.02 -34.02
C ALA A 268 -9.23 -14.03 -35.05
N ALA A 269 -8.01 -14.02 -34.56
CA ALA A 269 -6.84 -14.08 -35.43
C ALA A 269 -6.73 -15.42 -36.15
N THR A 270 -6.94 -16.52 -35.44
CA THR A 270 -6.86 -17.85 -36.04
C THR A 270 -7.86 -17.96 -37.20
N LEU A 271 -9.11 -17.56 -36.95
CA LEU A 271 -10.11 -17.53 -38.02
C LEU A 271 -9.66 -16.64 -39.18
N GLY A 272 -9.03 -15.51 -38.85
CA GLY A 272 -8.51 -14.61 -39.86
C GLY A 272 -7.47 -15.26 -40.76
N PHE A 273 -6.57 -16.05 -40.17
CA PHE A 273 -5.54 -16.72 -40.98
C PHE A 273 -6.20 -17.67 -41.98
N GLY A 274 -7.27 -18.36 -41.54
CA GLY A 274 -8.00 -19.28 -42.37
C GLY A 274 -8.54 -18.63 -43.63
N ALA A 275 -9.03 -17.41 -43.50
CA ALA A 275 -9.60 -16.71 -44.64
C ALA A 275 -8.52 -16.04 -45.48
N TYR A 276 -7.35 -15.80 -44.87
CA TYR A 276 -6.35 -14.93 -45.47
C TYR A 276 -5.26 -15.65 -46.27
N MET A 277 -4.86 -16.82 -45.76
CA MET A 277 -3.63 -17.50 -46.20
C MET A 277 -3.71 -18.08 -47.62
N SER A 278 -4.90 -18.51 -48.04
CA SER A 278 -5.06 -19.03 -49.40
C SER A 278 -4.62 -18.01 -50.46
N LYS A 279 -5.18 -16.80 -50.38
CA LYS A 279 -4.91 -15.77 -51.38
C LYS A 279 -3.57 -15.03 -51.13
N ALA A 280 -3.16 -14.94 -49.86
CA ALA A 280 -1.93 -14.24 -49.50
C ALA A 280 -0.66 -15.06 -49.77
N HIS A 281 -0.75 -16.38 -49.59
CA HIS A 281 0.43 -17.24 -49.70
C HIS A 281 0.16 -18.56 -50.41
N GLY A 282 -1.01 -18.68 -51.02
CA GLY A 282 -1.33 -19.84 -51.82
C GLY A 282 -1.35 -21.11 -51.01
N ILE A 283 -1.75 -20.98 -49.75
CA ILE A 283 -1.88 -22.14 -48.89
C ILE A 283 -3.19 -22.04 -48.09
N ASP A 284 -3.96 -23.12 -48.10
CA ASP A 284 -5.25 -23.15 -47.44
C ASP A 284 -5.12 -24.04 -46.22
N PRO A 285 -4.81 -23.45 -45.06
CA PRO A 285 -4.32 -24.19 -43.90
C PRO A 285 -5.41 -24.97 -43.17
N ASN A 286 -5.05 -26.00 -42.43
CA ASN A 286 -5.97 -26.57 -41.47
C ASN A 286 -6.24 -25.52 -40.39
N ILE A 287 -7.44 -25.55 -39.83
CA ILE A 287 -7.81 -24.58 -38.79
C ILE A 287 -8.42 -25.34 -37.62
N ARG A 288 -7.98 -25.04 -36.40
CA ARG A 288 -8.52 -25.73 -35.23
C ARG A 288 -8.89 -24.76 -34.12
N THR A 289 -10.19 -24.52 -33.97
CA THR A 289 -10.70 -23.70 -32.87
C THR A 289 -12.02 -24.31 -32.41
N GLY A 290 -12.60 -23.76 -31.35
CA GLY A 290 -13.91 -24.19 -30.86
C GLY A 290 -15.01 -24.12 -31.91
N VAL A 291 -15.17 -22.96 -32.53
CA VAL A 291 -16.23 -22.74 -33.51
C VAL A 291 -15.91 -23.19 -34.93
N ARG A 292 -14.66 -23.59 -35.19
CA ARG A 292 -14.27 -23.94 -36.55
C ARG A 292 -13.05 -24.85 -36.63
N THR A 293 -13.29 -26.07 -37.07
CA THR A 293 -12.24 -27.05 -37.26
C THR A 293 -12.30 -27.55 -38.70
N ILE A 294 -11.26 -27.22 -39.48
CA ILE A 294 -11.20 -27.66 -40.86
C ILE A 294 -9.95 -28.47 -41.10
N THR A 295 -10.09 -29.63 -41.73
CA THR A 295 -8.95 -30.35 -42.26
C THR A 295 -8.91 -30.21 -43.77
N THR A 296 -7.86 -29.55 -44.28
CA THR A 296 -7.61 -29.43 -45.71
C THR A 296 -6.49 -30.38 -46.10
N GLY A 297 -5.72 -30.83 -45.11
CA GLY A 297 -4.56 -31.67 -45.37
C GLY A 297 -3.33 -30.86 -45.76
N ALA A 298 -3.43 -29.54 -45.67
CA ALA A 298 -2.28 -28.68 -45.95
C ALA A 298 -1.15 -28.93 -44.95
N PRO A 299 0.08 -28.52 -45.31
CA PRO A 299 1.19 -28.72 -44.38
C PRO A 299 1.30 -27.59 -43.36
N VAL A 300 0.30 -26.73 -43.32
CA VAL A 300 0.23 -25.71 -42.28
C VAL A 300 -1.10 -25.86 -41.52
N THR A 301 -1.01 -25.77 -40.19
CA THR A 301 -2.18 -25.79 -39.31
C THR A 301 -2.10 -24.62 -38.33
N TYR A 302 -3.17 -23.82 -38.26
CA TYR A 302 -3.34 -22.85 -37.19
C TYR A 302 -4.33 -23.39 -36.16
N SER A 303 -3.94 -23.33 -34.87
CA SER A 303 -4.82 -23.73 -33.78
C SER A 303 -4.65 -22.73 -32.64
N THR A 304 -5.67 -22.58 -31.79
CA THR A 304 -5.50 -21.84 -30.57
C THR A 304 -4.75 -22.73 -29.60
N TYR A 305 -4.18 -22.15 -28.56
CA TYR A 305 -3.56 -22.93 -27.50
C TYR A 305 -4.61 -23.79 -26.83
N GLY A 306 -5.80 -23.22 -26.65
CA GLY A 306 -6.87 -23.91 -25.96
C GLY A 306 -7.28 -25.18 -26.69
N LYS A 307 -7.54 -25.08 -27.99
CA LYS A 307 -7.94 -26.24 -28.78
C LYS A 307 -6.81 -27.27 -28.82
N PHE A 308 -5.58 -26.76 -28.90
CA PHE A 308 -4.41 -27.62 -28.86
C PHE A 308 -4.42 -28.44 -27.57
N LEU A 309 -4.67 -27.77 -26.44
CA LEU A 309 -4.75 -28.46 -25.16
C LEU A 309 -5.90 -29.47 -25.14
N ALA A 310 -7.06 -29.06 -25.68
CA ALA A 310 -8.23 -29.92 -25.72
C ALA A 310 -7.98 -31.20 -26.52
N ASP A 311 -7.23 -31.08 -27.62
CA ASP A 311 -6.93 -32.23 -28.47
C ASP A 311 -5.82 -33.11 -27.89
N GLY A 312 -5.29 -32.76 -26.73
CA GLY A 312 -4.31 -33.59 -26.04
C GLY A 312 -2.85 -33.25 -26.28
N GLY A 313 -2.59 -32.07 -26.85
CA GLY A 313 -1.21 -31.63 -27.07
C GLY A 313 -0.54 -32.17 -28.32
N CYS A 314 0.75 -32.50 -28.22
CA CYS A 314 1.51 -32.94 -29.39
C CYS A 314 1.20 -34.36 -29.87
N SER A 315 0.89 -34.50 -31.15
CA SER A 315 0.71 -35.83 -31.72
C SER A 315 2.03 -36.35 -32.32
N GLY A 316 2.38 -37.59 -31.99
CA GLY A 316 3.61 -38.19 -32.49
C GLY A 316 3.81 -38.05 -34.00
N GLY A 317 4.93 -37.43 -34.38
CA GLY A 317 5.32 -37.32 -35.78
C GLY A 317 4.48 -36.43 -36.67
N ALA A 318 3.59 -35.63 -36.10
CA ALA A 318 2.71 -34.79 -36.93
C ALA A 318 3.36 -33.54 -37.53
N TYR A 319 4.33 -32.94 -36.85
CA TYR A 319 4.86 -31.64 -37.26
C TYR A 319 6.36 -31.55 -37.17
N ASP A 320 6.97 -30.85 -38.14
CA ASP A 320 8.41 -30.59 -38.06
C ASP A 320 8.68 -29.36 -37.20
N ILE A 321 7.80 -28.37 -37.30
CA ILE A 321 8.00 -27.10 -36.63
C ILE A 321 6.75 -26.72 -35.86
N ILE A 322 6.91 -26.41 -34.58
CA ILE A 322 5.78 -25.88 -33.84
C ILE A 322 6.06 -24.43 -33.51
N ILE A 323 5.23 -23.53 -34.01
CA ILE A 323 5.37 -22.13 -33.64
C ILE A 323 4.44 -21.76 -32.48
N CYS A 324 5.03 -21.45 -31.34
CA CYS A 324 4.30 -20.87 -30.23
C CYS A 324 4.19 -19.38 -30.49
N ASP A 325 3.13 -19.02 -31.20
CA ASP A 325 2.94 -17.65 -31.68
C ASP A 325 2.40 -16.75 -30.55
N GLU A 326 2.66 -15.44 -30.68
CA GLU A 326 2.27 -14.45 -29.67
C GLU A 326 2.66 -14.92 -28.26
N CYS A 327 3.91 -15.36 -28.11
CA CYS A 327 4.35 -15.96 -26.86
C CYS A 327 4.58 -14.92 -25.75
N HIS A 328 4.23 -13.66 -26.02
CA HIS A 328 4.13 -12.63 -24.98
C HIS A 328 2.85 -12.78 -24.14
N SER A 329 1.87 -13.51 -24.66
CA SER A 329 0.62 -13.72 -23.92
C SER A 329 0.86 -14.50 -22.65
N THR A 330 0.36 -13.98 -21.54
CA THR A 330 0.53 -14.68 -20.27
C THR A 330 -0.81 -15.06 -19.66
N ASP A 331 -1.84 -15.21 -20.49
CA ASP A 331 -3.06 -15.83 -19.97
C ASP A 331 -2.75 -17.30 -19.69
N SER A 332 -3.48 -17.90 -18.75
CA SER A 332 -3.17 -19.26 -18.33
C SER A 332 -3.19 -20.29 -19.47
N THR A 333 -4.12 -20.14 -20.40
CA THR A 333 -4.21 -21.07 -21.53
C THR A 333 -2.90 -21.07 -22.36
N THR A 334 -2.36 -19.88 -22.62
CA THR A 334 -1.09 -19.78 -23.32
C THR A 334 0.06 -20.42 -22.54
N ILE A 335 0.19 -20.06 -21.26
CA ILE A 335 1.26 -20.62 -20.43
C ILE A 335 1.24 -22.16 -20.45
N LEU A 336 0.07 -22.74 -20.19
CA LEU A 336 -0.06 -24.19 -20.13
C LEU A 336 0.18 -24.79 -21.52
N GLY A 337 -0.27 -24.08 -22.54
CA GLY A 337 -0.11 -24.54 -23.92
C GLY A 337 1.35 -24.57 -24.34
N ILE A 338 2.08 -23.49 -24.06
CA ILE A 338 3.50 -23.45 -24.38
C ILE A 338 4.31 -24.47 -23.53
N GLY A 339 3.95 -24.61 -22.27
CA GLY A 339 4.65 -25.56 -21.43
C GLY A 339 4.46 -26.97 -21.99
N THR A 340 3.26 -27.23 -22.49
CA THR A 340 2.95 -28.53 -23.10
C THR A 340 3.82 -28.74 -24.34
N VAL A 341 3.91 -27.72 -25.19
CA VAL A 341 4.76 -27.84 -26.37
C VAL A 341 6.20 -28.13 -25.93
N LEU A 342 6.70 -27.37 -24.99
CA LEU A 342 8.10 -27.50 -24.60
C LEU A 342 8.39 -28.85 -23.93
N ASP A 343 7.39 -29.40 -23.24
CA ASP A 343 7.56 -30.72 -22.62
C ASP A 343 7.45 -31.87 -23.64
N GLN A 344 6.62 -31.70 -24.66
CA GLN A 344 6.26 -32.81 -25.57
C GLN A 344 6.85 -32.79 -27.00
N ALA A 345 7.20 -31.61 -27.47
CA ALA A 345 7.59 -31.44 -28.87
C ALA A 345 8.70 -32.39 -29.33
N GLU A 346 9.76 -32.49 -28.54
CA GLU A 346 10.94 -33.27 -28.98
C GLU A 346 10.61 -34.76 -29.11
N THR A 347 9.91 -35.29 -28.12
CA THR A 347 9.42 -36.66 -28.14
C THR A 347 8.47 -36.90 -29.31
N ALA A 348 7.66 -35.90 -29.64
CA ALA A 348 6.69 -36.00 -30.72
C ALA A 348 7.32 -35.83 -32.10
N GLY A 349 8.63 -35.69 -32.13
CA GLY A 349 9.37 -35.69 -33.39
C GLY A 349 9.59 -34.35 -34.04
N ALA A 350 9.19 -33.26 -33.37
CA ALA A 350 9.44 -31.91 -33.89
C ALA A 350 10.95 -31.61 -33.95
N ARG A 351 11.38 -30.90 -34.99
CA ARG A 351 12.78 -30.47 -35.05
C ARG A 351 13.00 -29.08 -34.46
N LEU A 352 11.95 -28.27 -34.44
CA LEU A 352 12.10 -26.87 -34.05
C LEU A 352 10.85 -26.37 -33.35
N VAL A 353 11.03 -25.74 -32.20
CA VAL A 353 9.97 -24.94 -31.59
C VAL A 353 10.35 -23.46 -31.72
N VAL A 354 9.46 -22.64 -32.24
CA VAL A 354 9.74 -21.20 -32.38
C VAL A 354 8.85 -20.40 -31.43
N LEU A 355 9.50 -19.58 -30.61
CA LEU A 355 8.76 -18.74 -29.67
C LEU A 355 8.69 -17.33 -30.25
N ALA A 356 7.57 -17.00 -30.88
CA ALA A 356 7.50 -15.80 -31.69
C ALA A 356 6.72 -14.68 -31.02
N THR A 357 7.25 -13.46 -31.08
CA THR A 357 6.55 -12.30 -30.55
C THR A 357 7.19 -11.00 -30.96
N ALA A 358 6.36 -9.95 -31.05
CA ALA A 358 6.83 -8.59 -31.30
C ALA A 358 7.34 -7.94 -30.02
N THR A 359 6.94 -8.48 -28.87
CA THR A 359 7.23 -7.84 -27.60
C THR A 359 7.73 -8.82 -26.55
N PRO A 360 9.02 -9.20 -26.63
CA PRO A 360 9.61 -10.16 -25.69
C PRO A 360 9.87 -9.51 -24.33
N PRO A 361 10.16 -10.34 -23.32
CA PRO A 361 10.39 -9.84 -21.95
C PRO A 361 11.50 -8.81 -21.96
N GLY A 362 11.24 -7.64 -21.38
CA GLY A 362 12.26 -6.61 -21.30
C GLY A 362 12.14 -5.57 -22.40
N SER A 363 11.36 -5.87 -23.44
CA SER A 363 11.18 -4.90 -24.52
C SER A 363 10.44 -3.70 -24.01
N VAL A 364 10.71 -2.55 -24.61
CA VAL A 364 9.92 -1.35 -24.44
C VAL A 364 9.35 -0.95 -25.79
N THR A 365 8.29 -0.17 -25.76
CA THR A 365 7.66 0.30 -26.99
C THR A 365 8.59 1.28 -27.67
N VAL A 366 8.89 1.01 -28.94
CA VAL A 366 9.70 1.92 -29.73
C VAL A 366 8.91 2.32 -30.96
N PRO A 367 9.33 3.43 -31.62
CA PRO A 367 8.59 3.87 -32.82
C PRO A 367 8.35 2.76 -33.84
N HIS A 368 7.12 2.70 -34.35
CA HIS A 368 6.78 1.81 -35.45
C HIS A 368 6.73 2.63 -36.75
N PRO A 369 7.44 2.17 -37.78
CA PRO A 369 7.56 2.91 -39.04
C PRO A 369 6.21 3.30 -39.67
N ASN A 370 5.20 2.46 -39.50
CA ASN A 370 3.86 2.69 -40.04
C ASN A 370 2.94 3.48 -39.14
N ILE A 371 3.36 3.77 -37.92
CA ILE A 371 2.41 4.28 -36.94
C ILE A 371 2.72 5.67 -36.36
N GLU A 372 1.84 6.61 -36.63
CA GLU A 372 1.92 7.96 -36.08
C GLU A 372 1.16 8.00 -34.76
N GLU A 373 1.82 8.50 -33.71
CA GLU A 373 1.20 8.51 -32.40
C GLU A 373 0.84 9.92 -31.98
N VAL A 374 -0.37 10.08 -31.47
CA VAL A 374 -0.90 11.39 -31.16
C VAL A 374 -1.69 11.29 -29.87
N ALA A 375 -1.20 11.95 -28.84
CA ALA A 375 -1.89 11.95 -27.54
C ALA A 375 -3.29 12.55 -27.69
N LEU A 376 -4.26 11.99 -26.99
CA LEU A 376 -5.54 12.69 -26.83
C LEU A 376 -5.32 13.90 -25.94
N SER A 377 -6.20 14.89 -26.08
CA SER A 377 -6.16 16.04 -25.19
C SER A 377 -7.50 16.06 -24.47
N ASN A 378 -7.77 17.13 -23.76
CA ASN A 378 -9.06 17.26 -23.09
C ASN A 378 -10.14 17.83 -24.00
N THR A 379 -9.76 18.11 -25.24
CA THR A 379 -10.73 18.63 -26.20
C THR A 379 -11.31 17.51 -27.06
N GLY A 380 -12.63 17.43 -27.07
CA GLY A 380 -13.31 16.49 -27.93
C GLY A 380 -14.68 16.22 -27.39
N GLU A 381 -15.56 15.69 -28.22
CA GLU A 381 -16.95 15.51 -27.83
C GLU A 381 -17.18 14.29 -26.92
N ILE A 382 -16.27 13.33 -26.97
CA ILE A 382 -16.55 12.05 -26.32
C ILE A 382 -15.55 11.83 -25.19
N PRO A 383 -16.04 11.87 -23.93
CA PRO A 383 -15.19 11.61 -22.77
C PRO A 383 -14.58 10.20 -22.85
N PHE A 384 -13.27 10.12 -22.62
CA PHE A 384 -12.58 8.82 -22.72
C PHE A 384 -11.46 8.79 -21.70
N TYR A 385 -11.69 8.07 -20.61
CA TYR A 385 -10.68 7.85 -19.58
C TYR A 385 -9.95 9.11 -19.14
N GLY A 386 -10.69 10.15 -18.79
CA GLY A 386 -10.08 11.38 -18.30
C GLY A 386 -9.66 12.31 -19.41
N LYS A 387 -9.72 11.82 -20.65
CA LYS A 387 -9.43 12.68 -21.79
C LYS A 387 -10.64 12.70 -22.71
N ALA A 388 -10.46 13.11 -23.96
CA ALA A 388 -11.59 13.14 -24.89
C ALA A 388 -11.22 12.69 -26.30
N ILE A 389 -12.20 12.11 -26.99
CA ILE A 389 -12.05 11.77 -28.39
C ILE A 389 -12.83 12.78 -29.24
N PRO A 390 -12.14 13.46 -30.16
CA PRO A 390 -12.85 14.29 -31.14
C PRO A 390 -13.62 13.41 -32.14
N ILE A 391 -14.91 13.67 -32.26
CA ILE A 391 -15.76 12.89 -33.15
C ILE A 391 -15.18 12.78 -34.56
N GLU A 392 -14.44 13.81 -34.99
CA GLU A 392 -13.89 13.80 -36.35
C GLU A 392 -12.76 12.78 -36.54
N ALA A 393 -12.25 12.25 -35.43
CA ALA A 393 -11.16 11.28 -35.50
C ALA A 393 -11.67 9.88 -35.85
N ILE A 394 -12.95 9.62 -35.62
CA ILE A 394 -13.52 8.29 -35.85
C ILE A 394 -14.78 8.33 -36.70
N ARG A 395 -15.14 9.53 -37.18
CA ARG A 395 -16.34 9.73 -37.98
C ARG A 395 -16.38 8.80 -39.19
N GLY A 396 -15.41 8.93 -40.10
CA GLY A 396 -15.31 7.99 -41.20
C GLY A 396 -14.24 6.94 -40.92
N GLY A 397 -14.12 5.96 -41.80
CA GLY A 397 -13.03 5.00 -41.70
C GLY A 397 -13.25 3.86 -40.70
N ARG A 398 -12.19 3.08 -40.50
CA ARG A 398 -12.22 1.94 -39.59
C ARG A 398 -11.29 2.18 -38.39
N HIS A 399 -11.82 1.96 -37.19
CA HIS A 399 -11.08 2.26 -35.97
C HIS A 399 -11.34 1.24 -34.86
N LEU A 400 -10.29 0.97 -34.09
CA LEU A 400 -10.38 0.09 -32.93
C LEU A 400 -10.08 0.87 -31.64
N ILE A 401 -11.00 0.81 -30.69
CA ILE A 401 -10.83 1.50 -29.42
C ILE A 401 -10.76 0.47 -28.31
N PHE A 402 -9.70 0.51 -27.51
CA PHE A 402 -9.53 -0.42 -26.41
C PHE A 402 -10.06 0.16 -25.11
N CYS A 403 -11.00 -0.55 -24.48
CA CYS A 403 -11.47 -0.24 -23.14
C CYS A 403 -11.06 -1.37 -22.21
N HIS A 404 -10.93 -1.08 -20.91
CA HIS A 404 -10.40 -2.06 -19.96
C HIS A 404 -11.45 -3.11 -19.55
N SER A 405 -12.72 -2.79 -19.68
CA SER A 405 -13.79 -3.69 -19.26
C SER A 405 -14.88 -3.80 -20.31
N LYS A 406 -15.65 -4.89 -20.25
CA LYS A 406 -16.75 -5.11 -21.19
C LYS A 406 -17.84 -4.06 -21.01
N LYS A 407 -18.06 -3.68 -19.75
CA LYS A 407 -19.08 -2.67 -19.42
C LYS A 407 -18.76 -1.36 -20.15
N LYS A 408 -17.51 -0.91 -20.05
CA LYS A 408 -17.11 0.31 -20.76
C LYS A 408 -17.28 0.15 -22.27
N CYS A 409 -16.93 -1.02 -22.78
CA CYS A 409 -17.14 -1.31 -24.20
C CYS A 409 -18.60 -1.13 -24.60
N ASP A 410 -19.51 -1.71 -23.81
CA ASP A 410 -20.93 -1.57 -24.11
C ASP A 410 -21.33 -0.10 -24.08
N GLU A 411 -20.96 0.59 -23.00
CA GLU A 411 -21.30 1.99 -22.83
C GLU A 411 -20.79 2.88 -23.94
N LEU A 412 -19.50 2.77 -24.27
CA LEU A 412 -18.94 3.57 -25.36
C LEU A 412 -19.63 3.24 -26.69
N ALA A 413 -19.82 1.95 -26.96
CA ALA A 413 -20.47 1.55 -28.21
C ALA A 413 -21.86 2.19 -28.31
N ALA A 414 -22.62 2.15 -27.22
CA ALA A 414 -23.94 2.75 -27.24
C ALA A 414 -23.82 4.25 -27.51
N LYS A 415 -22.90 4.92 -26.83
CA LYS A 415 -22.78 6.37 -27.01
C LYS A 415 -22.50 6.72 -28.47
N LEU A 416 -21.50 6.06 -29.05
CA LEU A 416 -21.12 6.32 -30.43
C LEU A 416 -22.28 6.04 -31.39
N SER A 417 -22.98 4.92 -31.17
CA SER A 417 -24.14 4.58 -31.99
C SER A 417 -25.15 5.71 -31.94
N GLY A 418 -25.39 6.24 -30.74
CA GLY A 418 -26.27 7.38 -30.54
C GLY A 418 -25.81 8.67 -31.24
N LEU A 419 -24.55 8.69 -31.63
CA LEU A 419 -24.00 9.83 -32.34
C LEU A 419 -23.96 9.55 -33.84
N GLY A 420 -24.55 8.43 -34.26
CA GLY A 420 -24.63 8.08 -35.66
C GLY A 420 -23.41 7.35 -36.20
N ILE A 421 -22.47 7.06 -35.31
CA ILE A 421 -21.28 6.28 -35.66
C ILE A 421 -21.63 4.80 -35.67
N ASN A 422 -21.20 4.08 -36.71
CA ASN A 422 -21.38 2.64 -36.74
C ASN A 422 -20.41 1.94 -35.78
N ALA A 423 -20.87 1.70 -34.56
CA ALA A 423 -20.03 1.18 -33.51
C ALA A 423 -20.48 -0.24 -33.15
N VAL A 424 -19.51 -1.06 -32.74
CA VAL A 424 -19.78 -2.43 -32.37
C VAL A 424 -18.87 -2.79 -31.21
N ALA A 425 -19.41 -3.42 -30.17
CA ALA A 425 -18.59 -3.85 -29.05
C ALA A 425 -18.08 -5.24 -29.35
N TYR A 426 -16.89 -5.55 -28.90
CA TYR A 426 -16.41 -6.94 -28.98
C TYR A 426 -15.55 -7.31 -27.79
N TYR A 427 -15.82 -8.48 -27.22
CA TYR A 427 -15.06 -8.98 -26.08
C TYR A 427 -15.34 -10.47 -25.89
N ARG A 428 -14.73 -11.01 -24.84
CA ARG A 428 -14.83 -12.44 -24.51
C ARG A 428 -16.30 -12.84 -24.40
N GLY A 429 -16.69 -13.88 -25.14
CA GLY A 429 -18.04 -14.40 -25.04
C GLY A 429 -18.96 -13.93 -26.15
N LEU A 430 -18.46 -13.03 -26.99
CA LEU A 430 -19.21 -12.63 -28.18
C LEU A 430 -18.62 -13.37 -29.37
N ASP A 431 -19.36 -13.43 -30.46
CA ASP A 431 -18.81 -14.12 -31.63
C ASP A 431 -18.09 -13.15 -32.56
N VAL A 432 -16.94 -13.60 -33.05
CA VAL A 432 -16.09 -12.84 -33.95
C VAL A 432 -16.88 -12.22 -35.09
N SER A 433 -17.94 -12.88 -35.51
CA SER A 433 -18.69 -12.40 -36.67
C SER A 433 -19.32 -11.02 -36.45
N VAL A 434 -19.50 -10.62 -35.20
CA VAL A 434 -20.12 -9.32 -34.93
C VAL A 434 -19.29 -8.13 -35.46
N ILE A 435 -17.98 -8.34 -35.65
CA ILE A 435 -17.14 -7.33 -36.30
C ILE A 435 -17.31 -7.40 -37.81
N PRO A 436 -17.70 -6.28 -38.45
CA PRO A 436 -17.76 -6.36 -39.91
C PRO A 436 -16.36 -6.28 -40.50
N THR A 437 -16.06 -7.15 -41.46
CA THR A 437 -14.71 -7.20 -42.01
C THR A 437 -14.43 -6.04 -42.96
N ILE A 438 -15.48 -5.44 -43.50
CA ILE A 438 -15.30 -4.32 -44.44
C ILE A 438 -16.26 -3.18 -44.13
N GLY A 439 -16.04 -2.01 -44.72
CA GLY A 439 -16.87 -0.85 -44.48
C GLY A 439 -16.44 -0.07 -43.23
N ASP A 440 -16.91 1.17 -43.11
CA ASP A 440 -16.70 1.98 -41.91
C ASP A 440 -17.20 1.30 -40.64
N VAL A 441 -16.42 1.42 -39.55
CA VAL A 441 -16.84 0.89 -38.27
C VAL A 441 -15.89 1.35 -37.17
N VAL A 442 -16.41 1.45 -35.96
CA VAL A 442 -15.57 1.62 -34.78
C VAL A 442 -15.83 0.43 -33.89
N VAL A 443 -14.82 -0.42 -33.74
CA VAL A 443 -14.90 -1.55 -32.84
C VAL A 443 -14.39 -1.07 -31.50
N VAL A 444 -15.17 -1.33 -30.45
CA VAL A 444 -14.80 -1.00 -29.08
C VAL A 444 -14.55 -2.30 -28.34
N ALA A 445 -13.29 -2.61 -28.07
CA ALA A 445 -12.96 -3.95 -27.59
C ALA A 445 -12.13 -3.97 -26.33
N THR A 446 -12.19 -5.11 -25.65
CA THR A 446 -11.22 -5.44 -24.62
C THR A 446 -10.00 -6.06 -25.29
N ASP A 447 -9.10 -6.55 -24.47
CA ASP A 447 -7.90 -7.22 -24.94
C ASP A 447 -8.20 -8.54 -25.63
N ALA A 448 -9.47 -8.83 -25.84
CA ALA A 448 -9.84 -9.94 -26.71
C ALA A 448 -9.29 -9.72 -28.10
N LEU A 449 -9.00 -8.47 -28.43
CA LEU A 449 -8.54 -8.12 -29.77
C LEU A 449 -7.15 -7.50 -29.72
N MET A 450 -6.47 -7.66 -28.60
CA MET A 450 -5.15 -7.04 -28.45
C MET A 450 -4.08 -7.73 -29.28
N THR A 451 -4.17 -9.05 -29.43
CA THR A 451 -3.06 -9.86 -29.95
C THR A 451 -3.40 -10.55 -31.27
N GLY A 452 -2.45 -10.58 -32.20
CA GLY A 452 -2.55 -11.42 -33.39
C GLY A 452 -3.42 -10.93 -34.53
N TYR A 453 -4.51 -10.25 -34.19
CA TYR A 453 -5.58 -9.89 -35.12
C TYR A 453 -5.25 -8.77 -36.12
N THR A 454 -5.67 -8.93 -37.38
CA THR A 454 -5.61 -7.83 -38.35
C THR A 454 -7.02 -7.44 -38.80
N GLY A 455 -7.50 -6.29 -38.35
CA GLY A 455 -8.87 -5.88 -38.68
C GLY A 455 -8.97 -4.72 -39.66
N ASP A 456 -7.85 -4.36 -40.28
CA ASP A 456 -7.80 -3.26 -41.24
C ASP A 456 -8.27 -1.93 -40.62
N PHE A 457 -7.63 -1.54 -39.52
CA PHE A 457 -7.97 -0.30 -38.82
C PHE A 457 -7.10 0.86 -39.24
N ASP A 458 -7.74 1.97 -39.58
CA ASP A 458 -7.03 3.21 -39.84
C ASP A 458 -6.39 3.74 -38.56
N SER A 459 -7.00 3.45 -37.42
CA SER A 459 -6.43 3.89 -36.14
C SER A 459 -6.82 3.01 -34.98
N VAL A 460 -6.02 3.09 -33.93
CA VAL A 460 -6.34 2.51 -32.64
C VAL A 460 -6.39 3.64 -31.62
N ILE A 461 -7.39 3.61 -30.74
CA ILE A 461 -7.43 4.54 -29.62
C ILE A 461 -7.33 3.69 -28.34
N ASP A 462 -6.35 4.00 -27.48
CA ASP A 462 -5.99 3.14 -26.34
C ASP A 462 -6.23 3.84 -24.99
N CYS A 463 -7.00 3.18 -24.12
CA CYS A 463 -7.24 3.69 -22.78
C CYS A 463 -6.02 3.56 -21.89
N ASN A 464 -5.04 2.76 -22.34
CA ASN A 464 -3.79 2.54 -21.62
C ASN A 464 -3.93 1.91 -20.22
N THR A 465 -5.06 1.29 -19.95
CA THR A 465 -5.25 0.57 -18.69
C THR A 465 -5.78 -0.82 -18.98
N CYS A 466 -5.55 -1.73 -18.06
CA CYS A 466 -6.08 -3.06 -18.23
C CYS A 466 -6.46 -3.68 -16.89
N VAL A 467 -7.14 -4.81 -16.94
CA VAL A 467 -7.46 -5.53 -15.73
C VAL A 467 -6.44 -6.64 -15.53
N THR A 468 -6.05 -6.86 -14.29
CA THR A 468 -5.13 -7.94 -13.96
C THR A 468 -5.59 -8.66 -12.68
N GLN A 469 -5.10 -9.89 -12.47
CA GLN A 469 -5.39 -10.62 -11.25
C GLN A 469 -4.11 -10.85 -10.47
N THR A 470 -4.19 -10.75 -9.15
CA THR A 470 -3.03 -10.98 -8.32
C THR A 470 -3.43 -11.86 -7.15
N VAL A 471 -2.54 -12.74 -6.73
CA VAL A 471 -2.80 -13.55 -5.55
C VAL A 471 -2.20 -12.83 -4.36
N ASP A 472 -2.91 -12.83 -3.23
CA ASP A 472 -2.37 -12.28 -2.00
C ASP A 472 -2.47 -13.40 -0.97
N PHE A 473 -1.35 -13.73 -0.32
CA PHE A 473 -1.36 -14.78 0.68
C PHE A 473 -1.80 -14.15 2.00
N SER A 474 -3.10 -13.90 2.09
CA SER A 474 -3.68 -13.05 3.12
C SER A 474 -3.99 -13.76 4.43
N LEU A 475 -3.91 -15.09 4.45
CA LEU A 475 -4.07 -15.87 5.69
C LEU A 475 -5.43 -15.64 6.34
N ASP A 476 -6.46 -15.43 5.52
CA ASP A 476 -7.78 -15.05 6.02
C ASP A 476 -8.93 -15.85 5.43
N PRO A 477 -8.85 -17.19 5.48
CA PRO A 477 -7.85 -18.00 6.18
C PRO A 477 -6.65 -18.38 5.32
N THR A 478 -6.70 -18.20 4.01
CA THR A 478 -5.68 -18.78 3.14
C THR A 478 -5.07 -17.80 2.13
N PHE A 479 -5.62 -17.77 0.92
CA PHE A 479 -5.20 -16.81 -0.09
C PHE A 479 -6.40 -16.09 -0.66
N THR A 480 -6.12 -15.01 -1.39
CA THR A 480 -7.14 -14.21 -2.03
C THR A 480 -6.71 -14.02 -3.50
N ILE A 481 -7.64 -14.20 -4.45
CA ILE A 481 -7.39 -13.77 -5.83
C ILE A 481 -8.12 -12.44 -6.00
N GLU A 482 -7.36 -11.40 -6.32
CA GLU A 482 -7.89 -10.05 -6.48
C GLU A 482 -7.84 -9.60 -7.93
N THR A 483 -8.86 -8.85 -8.31
CA THR A 483 -8.90 -8.21 -9.61
C THR A 483 -8.76 -6.71 -9.41
N THR A 484 -7.84 -6.10 -10.17
CA THR A 484 -7.71 -4.65 -10.15
C THR A 484 -7.39 -4.13 -11.54
N THR A 485 -7.69 -2.87 -11.76
CA THR A 485 -7.37 -2.24 -13.02
C THR A 485 -6.12 -1.42 -12.78
N VAL A 486 -5.17 -1.56 -13.70
CA VAL A 486 -3.84 -0.99 -13.55
C VAL A 486 -3.35 -0.40 -14.88
N PRO A 487 -2.30 0.43 -14.84
CA PRO A 487 -1.62 0.92 -16.05
C PRO A 487 -1.14 -0.25 -16.90
N GLN A 488 -1.20 -0.11 -18.21
CA GLN A 488 -0.78 -1.19 -19.10
C GLN A 488 0.75 -1.33 -19.07
N ASP A 489 1.25 -2.53 -19.37
CA ASP A 489 2.69 -2.72 -19.51
C ASP A 489 3.10 -2.51 -20.96
N ALA A 490 4.38 -2.72 -21.27
CA ALA A 490 4.88 -2.38 -22.60
C ALA A 490 4.44 -3.39 -23.63
N VAL A 491 4.04 -4.59 -23.19
CA VAL A 491 3.49 -5.59 -24.11
C VAL A 491 2.12 -5.11 -24.59
N SER A 492 1.25 -4.78 -23.64
CA SER A 492 -0.05 -4.24 -23.99
C SER A 492 0.06 -2.99 -24.87
N ARG A 493 0.88 -2.02 -24.48
CA ARG A 493 0.93 -0.81 -25.29
C ARG A 493 1.33 -1.11 -26.74
N SER A 494 2.38 -1.90 -26.94
CA SER A 494 2.86 -2.17 -28.30
C SER A 494 1.94 -3.10 -29.10
N GLN A 495 1.31 -4.05 -28.42
CA GLN A 495 0.38 -4.96 -29.09
C GLN A 495 -0.94 -4.26 -29.44
N ARG A 496 -1.49 -3.47 -28.52
CA ARG A 496 -2.71 -2.72 -28.82
C ARG A 496 -2.44 -1.76 -29.98
N ARG A 497 -1.36 -0.99 -29.85
CA ARG A 497 -0.90 -0.11 -30.95
C ARG A 497 -0.77 -0.85 -32.27
N GLY A 498 -0.22 -2.07 -32.20
CA GLY A 498 0.02 -2.88 -33.38
C GLY A 498 -1.21 -3.36 -34.14
N ARG A 499 -2.41 -3.09 -33.61
CA ARG A 499 -3.63 -3.52 -34.30
C ARG A 499 -3.84 -2.61 -35.52
N THR A 500 -3.21 -1.44 -35.52
CA THR A 500 -3.16 -0.57 -36.69
C THR A 500 -1.77 -0.58 -37.31
N GLY A 501 -1.63 -0.04 -38.52
CA GLY A 501 -0.32 0.09 -39.14
C GLY A 501 0.17 -1.26 -39.61
N ARG A 502 -0.75 -2.06 -40.13
CA ARG A 502 -0.44 -3.41 -40.55
C ARG A 502 -0.38 -3.49 -42.07
N GLY A 503 0.80 -3.26 -42.63
CA GLY A 503 0.98 -3.27 -44.08
C GLY A 503 0.70 -1.91 -44.71
N ARG A 504 0.36 -0.94 -43.87
CA ARG A 504 0.03 0.39 -44.34
C ARG A 504 0.08 1.32 -43.16
N ARG A 505 -0.06 2.61 -43.44
CA ARG A 505 0.05 3.65 -42.42
C ARG A 505 -1.15 3.60 -41.49
N GLY A 506 -0.95 3.95 -40.23
CA GLY A 506 -2.07 4.02 -39.30
C GLY A 506 -1.81 5.03 -38.22
N ILE A 507 -2.81 5.27 -37.37
CA ILE A 507 -2.67 6.21 -36.26
C ILE A 507 -2.95 5.57 -34.89
N TYR A 508 -2.15 5.96 -33.90
CA TYR A 508 -2.34 5.50 -32.51
C TYR A 508 -2.58 6.69 -31.59
N ARG A 509 -3.77 6.77 -31.01
CA ARG A 509 -4.06 7.80 -30.04
C ARG A 509 -4.16 7.20 -28.65
N PHE A 510 -3.62 7.90 -27.66
CA PHE A 510 -3.55 7.37 -26.30
C PHE A 510 -3.92 8.41 -25.27
N VAL A 511 -4.24 7.91 -24.09
CA VAL A 511 -4.65 8.75 -22.99
C VAL A 511 -3.44 9.18 -22.21
N THR A 512 -2.54 8.25 -21.93
CA THR A 512 -1.38 8.53 -21.09
C THR A 512 -0.14 7.94 -21.76
N PRO A 513 1.02 8.59 -21.61
CA PRO A 513 2.25 8.14 -22.28
C PRO A 513 3.06 6.99 -21.66
N GLY A 514 2.92 6.69 -20.38
CA GLY A 514 3.83 5.70 -19.79
C GLY A 514 3.58 4.23 -20.11
N GLU A 515 4.40 3.35 -19.55
CA GLU A 515 4.12 1.91 -19.58
C GLU A 515 4.88 1.17 -18.46
N ARG A 516 4.24 0.18 -17.86
CA ARG A 516 4.92 -0.68 -16.91
C ARG A 516 5.88 -1.60 -17.66
N PRO A 517 6.92 -2.07 -16.96
CA PRO A 517 7.86 -2.99 -17.61
C PRO A 517 7.16 -4.28 -18.04
N SER A 518 7.73 -4.91 -19.05
CA SER A 518 7.14 -6.10 -19.64
C SER A 518 7.81 -7.38 -19.14
N GLY A 519 7.16 -8.52 -19.39
CA GLY A 519 7.78 -9.83 -19.28
C GLY A 519 7.69 -10.51 -17.92
N MET A 520 6.79 -10.05 -17.06
CA MET A 520 6.59 -10.70 -15.78
C MET A 520 5.11 -10.98 -15.59
N PHE A 521 4.79 -12.10 -14.94
CA PHE A 521 3.40 -12.39 -14.64
C PHE A 521 3.23 -12.96 -13.23
N ASP A 522 1.99 -12.91 -12.75
CA ASP A 522 1.71 -13.21 -11.35
C ASP A 522 1.47 -14.69 -11.06
N SER A 523 1.78 -15.08 -9.82
CA SER A 523 1.52 -16.42 -9.31
C SER A 523 0.06 -16.86 -9.50
N SER A 524 -0.88 -15.91 -9.57
CA SER A 524 -2.29 -16.27 -9.78
C SER A 524 -2.52 -16.97 -11.11
N VAL A 525 -1.67 -16.67 -12.10
CA VAL A 525 -1.77 -17.34 -13.38
C VAL A 525 -1.40 -18.81 -13.22
N LEU A 526 -0.41 -19.08 -12.37
CA LEU A 526 -0.09 -20.47 -12.11
C LEU A 526 -1.32 -21.17 -11.48
N CYS A 527 -1.95 -20.53 -10.52
CA CYS A 527 -3.16 -21.08 -9.92
C CYS A 527 -4.18 -21.36 -11.00
N GLU A 528 -4.34 -20.40 -11.91
CA GLU A 528 -5.27 -20.51 -13.04
C GLU A 528 -4.94 -21.71 -13.94
N CYS A 529 -3.65 -21.99 -14.14
CA CYS A 529 -3.25 -23.18 -14.92
C CYS A 529 -3.65 -24.50 -14.27
N TYR A 530 -3.47 -24.63 -12.96
CA TYR A 530 -3.90 -25.87 -12.29
C TYR A 530 -5.41 -26.04 -12.38
N ASP A 531 -6.11 -24.93 -12.24
CA ASP A 531 -7.56 -24.91 -12.31
C ASP A 531 -7.97 -25.46 -13.67
N ALA A 532 -7.41 -24.88 -14.74
CA ALA A 532 -7.79 -25.24 -16.09
C ALA A 532 -7.41 -26.67 -16.40
N GLY A 533 -6.31 -27.13 -15.83
CA GLY A 533 -5.90 -28.51 -16.04
C GLY A 533 -6.92 -29.47 -15.46
N CYS A 534 -7.46 -29.08 -14.30
CA CYS A 534 -8.43 -29.90 -13.58
C CYS A 534 -9.80 -29.78 -14.21
N ALA A 535 -10.15 -28.57 -14.67
CA ALA A 535 -11.48 -28.33 -15.16
C ALA A 535 -11.69 -28.75 -16.62
N TRP A 536 -10.72 -28.43 -17.48
CA TRP A 536 -10.95 -28.54 -18.91
C TRP A 536 -10.11 -29.63 -19.61
N TYR A 537 -8.93 -29.94 -19.07
CA TYR A 537 -7.99 -30.74 -19.84
C TYR A 537 -7.63 -32.07 -19.20
N GLU A 538 -8.36 -32.44 -18.15
CA GLU A 538 -8.17 -33.74 -17.50
C GLU A 538 -6.73 -34.00 -17.03
N LEU A 539 -6.05 -32.95 -16.59
CA LEU A 539 -4.68 -33.09 -16.13
C LEU A 539 -4.65 -33.23 -14.63
N THR A 540 -3.94 -34.22 -14.12
CA THR A 540 -3.70 -34.25 -12.70
C THR A 540 -2.82 -33.04 -12.37
N PRO A 541 -2.92 -32.55 -11.13
CA PRO A 541 -2.00 -31.48 -10.72
C PRO A 541 -0.54 -31.84 -11.02
N ALA A 542 -0.13 -33.09 -10.79
CA ALA A 542 1.24 -33.50 -11.09
C ALA A 542 1.56 -33.33 -12.58
N GLU A 543 0.60 -33.64 -13.45
CA GLU A 543 0.78 -33.50 -14.89
C GLU A 543 0.94 -32.04 -15.31
N THR A 544 0.13 -31.17 -14.71
CA THR A 544 0.24 -29.73 -14.98
C THR A 544 1.61 -29.20 -14.56
N SER A 545 2.11 -29.66 -13.42
CA SER A 545 3.43 -29.23 -12.95
C SER A 545 4.54 -29.54 -13.94
N VAL A 546 4.44 -30.71 -14.57
CA VAL A 546 5.44 -31.10 -15.57
C VAL A 546 5.44 -30.11 -16.73
N ARG A 547 4.26 -29.76 -17.22
CA ARG A 547 4.15 -28.80 -18.30
C ARG A 547 4.62 -27.40 -17.89
N LEU A 548 4.19 -26.93 -16.72
CA LEU A 548 4.57 -25.60 -16.23
C LEU A 548 6.06 -25.51 -15.94
N ARG A 549 6.63 -26.59 -15.41
CA ARG A 549 8.05 -26.65 -15.17
C ARG A 549 8.85 -26.51 -16.46
N ALA A 550 8.35 -27.11 -17.55
CA ALA A 550 9.00 -26.96 -18.85
C ALA A 550 9.00 -25.49 -19.28
N TYR A 551 7.89 -24.79 -19.03
CA TYR A 551 7.79 -23.38 -19.34
C TYR A 551 8.81 -22.58 -18.53
N LEU A 552 8.78 -22.74 -17.20
CA LEU A 552 9.67 -22.01 -16.32
C LEU A 552 11.16 -22.29 -16.56
N ASN A 553 11.48 -23.48 -17.05
CA ASN A 553 12.87 -23.86 -17.30
C ASN A 553 13.40 -23.32 -18.63
N THR A 554 12.53 -22.70 -19.41
CA THR A 554 12.89 -22.22 -20.74
C THR A 554 13.24 -20.73 -20.69
N PRO A 555 14.48 -20.39 -21.05
CA PRO A 555 14.91 -18.98 -20.99
C PRO A 555 14.24 -18.14 -22.07
N GLY A 556 14.09 -16.84 -21.83
CA GLY A 556 13.56 -15.94 -22.86
C GLY A 556 12.04 -15.80 -22.86
N LEU A 557 11.37 -16.48 -21.95
CA LEU A 557 9.92 -16.36 -21.83
C LEU A 557 9.60 -15.45 -20.67
N PRO A 558 8.35 -14.98 -20.59
CA PRO A 558 7.90 -14.22 -19.43
C PRO A 558 8.17 -14.99 -18.16
N VAL A 559 8.47 -14.28 -17.09
CA VAL A 559 8.90 -14.95 -15.88
C VAL A 559 7.88 -14.74 -14.75
N CYS A 560 7.91 -15.66 -13.79
CA CYS A 560 7.00 -15.66 -12.67
C CYS A 560 7.68 -16.32 -11.48
N GLN A 561 7.26 -15.98 -10.27
CA GLN A 561 7.76 -16.67 -9.10
C GLN A 561 7.48 -18.17 -9.17
N ASP A 562 8.43 -18.98 -8.72
CA ASP A 562 8.28 -20.44 -8.79
C ASP A 562 7.40 -20.95 -7.65
N HIS A 563 6.08 -20.92 -7.85
CA HIS A 563 5.17 -21.45 -6.86
C HIS A 563 4.51 -22.77 -7.29
N LEU A 564 5.20 -23.53 -8.14
CA LEU A 564 4.59 -24.75 -8.65
C LEU A 564 4.31 -25.77 -7.53
N GLU A 565 5.29 -26.05 -6.68
CA GLU A 565 5.07 -27.05 -5.63
C GLU A 565 3.87 -26.65 -4.81
N PHE A 566 3.84 -25.39 -4.39
CA PHE A 566 2.69 -24.86 -3.65
C PHE A 566 1.34 -25.08 -4.31
N TRP A 567 1.17 -24.60 -5.55
CA TRP A 567 -0.13 -24.73 -6.18
C TRP A 567 -0.50 -26.20 -6.42
N GLU A 568 0.49 -27.02 -6.78
CA GLU A 568 0.21 -28.44 -6.97
C GLU A 568 -0.36 -29.02 -5.67
N SER A 569 0.30 -28.75 -4.54
CA SER A 569 -0.20 -29.28 -3.27
C SER A 569 -1.64 -28.82 -3.01
N VAL A 570 -1.95 -27.55 -3.26
CA VAL A 570 -3.33 -27.08 -3.07
C VAL A 570 -4.34 -27.93 -3.85
N PHE A 571 -4.25 -27.90 -5.17
CA PHE A 571 -5.24 -28.60 -6.00
C PHE A 571 -5.27 -30.13 -5.77
N THR A 572 -4.14 -30.69 -5.36
CA THR A 572 -4.05 -32.12 -5.13
C THR A 572 -5.00 -32.55 -4.01
N GLY A 573 -5.34 -31.61 -3.12
CA GLY A 573 -6.21 -31.91 -2.00
C GLY A 573 -7.67 -31.57 -2.24
N LEU A 574 -7.96 -30.96 -3.38
CA LEU A 574 -9.33 -30.59 -3.72
C LEU A 574 -9.99 -31.72 -4.50
N THR A 575 -10.24 -32.82 -3.79
CA THR A 575 -10.80 -34.02 -4.39
C THR A 575 -12.31 -34.11 -4.19
N HIS A 576 -12.98 -34.74 -5.14
CA HIS A 576 -14.41 -35.05 -5.07
C HIS A 576 -15.26 -33.82 -5.30
N ILE A 577 -14.84 -33.02 -6.27
CA ILE A 577 -15.63 -31.87 -6.67
C ILE A 577 -16.98 -32.39 -7.14
N ASP A 578 -17.99 -31.54 -7.13
CA ASP A 578 -19.31 -31.87 -7.64
C ASP A 578 -19.34 -31.67 -9.15
N ALA A 579 -19.42 -32.77 -9.90
CA ALA A 579 -19.36 -32.72 -11.36
C ALA A 579 -20.43 -31.81 -11.92
N HIS A 580 -21.57 -31.75 -11.25
CA HIS A 580 -22.66 -30.91 -11.71
C HIS A 580 -22.34 -29.41 -11.60
N PHE A 581 -21.82 -29.01 -10.44
CA PHE A 581 -21.43 -27.61 -10.24
C PHE A 581 -20.29 -27.23 -11.20
N LEU A 582 -19.33 -28.14 -11.36
CA LEU A 582 -18.20 -27.88 -12.25
C LEU A 582 -18.62 -27.70 -13.71
N SER A 583 -19.54 -28.55 -14.18
CA SER A 583 -20.01 -28.39 -15.56
C SER A 583 -20.65 -27.03 -15.71
N GLN A 584 -21.33 -26.60 -14.64
CA GLN A 584 -21.99 -25.32 -14.65
C GLN A 584 -21.01 -24.14 -14.66
N THR A 585 -19.95 -24.21 -13.85
CA THR A 585 -18.97 -23.12 -13.86
C THR A 585 -18.21 -23.09 -15.18
N LYS A 586 -17.90 -24.27 -15.71
CA LYS A 586 -17.29 -24.35 -17.04
C LYS A 586 -18.20 -23.68 -18.06
N GLN A 587 -19.48 -24.07 -18.07
CA GLN A 587 -20.47 -23.51 -19.00
C GLN A 587 -20.58 -21.98 -18.94
N ALA A 588 -20.64 -21.43 -17.71
CA ALA A 588 -20.83 -19.98 -17.56
C ALA A 588 -19.59 -19.18 -17.95
N GLY A 589 -18.47 -19.90 -18.11
CA GLY A 589 -17.25 -19.32 -18.66
C GLY A 589 -16.55 -18.24 -17.85
N ASP A 590 -16.82 -18.17 -16.55
CA ASP A 590 -16.12 -17.22 -15.69
C ASP A 590 -14.85 -17.82 -15.08
N ASN A 591 -14.01 -16.97 -14.50
CA ASN A 591 -12.69 -17.35 -13.95
C ASN A 591 -12.72 -18.47 -12.90
N PHE A 592 -11.62 -19.22 -12.81
CA PHE A 592 -11.46 -20.26 -11.81
C PHE A 592 -12.72 -21.11 -11.66
N PRO A 593 -13.13 -21.74 -12.76
CA PRO A 593 -14.33 -22.60 -12.70
C PRO A 593 -14.14 -23.71 -11.69
N TYR A 594 -12.91 -24.21 -11.57
CA TYR A 594 -12.67 -25.28 -10.63
C TYR A 594 -12.73 -24.81 -9.16
N LEU A 595 -12.07 -23.69 -8.85
CA LEU A 595 -12.08 -23.20 -7.47
C LEU A 595 -13.49 -22.78 -7.06
N VAL A 596 -14.23 -22.19 -7.99
CA VAL A 596 -15.60 -21.77 -7.71
C VAL A 596 -16.48 -22.99 -7.45
N ALA A 597 -16.43 -23.97 -8.33
CA ALA A 597 -17.26 -25.16 -8.17
C ALA A 597 -16.84 -25.94 -6.93
N TYR A 598 -15.58 -25.84 -6.55
CA TYR A 598 -15.16 -26.56 -5.37
C TYR A 598 -15.68 -25.91 -4.08
N GLN A 599 -15.69 -24.58 -4.03
CA GLN A 599 -16.24 -23.88 -2.87
C GLN A 599 -17.73 -24.18 -2.78
N ALA A 600 -18.40 -24.15 -3.93
CA ALA A 600 -19.83 -24.45 -4.02
C ALA A 600 -20.13 -25.86 -3.56
N THR A 601 -19.27 -26.80 -3.95
CA THR A 601 -19.40 -28.19 -3.55
C THR A 601 -19.35 -28.31 -2.03
N VAL A 602 -18.34 -27.68 -1.42
CA VAL A 602 -18.15 -27.76 0.02
C VAL A 602 -19.34 -27.10 0.72
N CYS A 603 -19.83 -26.00 0.15
CA CYS A 603 -21.03 -25.35 0.67
C CYS A 603 -22.26 -26.27 0.64
N ALA A 604 -22.52 -26.86 -0.52
CA ALA A 604 -23.70 -27.71 -0.70
C ALA A 604 -23.70 -28.83 0.33
N ARG A 605 -22.59 -29.55 0.41
CA ARG A 605 -22.49 -30.67 1.33
C ARG A 605 -22.62 -30.27 2.79
N ALA A 606 -22.49 -28.98 3.08
CA ALA A 606 -22.65 -28.50 4.44
C ALA A 606 -23.96 -27.73 4.63
N GLN A 607 -24.78 -27.71 3.58
CA GLN A 607 -26.00 -26.90 3.57
C GLN A 607 -25.71 -25.49 4.04
N ALA A 608 -24.61 -24.92 3.58
CA ALA A 608 -24.25 -23.55 3.93
C ALA A 608 -24.25 -22.67 2.70
N PRO A 609 -24.50 -21.37 2.90
CA PRO A 609 -24.58 -20.42 1.79
C PRO A 609 -23.20 -20.18 1.19
N PRO A 610 -23.17 -19.73 -0.08
CA PRO A 610 -21.89 -19.31 -0.67
C PRO A 610 -21.41 -18.02 0.00
N PRO A 611 -20.17 -17.60 -0.27
CA PRO A 611 -19.59 -16.41 0.36
C PRO A 611 -20.45 -15.18 0.15
N SER A 612 -21.07 -15.08 -1.02
CA SER A 612 -22.05 -14.04 -1.30
C SER A 612 -23.02 -14.57 -2.33
N TRP A 613 -24.07 -13.81 -2.61
CA TRP A 613 -24.98 -14.22 -3.67
C TRP A 613 -24.70 -13.47 -4.99
N ASP A 614 -23.45 -13.07 -5.18
CA ASP A 614 -23.02 -12.51 -6.46
C ASP A 614 -23.16 -13.57 -7.55
N GLN A 615 -23.06 -13.12 -8.80
CA GLN A 615 -23.24 -14.01 -9.94
C GLN A 615 -22.24 -15.17 -9.92
N MET A 616 -21.08 -14.92 -9.33
CA MET A 616 -20.05 -15.94 -9.20
C MET A 616 -20.64 -17.24 -8.65
N TRP A 617 -21.62 -17.12 -7.75
CA TRP A 617 -22.13 -18.29 -7.03
C TRP A 617 -23.49 -18.80 -7.51
N LYS A 618 -23.86 -18.52 -8.75
CA LYS A 618 -25.18 -18.88 -9.26
C LYS A 618 -25.46 -20.39 -9.35
N CYS A 619 -24.42 -21.20 -9.50
CA CYS A 619 -24.67 -22.63 -9.55
C CYS A 619 -25.36 -23.13 -8.28
N LEU A 620 -25.40 -22.26 -7.26
CA LEU A 620 -25.97 -22.62 -5.97
C LEU A 620 -27.39 -22.06 -5.78
N ILE A 621 -27.80 -21.13 -6.65
CA ILE A 621 -29.08 -20.43 -6.47
C ILE A 621 -30.28 -21.36 -6.20
N ARG A 622 -30.33 -22.51 -6.86
CA ARG A 622 -31.46 -23.41 -6.69
C ARG A 622 -31.52 -24.02 -5.29
N LEU A 623 -30.42 -23.97 -4.54
CA LEU A 623 -30.40 -24.54 -3.20
C LEU A 623 -30.56 -23.46 -2.13
N LYS A 624 -30.75 -22.23 -2.57
CA LYS A 624 -30.76 -21.05 -1.69
C LYS A 624 -31.64 -21.12 -0.44
N PRO A 625 -32.83 -21.74 -0.55
CA PRO A 625 -33.72 -21.81 0.62
C PRO A 625 -33.28 -22.86 1.63
N THR A 626 -32.40 -23.76 1.24
CA THR A 626 -31.93 -24.80 2.15
C THR A 626 -30.54 -24.52 2.74
N LEU A 627 -29.95 -23.39 2.37
CA LEU A 627 -28.58 -23.10 2.82
C LEU A 627 -28.59 -22.07 3.95
N HIS A 628 -28.00 -22.43 5.08
CA HIS A 628 -28.03 -21.57 6.26
C HIS A 628 -26.74 -21.57 7.05
N GLY A 629 -26.56 -20.52 7.84
CA GLY A 629 -25.44 -20.43 8.74
C GLY A 629 -24.26 -19.83 8.00
N PRO A 630 -23.07 -19.98 8.57
CA PRO A 630 -21.89 -19.38 7.95
C PRO A 630 -21.31 -20.23 6.83
N THR A 631 -20.57 -19.56 5.94
CA THR A 631 -19.87 -20.19 4.84
C THR A 631 -18.55 -20.84 5.30
N PRO A 632 -18.35 -22.12 4.95
CA PRO A 632 -17.03 -22.73 5.16
C PRO A 632 -16.05 -22.22 4.10
N LEU A 633 -15.34 -21.13 4.43
CA LEU A 633 -14.56 -20.39 3.44
C LEU A 633 -13.25 -21.08 3.18
N LEU A 634 -12.97 -21.38 1.91
CA LEU A 634 -11.74 -22.09 1.54
C LEU A 634 -10.63 -21.13 1.17
N TYR A 635 -11.04 -19.97 0.65
CA TYR A 635 -10.15 -18.99 0.06
C TYR A 635 -11.05 -17.85 -0.39
N ARG A 636 -10.48 -16.74 -0.82
CA ARG A 636 -11.29 -15.58 -1.20
C ARG A 636 -11.14 -15.27 -2.69
N LEU A 637 -12.24 -15.36 -3.42
CA LEU A 637 -12.23 -15.10 -4.87
C LEU A 637 -13.04 -13.85 -5.22
N GLY A 638 -13.70 -13.29 -4.22
CA GLY A 638 -14.45 -12.06 -4.39
C GLY A 638 -14.77 -11.48 -3.04
N ALA A 639 -15.69 -10.53 -2.98
CA ALA A 639 -16.13 -10.03 -1.69
C ALA A 639 -16.86 -11.16 -0.99
N VAL A 640 -16.66 -11.25 0.32
CA VAL A 640 -17.39 -12.21 1.13
C VAL A 640 -18.34 -11.42 2.01
N GLN A 641 -19.64 -11.58 1.76
CA GLN A 641 -20.68 -10.89 2.53
C GLN A 641 -21.22 -11.69 3.71
N ASN A 642 -21.26 -13.01 3.57
CA ASN A 642 -21.80 -13.87 4.60
C ASN A 642 -20.81 -14.15 5.74
N GLU A 643 -21.31 -14.49 6.92
CA GLU A 643 -20.45 -14.91 8.01
C GLU A 643 -19.68 -16.14 7.56
N VAL A 644 -18.51 -16.37 8.14
CA VAL A 644 -17.73 -17.53 7.72
C VAL A 644 -17.20 -18.35 8.90
N THR A 645 -16.91 -19.60 8.63
CA THR A 645 -16.24 -20.48 9.59
C THR A 645 -14.97 -20.97 8.93
N LEU A 646 -13.93 -21.17 9.72
CA LEU A 646 -12.61 -21.30 9.14
C LEU A 646 -11.99 -22.64 9.49
N THR A 647 -12.84 -23.61 9.80
CA THR A 647 -12.36 -24.89 10.30
C THR A 647 -12.84 -26.11 9.51
N HIS A 648 -13.30 -25.90 8.28
CA HIS A 648 -13.56 -27.02 7.38
C HIS A 648 -12.24 -27.75 7.09
N PRO A 649 -12.28 -29.07 7.00
CA PRO A 649 -11.07 -29.85 6.73
C PRO A 649 -10.28 -29.33 5.51
N ILE A 650 -10.98 -28.91 4.47
CA ILE A 650 -10.29 -28.41 3.28
C ILE A 650 -9.58 -27.09 3.60
N THR A 651 -10.27 -26.21 4.32
CA THR A 651 -9.62 -24.98 4.77
C THR A 651 -8.34 -25.31 5.52
N LYS A 652 -8.41 -26.28 6.42
CA LYS A 652 -7.24 -26.66 7.23
C LYS A 652 -6.13 -27.24 6.36
N TYR A 653 -6.50 -28.02 5.36
CA TYR A 653 -5.54 -28.56 4.40
C TYR A 653 -4.83 -27.43 3.63
N ILE A 654 -5.59 -26.49 3.09
CA ILE A 654 -4.96 -25.40 2.35
C ILE A 654 -4.08 -24.57 3.26
N MET A 655 -4.54 -24.30 4.49
CA MET A 655 -3.66 -23.64 5.46
C MET A 655 -2.35 -24.39 5.63
N ALA A 656 -2.44 -25.72 5.73
CA ALA A 656 -1.21 -26.50 5.89
C ALA A 656 -0.34 -26.39 4.65
N CYS A 657 -0.95 -26.35 3.47
CA CYS A 657 -0.16 -26.18 2.24
C CYS A 657 0.67 -24.90 2.30
N MET A 658 0.13 -23.89 2.95
CA MET A 658 0.78 -22.58 2.98
C MET A 658 1.95 -22.51 3.95
N SER A 659 2.25 -23.63 4.59
CA SER A 659 3.41 -23.72 5.44
C SER A 659 4.71 -23.91 4.64
N ALA A 660 4.61 -24.34 3.38
CA ALA A 660 5.83 -24.56 2.61
C ALA A 660 6.49 -23.24 2.20
N ASP A 661 7.79 -23.29 1.87
CA ASP A 661 8.53 -22.11 1.44
C ASP A 661 7.90 -21.47 0.21
N LEU A 662 7.63 -20.17 0.30
CA LEU A 662 7.17 -19.39 -0.84
C LEU A 662 8.14 -18.23 -1.09
N GLU A 663 8.79 -18.22 -2.25
CA GLU A 663 9.65 -17.10 -2.59
C GLU A 663 8.81 -15.91 -3.05
N VAL A 664 8.98 -14.76 -2.40
CA VAL A 664 8.29 -13.53 -2.79
C VAL A 664 9.29 -12.40 -2.96
N VAL A 665 9.04 -11.49 -3.91
CA VAL A 665 10.00 -10.41 -4.16
C VAL A 665 9.95 -9.30 -3.12
N THR A 666 11.10 -8.70 -2.89
CA THR A 666 11.25 -7.64 -1.88
C THR A 666 11.62 -6.29 -2.50
N GLY B 22 3.88 20.32 1.46
CA GLY B 22 3.14 19.93 0.27
C GLY B 22 1.71 20.44 0.25
N SER B 23 1.36 21.16 -0.83
CA SER B 23 0.00 21.64 -1.05
C SER B 23 -0.91 20.54 -1.62
N VAL B 24 -2.22 20.66 -1.37
CA VAL B 24 -3.18 19.87 -2.12
C VAL B 24 -3.21 20.42 -3.56
N VAL B 25 -3.39 19.54 -4.54
CA VAL B 25 -3.37 19.96 -5.95
C VAL B 25 -4.60 19.47 -6.71
N ILE B 26 -5.19 20.36 -7.50
CA ILE B 26 -6.28 19.93 -8.38
C ILE B 26 -5.70 19.18 -9.58
N VAL B 27 -6.09 17.92 -9.73
CA VAL B 27 -5.56 17.09 -10.81
C VAL B 27 -6.63 16.71 -11.84
N GLY B 28 -7.88 17.08 -11.58
CA GLY B 28 -8.96 16.81 -12.50
C GLY B 28 -10.30 17.21 -11.91
N ARG B 29 -11.38 16.80 -12.56
CA ARG B 29 -12.72 17.10 -12.07
C ARG B 29 -13.72 16.05 -12.49
N ILE B 30 -14.82 15.98 -11.76
CA ILE B 30 -15.93 15.12 -12.10
C ILE B 30 -17.06 16.04 -12.61
N ILE B 31 -17.37 15.94 -13.89
CA ILE B 31 -18.41 16.76 -14.50
C ILE B 31 -19.77 16.13 -14.27
N LEU B 32 -20.68 16.89 -13.67
CA LEU B 32 -22.03 16.38 -13.41
C LEU B 32 -23.03 16.90 -14.44
N SER B 33 -24.05 16.11 -14.73
CA SER B 33 -25.15 16.55 -15.60
C SER B 33 -26.01 17.61 -14.90
N GLY B 34 -26.69 18.42 -15.70
CA GLY B 34 -27.49 19.50 -15.17
C GLY B 34 -28.99 19.23 -15.21
N SER B 35 -29.38 18.10 -15.78
CA SER B 35 -30.80 17.77 -15.88
C SER B 35 -31.04 16.30 -16.17
N GLY B 36 -32.17 15.79 -15.68
CA GLY B 36 -32.53 14.40 -15.87
C GLY B 36 -31.88 13.54 -14.82
N SER B 37 -31.79 12.24 -15.09
CA SER B 37 -31.06 11.33 -14.21
C SER B 37 -29.67 11.91 -13.96
N ILE B 38 -29.07 11.56 -12.83
CA ILE B 38 -27.75 12.10 -12.50
C ILE B 38 -26.64 11.24 -13.09
N THR B 39 -25.80 11.86 -13.92
CA THR B 39 -24.64 11.18 -14.49
C THR B 39 -23.37 11.99 -14.25
N ALA B 40 -22.24 11.32 -14.36
CA ALA B 40 -20.96 11.96 -14.11
C ALA B 40 -19.89 11.36 -15.01
N TYR B 41 -18.86 12.14 -15.28
CA TYR B 41 -17.68 11.63 -15.97
C TYR B 41 -16.47 12.48 -15.60
N SER B 42 -15.28 11.92 -15.75
CA SER B 42 -14.09 12.62 -15.29
C SER B 42 -13.31 13.26 -16.42
N GLN B 43 -12.60 14.33 -16.08
CA GLN B 43 -11.63 14.94 -16.98
C GLN B 43 -10.34 15.04 -16.16
N GLN B 44 -9.22 14.65 -16.75
CA GLN B 44 -7.95 14.65 -16.04
C GLN B 44 -7.07 15.77 -16.57
N THR B 45 -6.55 16.60 -15.67
CA THR B 45 -5.79 17.78 -16.08
C THR B 45 -4.28 17.69 -15.79
N ARG B 46 -3.86 16.71 -15.01
CA ARG B 46 -2.41 16.47 -14.84
C ARG B 46 -2.05 15.07 -14.30
N GLY B 47 -0.84 14.63 -14.62
CA GLY B 47 -0.28 13.39 -14.08
C GLY B 47 0.57 13.68 -12.85
N LEU B 48 1.66 12.94 -12.63
CA LEU B 48 2.65 13.30 -11.59
C LEU B 48 3.45 14.52 -12.03
N LEU B 49 3.51 14.73 -13.35
CA LEU B 49 3.87 16.05 -13.85
C LEU B 49 2.95 16.91 -13.01
N GLY B 50 3.35 18.13 -12.74
CA GLY B 50 2.55 18.94 -11.84
C GLY B 50 2.32 18.18 -10.55
N CYS B 51 1.28 17.35 -10.47
CA CYS B 51 0.81 16.91 -9.15
C CYS B 51 1.90 16.97 -8.08
N ILE B 52 2.77 15.96 -8.05
CA ILE B 52 3.86 15.95 -7.05
C ILE B 52 4.68 17.23 -7.14
N ILE B 53 5.05 17.63 -8.35
CA ILE B 53 5.75 18.90 -8.52
C ILE B 53 4.95 20.03 -7.92
N THR B 54 3.71 20.21 -8.40
CA THR B 54 2.85 21.32 -8.01
C THR B 54 2.54 21.33 -6.49
N SER B 55 2.42 20.16 -5.87
CA SER B 55 2.14 20.12 -4.45
C SER B 55 3.35 20.59 -3.66
N LEU B 56 4.53 20.36 -4.22
CA LEU B 56 5.78 20.78 -3.56
C LEU B 56 6.16 22.24 -3.87
N THR B 57 5.58 22.83 -4.91
CA THR B 57 5.85 24.22 -5.25
C THR B 57 4.71 25.15 -4.85
N GLY B 58 3.50 24.60 -4.69
CA GLY B 58 2.35 25.41 -4.33
C GLY B 58 1.76 26.30 -5.40
N ARG B 59 2.36 26.29 -6.59
CA ARG B 59 1.87 27.14 -7.69
C ARG B 59 1.14 26.36 -8.78
N ASP B 60 -0.12 26.74 -9.04
CA ASP B 60 -0.95 26.08 -10.04
C ASP B 60 -1.69 27.12 -10.87
N LYS B 61 -1.23 27.32 -12.10
CA LYS B 61 -1.83 28.33 -13.00
C LYS B 61 -3.10 27.82 -13.67
N ASN B 62 -3.26 26.50 -13.71
CA ASN B 62 -4.44 25.87 -14.32
C ASN B 62 -5.75 26.51 -13.93
N GLN B 63 -6.63 26.70 -14.91
CA GLN B 63 -7.91 27.33 -14.67
C GLN B 63 -8.92 26.30 -14.20
N VAL B 64 -9.60 26.62 -13.11
CA VAL B 64 -10.51 25.68 -12.47
C VAL B 64 -11.91 25.77 -13.06
N GLU B 65 -12.55 24.61 -13.22
CA GLU B 65 -13.92 24.53 -13.72
C GLU B 65 -14.64 23.44 -12.96
N GLY B 66 -15.96 23.52 -12.95
CA GLY B 66 -16.77 22.48 -12.37
C GLY B 66 -17.01 22.67 -10.87
N GLU B 67 -17.83 21.80 -10.31
CA GLU B 67 -18.18 21.87 -8.91
C GLU B 67 -17.49 20.80 -8.09
N VAL B 68 -17.14 19.68 -8.72
CA VAL B 68 -16.36 18.60 -8.08
C VAL B 68 -14.93 18.51 -8.61
N GLN B 69 -13.95 18.72 -7.72
CA GLN B 69 -12.53 18.65 -8.09
C GLN B 69 -11.92 17.33 -7.62
N VAL B 70 -11.06 16.76 -8.45
CA VAL B 70 -10.25 15.62 -8.02
C VAL B 70 -8.95 16.23 -7.53
N VAL B 71 -8.63 15.98 -6.26
CA VAL B 71 -7.49 16.65 -5.66
C VAL B 71 -6.46 15.62 -5.19
N SER B 72 -5.22 16.04 -5.05
CA SER B 72 -4.19 15.10 -4.66
C SER B 72 -3.06 15.74 -3.88
N THR B 73 -2.48 14.95 -2.99
CA THR B 73 -1.19 15.29 -2.41
C THR B 73 -0.16 14.43 -3.12
N ALA B 74 1.04 14.37 -2.57
CA ALA B 74 2.09 13.54 -3.15
C ALA B 74 1.80 12.06 -2.89
N THR B 75 0.98 11.78 -1.88
CA THR B 75 0.77 10.40 -1.43
C THR B 75 -0.65 9.85 -1.63
N GLN B 76 -1.66 10.71 -1.55
CA GLN B 76 -3.03 10.26 -1.68
C GLN B 76 -3.88 11.15 -2.59
N SER B 77 -4.96 10.57 -3.11
CA SER B 77 -5.88 11.30 -3.97
C SER B 77 -7.30 11.13 -3.45
N PHE B 78 -8.10 12.19 -3.53
CA PHE B 78 -9.48 12.15 -3.08
C PHE B 78 -10.24 13.28 -3.77
N LEU B 79 -11.40 13.65 -3.24
CA LEU B 79 -12.25 14.66 -3.92
C LEU B 79 -12.46 15.94 -3.10
N ALA B 80 -12.86 17.01 -3.78
CA ALA B 80 -13.32 18.22 -3.12
C ALA B 80 -14.59 18.72 -3.81
N THR B 81 -15.55 19.21 -3.03
CA THR B 81 -16.82 19.64 -3.57
C THR B 81 -17.09 21.10 -3.19
N CYS B 82 -17.40 21.92 -4.18
CA CYS B 82 -17.70 23.33 -3.95
C CYS B 82 -19.17 23.56 -3.57
N VAL B 83 -19.37 24.22 -2.44
CA VAL B 83 -20.68 24.59 -1.95
C VAL B 83 -20.60 25.97 -1.29
N ASN B 84 -21.54 26.85 -1.63
CA ASN B 84 -21.57 28.23 -1.12
C ASN B 84 -20.27 29.01 -1.32
N GLY B 85 -19.61 28.82 -2.46
CA GLY B 85 -18.41 29.59 -2.76
C GLY B 85 -17.16 29.09 -2.05
N VAL B 86 -17.27 27.93 -1.42
CA VAL B 86 -16.14 27.33 -0.72
C VAL B 86 -15.86 25.95 -1.29
N CYS B 87 -14.58 25.65 -1.50
CA CYS B 87 -14.16 24.32 -1.95
C CYS B 87 -13.89 23.44 -0.73
N TRP B 88 -14.80 22.50 -0.45
CA TRP B 88 -14.72 21.71 0.78
C TRP B 88 -14.11 20.34 0.57
N THR B 89 -13.36 19.87 1.57
CA THR B 89 -12.99 18.47 1.59
C THR B 89 -12.77 17.96 3.03
N VAL B 90 -12.22 16.76 3.19
CA VAL B 90 -12.10 16.15 4.52
C VAL B 90 -10.79 16.49 5.18
N TYR B 91 -10.84 16.72 6.49
CA TYR B 91 -9.61 17.00 7.20
C TYR B 91 -8.70 15.77 7.14
N HIS B 92 -9.27 14.57 7.28
CA HIS B 92 -8.42 13.37 7.30
C HIS B 92 -7.62 13.15 6.02
N GLY B 93 -8.00 13.81 4.93
CA GLY B 93 -7.22 13.72 3.71
C GLY B 93 -6.33 14.92 3.43
N ALA B 94 -6.86 16.12 3.64
CA ALA B 94 -6.10 17.32 3.33
C ALA B 94 -5.30 17.90 4.51
N GLY B 95 -5.64 17.48 5.73
CA GLY B 95 -5.11 18.14 6.91
C GLY B 95 -5.32 19.66 6.82
N SER B 96 -4.30 20.41 7.18
CA SER B 96 -4.35 21.87 7.15
C SER B 96 -3.63 22.36 5.92
N LYS B 97 -3.49 21.49 4.94
CA LYS B 97 -2.68 21.82 3.79
C LYS B 97 -3.27 23.01 3.02
N THR B 98 -2.37 23.81 2.46
CA THR B 98 -2.78 24.87 1.54
C THR B 98 -3.16 24.24 0.20
N LEU B 99 -3.99 24.94 -0.58
CA LEU B 99 -4.38 24.49 -1.91
C LEU B 99 -3.53 25.24 -2.93
N ALA B 100 -2.87 24.50 -3.82
CA ALA B 100 -2.03 25.14 -4.83
C ALA B 100 -2.90 26.05 -5.68
N GLY B 101 -2.41 27.27 -5.93
CA GLY B 101 -3.20 28.25 -6.66
C GLY B 101 -2.38 29.06 -7.66
N PRO B 102 -3.06 29.94 -8.41
CA PRO B 102 -2.40 30.71 -9.46
C PRO B 102 -1.20 31.52 -8.95
N LYS B 103 -1.37 32.22 -7.83
CA LYS B 103 -0.32 33.07 -7.30
C LYS B 103 0.38 32.42 -6.10
N GLY B 104 0.34 31.09 -6.03
CA GLY B 104 0.94 30.37 -4.93
C GLY B 104 -0.08 29.71 -4.00
N PRO B 105 0.42 29.04 -2.95
CA PRO B 105 -0.42 28.26 -2.04
C PRO B 105 -1.52 29.09 -1.37
N ILE B 106 -2.74 28.57 -1.36
CA ILE B 106 -3.90 29.22 -0.76
C ILE B 106 -4.17 28.63 0.62
N THR B 107 -4.20 29.47 1.64
CA THR B 107 -4.46 29.03 3.00
C THR B 107 -5.92 28.65 3.20
N GLN B 108 -6.15 27.59 3.97
CA GLN B 108 -7.52 27.18 4.25
C GLN B 108 -8.23 28.35 4.89
N MET B 109 -9.48 28.54 4.49
CA MET B 109 -10.35 29.52 5.10
C MET B 109 -11.06 28.88 6.27
N TYR B 110 -11.29 27.58 6.20
CA TYR B 110 -11.97 26.88 7.30
C TYR B 110 -11.26 25.56 7.61
N THR B 111 -11.16 25.26 8.90
CA THR B 111 -10.52 24.03 9.37
C THR B 111 -11.33 23.54 10.58
N ASN B 112 -12.11 22.48 10.38
CA ASN B 112 -12.97 22.00 11.44
C ASN B 112 -12.68 20.54 11.72
N VAL B 113 -11.60 20.31 12.47
CA VAL B 113 -11.15 18.96 12.78
C VAL B 113 -12.26 18.14 13.41
N ASP B 114 -13.05 18.75 14.30
CA ASP B 114 -14.15 18.04 14.96
C ASP B 114 -15.11 17.44 13.94
N GLN B 115 -15.35 18.13 12.84
CA GLN B 115 -16.28 17.65 11.82
C GLN B 115 -15.58 17.03 10.61
N ASP B 116 -14.25 16.92 10.68
CA ASP B 116 -13.48 16.34 9.59
C ASP B 116 -13.68 17.14 8.30
N LEU B 117 -13.69 18.47 8.43
CA LEU B 117 -14.06 19.33 7.31
C LEU B 117 -13.12 20.52 7.19
N VAL B 118 -12.60 20.74 5.98
CA VAL B 118 -11.80 21.91 5.68
C VAL B 118 -12.32 22.55 4.39
N GLY B 119 -11.97 23.82 4.17
CA GLY B 119 -12.40 24.50 2.97
C GLY B 119 -11.47 25.63 2.58
N TRP B 120 -11.26 25.80 1.27
CA TRP B 120 -10.59 26.97 0.74
C TRP B 120 -11.62 27.79 -0.03
N GLN B 121 -11.41 29.09 -0.11
CA GLN B 121 -12.26 29.89 -0.97
C GLN B 121 -12.19 29.31 -2.37
N ALA B 122 -13.35 29.10 -2.98
CA ALA B 122 -13.40 28.48 -4.30
C ALA B 122 -12.60 29.29 -5.33
N PRO B 123 -11.63 28.64 -5.99
CA PRO B 123 -10.86 29.38 -7.00
C PRO B 123 -11.77 29.94 -8.07
N PRO B 124 -11.32 31.00 -8.76
CA PRO B 124 -12.05 31.56 -9.90
C PRO B 124 -12.27 30.50 -10.96
N GLY B 125 -13.52 30.36 -11.39
CA GLY B 125 -13.84 29.44 -12.46
C GLY B 125 -14.62 28.25 -11.96
N ALA B 126 -14.58 28.05 -10.65
CA ALA B 126 -15.31 26.96 -10.03
C ALA B 126 -16.74 27.39 -9.76
N ARG B 127 -17.68 26.46 -9.90
CA ARG B 127 -19.07 26.74 -9.58
C ARG B 127 -19.43 25.93 -8.35
N SER B 128 -20.43 26.40 -7.60
CA SER B 128 -20.86 25.70 -6.41
C SER B 128 -22.19 24.97 -6.63
N LEU B 129 -22.33 23.86 -5.93
CA LEU B 129 -23.61 23.17 -5.84
C LEU B 129 -24.53 23.88 -4.86
N THR B 130 -25.84 23.80 -5.12
CA THR B 130 -26.85 24.37 -4.25
C THR B 130 -27.13 23.40 -3.11
N PRO B 131 -27.13 23.90 -1.86
CA PRO B 131 -27.49 23.03 -0.74
C PRO B 131 -28.88 22.43 -0.91
N CYS B 132 -29.07 21.19 -0.48
CA CYS B 132 -30.35 20.53 -0.63
C CYS B 132 -31.26 20.79 0.55
N THR B 133 -32.49 21.22 0.23
CA THR B 133 -33.53 21.38 1.23
C THR B 133 -34.71 20.45 0.95
N CYS B 134 -34.64 19.77 -0.20
CA CYS B 134 -35.68 18.83 -0.66
C CYS B 134 -36.19 17.86 0.40
N GLY B 135 -35.35 17.56 1.39
CA GLY B 135 -35.70 16.61 2.43
C GLY B 135 -35.92 15.23 1.85
N SER B 136 -35.35 14.97 0.67
CA SER B 136 -35.47 13.67 0.04
C SER B 136 -34.52 12.66 0.70
N SER B 137 -34.90 11.39 0.65
CA SER B 137 -34.16 10.33 1.31
C SER B 137 -33.53 9.38 0.29
N ASP B 138 -33.70 9.71 -0.98
CA ASP B 138 -32.99 9.00 -2.03
C ASP B 138 -31.83 9.87 -2.47
N LEU B 139 -30.62 9.49 -2.06
CA LEU B 139 -29.42 10.25 -2.39
C LEU B 139 -28.57 9.51 -3.41
N TYR B 140 -27.61 10.22 -3.98
CA TYR B 140 -26.69 9.63 -4.94
C TYR B 140 -25.27 10.07 -4.63
N LEU B 141 -24.38 9.10 -4.40
CA LEU B 141 -23.00 9.41 -4.06
C LEU B 141 -22.17 9.35 -5.31
N VAL B 142 -21.40 10.42 -5.56
CA VAL B 142 -20.51 10.48 -6.71
C VAL B 142 -19.09 10.08 -6.32
N THR B 143 -18.54 9.05 -6.95
CA THR B 143 -17.20 8.56 -6.62
C THR B 143 -16.11 9.17 -7.47
N ARG B 144 -14.87 8.89 -7.10
CA ARG B 144 -13.72 9.43 -7.83
C ARG B 144 -13.56 8.82 -9.23
N HIS B 145 -14.25 7.72 -9.48
CA HIS B 145 -14.24 7.10 -10.80
C HIS B 145 -15.48 7.55 -11.56
N ALA B 146 -16.12 8.60 -11.04
CA ALA B 146 -17.28 9.18 -11.69
C ALA B 146 -18.43 8.19 -11.76
N ASP B 147 -18.46 7.25 -10.83
CA ASP B 147 -19.64 6.41 -10.65
C ASP B 147 -20.65 7.15 -9.79
N VAL B 148 -21.93 6.88 -10.03
CA VAL B 148 -23.00 7.51 -9.27
C VAL B 148 -23.81 6.39 -8.63
N ILE B 149 -23.80 6.32 -7.30
CA ILE B 149 -24.37 5.17 -6.64
C ILE B 149 -25.42 5.54 -5.61
N PRO B 150 -26.58 4.90 -5.68
CA PRO B 150 -27.76 5.15 -4.87
C PRO B 150 -27.48 4.97 -3.38
N VAL B 151 -28.02 5.87 -2.57
CA VAL B 151 -27.84 5.81 -1.13
C VAL B 151 -29.16 6.22 -0.50
N ARG B 152 -29.66 5.44 0.46
CA ARG B 152 -30.85 5.87 1.19
C ARG B 152 -30.48 6.56 2.49
N ARG B 153 -30.98 7.78 2.65
CA ARG B 153 -30.66 8.57 3.82
C ARG B 153 -31.25 7.87 5.03
N ARG B 154 -30.43 7.71 6.07
CA ARG B 154 -30.85 7.04 7.29
C ARG B 154 -30.86 8.02 8.45
N GLY B 155 -29.82 8.84 8.52
CA GLY B 155 -29.78 9.89 9.54
C GLY B 155 -29.36 11.22 8.96
N ASP B 156 -28.97 12.14 9.83
CA ASP B 156 -28.43 13.43 9.41
C ASP B 156 -27.11 13.30 8.67
N SER B 157 -26.31 12.31 9.05
CA SER B 157 -24.97 12.14 8.49
C SER B 157 -24.67 10.71 8.04
N ARG B 158 -25.73 9.91 7.92
CA ARG B 158 -25.60 8.48 7.66
C ARG B 158 -26.54 8.09 6.51
N GLY B 159 -26.12 7.14 5.69
CA GLY B 159 -26.96 6.63 4.62
C GLY B 159 -26.53 5.22 4.26
N SER B 160 -27.50 4.38 3.88
CA SER B 160 -27.20 3.00 3.53
C SER B 160 -27.03 2.81 2.02
N LEU B 161 -26.03 2.03 1.63
CA LEU B 161 -25.84 1.67 0.23
C LEU B 161 -26.94 0.70 -0.17
N LEU B 162 -27.38 0.77 -1.42
CA LEU B 162 -28.41 -0.16 -1.88
C LEU B 162 -27.82 -1.54 -2.12
N SER B 163 -26.61 -1.56 -2.66
CA SER B 163 -25.85 -2.79 -2.77
C SER B 163 -24.47 -2.56 -2.12
N PRO B 164 -24.16 -3.35 -1.09
CA PRO B 164 -22.85 -3.31 -0.42
C PRO B 164 -21.70 -3.53 -1.39
N ARG B 165 -20.57 -2.88 -1.13
CA ARG B 165 -19.38 -3.05 -1.95
C ARG B 165 -18.18 -3.16 -1.05
N PRO B 166 -17.14 -3.85 -1.51
CA PRO B 166 -15.92 -3.82 -0.71
C PRO B 166 -15.50 -2.37 -0.48
N VAL B 167 -14.96 -2.10 0.69
CA VAL B 167 -14.58 -0.74 1.06
C VAL B 167 -13.56 -0.16 0.08
N SER B 168 -12.69 -1.02 -0.44
CA SER B 168 -11.65 -0.59 -1.39
C SER B 168 -12.24 0.25 -2.52
N TYR B 169 -13.45 -0.10 -2.92
CA TYR B 169 -14.13 0.62 -3.99
C TYR B 169 -14.43 2.09 -3.64
N LEU B 170 -14.65 2.36 -2.36
CA LEU B 170 -15.01 3.71 -1.94
C LEU B 170 -13.78 4.53 -1.62
N LYS B 171 -12.62 3.87 -1.59
CA LYS B 171 -11.38 4.56 -1.26
C LYS B 171 -10.97 5.62 -2.27
N GLY B 172 -10.58 6.79 -1.78
CA GLY B 172 -10.23 7.89 -2.65
C GLY B 172 -11.43 8.75 -3.02
N SER B 173 -12.60 8.41 -2.47
CA SER B 173 -13.79 9.15 -2.80
C SER B 173 -14.24 10.13 -1.72
N SER B 174 -13.48 10.25 -0.63
CA SER B 174 -13.91 11.17 0.41
C SER B 174 -13.81 12.59 -0.13
N GLY B 175 -14.67 13.48 0.35
CA GLY B 175 -14.73 14.81 -0.21
C GLY B 175 -15.74 14.88 -1.33
N GLY B 176 -16.18 13.72 -1.82
CA GLY B 176 -17.18 13.63 -2.86
C GLY B 176 -18.58 13.97 -2.39
N PRO B 177 -19.42 14.44 -3.32
CA PRO B 177 -20.78 14.87 -2.96
C PRO B 177 -21.80 13.75 -2.87
N LEU B 178 -22.71 13.85 -1.90
CA LEU B 178 -23.97 13.15 -1.92
C LEU B 178 -25.02 14.13 -2.43
N LEU B 179 -25.73 13.74 -3.49
CA LEU B 179 -26.68 14.61 -4.14
C LEU B 179 -28.08 14.07 -3.94
N CYS B 180 -29.05 14.94 -3.75
CA CYS B 180 -30.44 14.50 -3.82
C CYS B 180 -30.85 14.47 -5.29
N PRO B 181 -32.01 13.85 -5.61
CA PRO B 181 -32.36 13.66 -7.02
C PRO B 181 -32.28 14.92 -7.88
N SER B 182 -32.51 16.10 -7.29
CA SER B 182 -32.43 17.36 -8.03
C SER B 182 -31.00 17.80 -8.34
N GLY B 183 -30.02 17.06 -7.83
CA GLY B 183 -28.63 17.44 -8.00
C GLY B 183 -28.11 18.46 -7.00
N HIS B 184 -28.90 18.73 -5.96
CA HIS B 184 -28.47 19.63 -4.88
C HIS B 184 -27.67 18.83 -3.86
N ALA B 185 -26.72 19.48 -3.19
CA ALA B 185 -25.81 18.77 -2.27
C ALA B 185 -26.40 18.56 -0.88
N VAL B 186 -26.37 17.32 -0.43
CA VAL B 186 -26.77 16.98 0.93
C VAL B 186 -25.54 16.96 1.85
N GLY B 187 -24.36 16.71 1.28
CA GLY B 187 -23.11 16.81 2.01
C GLY B 187 -21.95 16.14 1.29
N ILE B 188 -20.81 16.00 1.96
CA ILE B 188 -19.65 15.32 1.36
C ILE B 188 -19.28 14.03 2.09
N PHE B 189 -18.87 13.02 1.32
CA PHE B 189 -18.52 11.68 1.81
C PHE B 189 -17.25 11.73 2.69
N ARG B 190 -17.28 11.06 3.85
CA ARG B 190 -16.07 10.98 4.69
C ARG B 190 -15.65 9.58 5.14
N ALA B 191 -16.61 8.68 5.36
CA ALA B 191 -16.24 7.35 5.82
C ALA B 191 -17.26 6.29 5.45
N ALA B 192 -16.82 5.03 5.48
CA ALA B 192 -17.69 3.90 5.20
C ALA B 192 -17.97 3.12 6.49
N VAL B 193 -19.24 2.75 6.69
CA VAL B 193 -19.60 1.83 7.77
C VAL B 193 -19.56 0.42 7.23
N CYS B 194 -18.69 -0.42 7.79
CA CYS B 194 -18.38 -1.73 7.22
C CYS B 194 -18.70 -2.93 8.12
N THR B 195 -18.92 -4.06 7.46
CA THR B 195 -19.02 -5.37 8.09
C THR B 195 -17.95 -6.26 7.46
N ARG B 196 -16.92 -6.57 8.24
CA ARG B 196 -15.80 -7.35 7.73
C ARG B 196 -15.29 -6.86 6.38
N GLY B 197 -15.05 -5.54 6.27
CA GLY B 197 -14.45 -4.98 5.07
C GLY B 197 -15.44 -4.71 3.95
N VAL B 198 -16.72 -4.98 4.19
CA VAL B 198 -17.73 -4.73 3.18
C VAL B 198 -18.59 -3.55 3.60
N ALA B 199 -18.48 -2.46 2.84
CA ALA B 199 -19.20 -1.24 3.13
C ALA B 199 -20.68 -1.45 2.89
N LYS B 200 -21.50 -1.07 3.86
CA LYS B 200 -22.95 -1.22 3.75
C LYS B 200 -23.65 0.13 3.94
N ALA B 201 -22.91 1.09 4.48
CA ALA B 201 -23.46 2.43 4.66
C ALA B 201 -22.35 3.47 4.52
N VAL B 202 -22.73 4.74 4.50
CA VAL B 202 -21.76 5.81 4.33
C VAL B 202 -22.04 6.89 5.35
N ASP B 203 -20.97 7.48 5.87
CA ASP B 203 -21.04 8.61 6.79
C ASP B 203 -20.61 9.83 6.00
N PHE B 204 -21.36 10.92 6.11
CA PHE B 204 -21.02 12.12 5.36
C PHE B 204 -21.11 13.38 6.23
N VAL B 205 -20.40 14.43 5.82
CA VAL B 205 -20.53 15.72 6.50
C VAL B 205 -21.64 16.53 5.86
N PRO B 206 -22.76 16.74 6.57
CA PRO B 206 -23.93 17.42 6.02
C PRO B 206 -23.63 18.88 5.70
N VAL B 207 -24.36 19.44 4.74
CA VAL B 207 -24.15 20.82 4.32
C VAL B 207 -24.38 21.79 5.49
N GLU B 208 -25.29 21.44 6.40
CA GLU B 208 -25.52 22.31 7.56
C GLU B 208 -24.28 22.50 8.42
N SER B 209 -23.43 21.47 8.47
CA SER B 209 -22.14 21.56 9.13
C SER B 209 -21.23 22.54 8.41
N MET B 210 -21.29 22.52 7.08
CA MET B 210 -20.58 23.52 6.29
C MET B 210 -21.15 24.90 6.66
N GLU B 211 -22.47 24.97 6.77
CA GLU B 211 -23.14 26.21 7.18
C GLU B 211 -22.66 26.71 8.56
N THR B 212 -22.72 25.84 9.55
CA THR B 212 -22.23 26.17 10.89
C THR B 212 -20.76 26.60 10.88
N THR B 213 -19.94 25.88 10.12
CA THR B 213 -18.51 26.20 10.05
C THR B 213 -18.26 27.59 9.49
N MET B 214 -19.03 27.96 8.46
CA MET B 214 -18.89 29.29 7.85
C MET B 214 -19.30 30.44 8.78
N ARG B 215 -20.32 30.22 9.61
CA ARG B 215 -20.82 31.25 10.52
C ARG B 215 -20.05 31.32 11.84
N SER B 216 -19.03 30.49 12.00
CA SER B 216 -18.25 30.48 13.23
C SER B 216 -17.07 31.42 13.11
N PRO B 217 -16.70 32.05 14.22
CA PRO B 217 -15.64 33.07 14.22
C PRO B 217 -14.40 32.58 13.51
N VAL B 218 -13.77 33.47 12.72
CA VAL B 218 -12.56 33.16 12.00
C VAL B 218 -11.50 32.68 12.98
N PHE B 219 -11.35 33.43 14.07
CA PHE B 219 -10.33 33.12 15.07
C PHE B 219 -10.86 33.36 16.48
N THR B 220 -10.74 32.34 17.32
CA THR B 220 -11.02 32.48 18.74
C THR B 220 -9.72 32.44 19.51
N ASP B 221 -9.46 33.50 20.26
CA ASP B 221 -8.22 33.63 21.01
C ASP B 221 -8.32 32.86 22.33
N ASN B 222 -7.48 31.84 22.48
CA ASN B 222 -7.46 31.03 23.70
C ASN B 222 -6.18 31.22 24.50
N SER B 223 -5.50 32.36 24.33
CA SER B 223 -4.18 32.52 24.91
C SER B 223 -4.16 32.96 26.38
N SER B 224 -5.31 33.37 26.90
CA SER B 224 -5.38 33.81 28.28
C SER B 224 -6.05 32.78 29.17
N PRO B 225 -5.56 32.64 30.41
CA PRO B 225 -6.14 31.71 31.38
C PRO B 225 -7.62 31.94 31.54
N PRO B 226 -8.44 30.91 31.30
CA PRO B 226 -9.89 31.03 31.50
C PRO B 226 -10.21 31.48 32.92
N ALA B 227 -11.24 32.31 33.04
CA ALA B 227 -11.78 32.70 34.33
C ALA B 227 -12.49 31.51 34.98
N VAL B 228 -12.41 31.41 36.30
CA VAL B 228 -13.15 30.37 37.00
C VAL B 228 -14.63 30.73 37.01
N PRO B 229 -15.47 29.93 36.34
CA PRO B 229 -16.91 30.18 36.24
C PRO B 229 -17.65 29.82 37.53
N GLN B 230 -18.92 30.16 37.58
CA GLN B 230 -19.75 29.87 38.76
C GLN B 230 -20.16 28.41 38.73
N SER B 231 -20.61 27.99 37.55
CA SER B 231 -20.93 26.59 37.30
C SER B 231 -19.87 25.96 36.39
N PHE B 232 -19.68 24.65 36.54
CA PHE B 232 -18.66 23.90 35.83
C PHE B 232 -18.50 24.32 34.35
N GLN B 233 -17.25 24.48 33.93
CA GLN B 233 -16.94 24.73 32.52
C GLN B 233 -15.63 24.08 32.08
N VAL B 234 -15.62 23.56 30.85
CA VAL B 234 -14.41 23.08 30.20
C VAL B 234 -13.93 24.16 29.23
N ALA B 235 -12.65 24.52 29.34
CA ALA B 235 -12.13 25.62 28.56
C ALA B 235 -10.74 25.32 28.01
N HIS B 236 -10.39 26.00 26.93
CA HIS B 236 -9.13 25.75 26.25
C HIS B 236 -8.11 26.85 26.53
N LEU B 237 -6.85 26.45 26.59
CA LEU B 237 -5.74 27.36 26.75
C LEU B 237 -4.66 26.99 25.73
N HIS B 238 -4.47 27.85 24.74
CA HIS B 238 -3.48 27.62 23.68
C HIS B 238 -2.46 28.73 23.66
N ALA B 239 -1.18 28.37 23.80
CA ALA B 239 -0.09 29.35 23.76
C ALA B 239 1.22 28.65 23.51
N PRO B 240 2.18 29.37 22.91
CA PRO B 240 3.43 28.79 22.38
C PRO B 240 4.24 28.06 23.42
N THR B 241 5.15 27.17 22.99
CA THR B 241 5.99 26.44 23.93
C THR B 241 6.78 27.44 24.75
N GLY B 242 6.83 27.23 26.07
CA GLY B 242 7.66 28.06 26.93
C GLY B 242 6.98 29.33 27.42
N SER B 243 5.70 29.50 27.10
CA SER B 243 5.00 30.72 27.46
C SER B 243 4.61 30.74 28.94
N GLY B 244 4.50 29.58 29.58
CA GLY B 244 4.22 29.53 31.01
C GLY B 244 2.93 28.82 31.38
N LYS B 245 2.39 28.04 30.45
CA LYS B 245 1.11 27.37 30.68
C LYS B 245 1.18 26.39 31.85
N SER B 246 2.34 25.77 32.03
CA SER B 246 2.48 24.72 33.04
C SER B 246 2.95 25.21 34.41
N THR B 247 3.40 26.45 34.46
CA THR B 247 4.01 26.99 35.68
C THR B 247 3.38 28.33 36.11
N LYS B 248 3.55 29.36 35.29
CA LYS B 248 2.94 30.67 35.58
C LYS B 248 1.43 30.61 35.78
N VAL B 249 0.76 29.87 34.92
CA VAL B 249 -0.70 29.82 34.95
C VAL B 249 -1.23 29.18 36.25
N PRO B 250 -0.80 27.96 36.56
CA PRO B 250 -1.25 27.41 37.85
C PRO B 250 -0.80 28.26 39.04
N ALA B 251 0.36 28.90 38.97
CA ALA B 251 0.80 29.75 40.09
C ALA B 251 -0.14 30.94 40.26
N ALA B 252 -0.58 31.53 39.15
CA ALA B 252 -1.54 32.65 39.21
C ALA B 252 -2.87 32.21 39.79
N TYR B 253 -3.37 31.06 39.36
CA TYR B 253 -4.64 30.56 39.90
C TYR B 253 -4.55 30.33 41.42
N ALA B 254 -3.41 29.80 41.88
CA ALA B 254 -3.21 29.54 43.31
C ALA B 254 -3.19 30.85 44.14
N ALA B 255 -2.53 31.87 43.61
CA ALA B 255 -2.56 33.21 44.22
C ALA B 255 -4.00 33.76 44.36
N GLN B 256 -4.90 33.32 43.50
CA GLN B 256 -6.30 33.74 43.61
C GLN B 256 -7.08 32.91 44.63
N GLY B 257 -6.43 31.94 45.25
CA GLY B 257 -7.08 31.15 46.28
C GLY B 257 -7.68 29.84 45.79
N TYR B 258 -7.38 29.44 44.57
CA TYR B 258 -7.89 28.18 44.05
C TYR B 258 -6.94 26.99 44.29
N LYS B 259 -7.53 25.82 44.46
CA LYS B 259 -6.78 24.57 44.51
C LYS B 259 -6.72 23.96 43.10
N VAL B 260 -5.50 23.70 42.63
CA VAL B 260 -5.23 23.39 41.24
C VAL B 260 -4.47 22.07 41.05
N LEU B 261 -5.07 21.16 40.28
CA LEU B 261 -4.39 19.93 39.90
C LEU B 261 -3.91 20.08 38.46
N VAL B 262 -2.62 19.86 38.24
CA VAL B 262 -2.08 19.92 36.89
C VAL B 262 -1.65 18.51 36.44
N LEU B 263 -2.35 17.96 35.45
CA LEU B 263 -1.99 16.64 34.92
C LEU B 263 -1.15 16.78 33.66
N ASN B 264 0.01 16.12 33.68
CA ASN B 264 0.98 16.20 32.59
C ASN B 264 1.37 14.79 32.19
N PRO B 265 1.62 14.56 30.88
CA PRO B 265 1.96 13.22 30.42
C PRO B 265 3.35 12.77 30.88
N SER B 266 4.25 13.72 31.08
CA SER B 266 5.67 13.43 31.22
C SER B 266 6.12 13.20 32.68
N VAL B 267 6.71 12.05 32.97
CA VAL B 267 7.33 11.83 34.27
C VAL B 267 8.42 12.85 34.52
N ALA B 268 9.30 13.02 33.53
CA ALA B 268 10.44 13.92 33.64
C ALA B 268 10.01 15.36 33.94
N ALA B 269 9.02 15.87 33.21
CA ALA B 269 8.54 17.22 33.43
C ALA B 269 7.85 17.38 34.80
N THR B 270 7.03 16.39 35.17
CA THR B 270 6.32 16.42 36.47
C THR B 270 7.29 16.55 37.67
N LEU B 271 8.37 15.77 37.67
CA LEU B 271 9.38 15.84 38.73
C LEU B 271 10.06 17.20 38.72
N GLY B 272 10.34 17.73 37.53
CA GLY B 272 11.00 19.02 37.38
C GLY B 272 10.23 20.18 37.98
N PHE B 273 8.90 20.08 38.01
CA PHE B 273 8.10 21.22 38.48
C PHE B 273 8.34 21.58 39.96
N GLY B 274 8.66 20.58 40.79
CA GLY B 274 8.79 20.79 42.22
C GLY B 274 9.84 21.84 42.58
N ALA B 275 11.09 21.55 42.25
CA ALA B 275 12.18 22.47 42.55
C ALA B 275 11.96 23.83 41.89
N TYR B 276 11.61 23.81 40.60
CA TYR B 276 11.44 25.05 39.86
C TYR B 276 10.32 25.94 40.42
N MET B 277 9.13 25.38 40.66
CA MET B 277 8.01 26.16 41.18
C MET B 277 8.37 26.81 42.54
N SER B 278 9.09 26.07 43.36
CA SER B 278 9.58 26.60 44.63
C SER B 278 10.39 27.88 44.42
N LYS B 279 11.42 27.81 43.58
CA LYS B 279 12.33 28.95 43.38
C LYS B 279 11.75 30.09 42.57
N ALA B 280 10.98 29.77 41.53
CA ALA B 280 10.45 30.80 40.64
C ALA B 280 9.15 31.38 41.13
N HIS B 281 8.38 30.60 41.89
CA HIS B 281 7.03 31.00 42.24
C HIS B 281 6.66 30.86 43.70
N GLY B 282 7.61 30.51 44.56
CA GLY B 282 7.34 30.42 45.98
C GLY B 282 6.21 29.46 46.31
N ILE B 283 6.08 28.41 45.50
CA ILE B 283 5.13 27.34 45.76
C ILE B 283 5.88 26.02 45.80
N ASP B 284 5.69 25.25 46.87
CA ASP B 284 6.27 23.91 46.94
C ASP B 284 5.16 22.91 46.69
N PRO B 285 5.01 22.50 45.43
CA PRO B 285 3.80 21.78 45.06
C PRO B 285 3.83 20.30 45.48
N ASN B 286 2.66 19.72 45.65
CA ASN B 286 2.59 18.27 45.70
C ASN B 286 2.99 17.71 44.35
N ILE B 287 3.68 16.58 44.37
CA ILE B 287 4.19 15.94 43.16
C ILE B 287 3.80 14.48 43.20
N ARG B 288 3.10 14.00 42.17
CA ARG B 288 2.64 12.62 42.15
C ARG B 288 3.08 11.92 40.87
N THR B 289 4.02 11.00 40.99
CA THR B 289 4.40 10.16 39.85
C THR B 289 4.45 8.69 40.28
N GLY B 290 4.61 7.79 39.32
CA GLY B 290 4.80 6.39 39.65
C GLY B 290 6.02 6.21 40.54
N VAL B 291 7.10 6.93 40.23
CA VAL B 291 8.37 6.66 40.87
C VAL B 291 8.64 7.48 42.15
N ARG B 292 7.81 8.49 42.40
CA ARG B 292 8.09 9.42 43.49
C ARG B 292 6.87 10.26 43.80
N THR B 293 6.55 10.34 45.09
CA THR B 293 5.44 11.18 45.55
C THR B 293 5.95 12.11 46.64
N ILE B 294 5.52 13.38 46.54
CA ILE B 294 5.76 14.39 47.56
C ILE B 294 4.45 15.08 47.90
N THR B 295 4.06 15.01 49.17
CA THR B 295 2.86 15.66 49.62
C THR B 295 3.24 16.74 50.61
N THR B 296 3.04 18.00 50.23
CA THR B 296 3.41 19.12 51.07
C THR B 296 2.17 19.81 51.64
N GLY B 297 1.00 19.46 51.12
CA GLY B 297 -0.22 20.15 51.49
C GLY B 297 -0.44 21.45 50.73
N ALA B 298 0.46 21.78 49.81
CA ALA B 298 0.30 22.98 48.97
C ALA B 298 -1.00 22.93 48.15
N PRO B 299 -1.49 24.11 47.72
CA PRO B 299 -2.73 24.21 46.93
C PRO B 299 -2.53 23.89 45.43
N VAL B 300 -1.32 23.48 45.05
CA VAL B 300 -1.07 23.05 43.67
C VAL B 300 -0.43 21.67 43.67
N THR B 301 -0.95 20.78 42.83
CA THR B 301 -0.43 19.44 42.69
C THR B 301 -0.13 19.19 41.22
N TYR B 302 1.06 18.66 40.95
CA TYR B 302 1.43 18.16 39.63
C TYR B 302 1.45 16.63 39.66
N SER B 303 0.71 16.02 38.74
CA SER B 303 0.63 14.58 38.67
C SER B 303 0.77 14.14 37.22
N THR B 304 1.37 12.97 36.97
CA THR B 304 1.25 12.39 35.63
C THR B 304 -0.19 11.92 35.45
N TYR B 305 -0.60 11.74 34.20
CA TYR B 305 -1.91 11.16 33.95
C TYR B 305 -1.95 9.72 34.49
N GLY B 306 -0.83 9.01 34.39
CA GLY B 306 -0.77 7.64 34.85
C GLY B 306 -1.00 7.52 36.34
N LYS B 307 -0.35 8.36 37.13
CA LYS B 307 -0.47 8.29 38.57
C LYS B 307 -1.88 8.71 39.02
N PHE B 308 -2.43 9.71 38.33
CA PHE B 308 -3.83 10.12 38.53
C PHE B 308 -4.80 8.97 38.32
N LEU B 309 -4.65 8.24 37.22
CA LEU B 309 -5.50 7.06 37.00
C LEU B 309 -5.26 6.02 38.08
N ALA B 310 -4.00 5.76 38.41
CA ALA B 310 -3.69 4.77 39.44
C ALA B 310 -4.29 5.15 40.79
N ASP B 311 -4.48 6.45 41.01
CA ASP B 311 -5.00 6.96 42.28
C ASP B 311 -6.53 6.92 42.33
N GLY B 312 -7.15 6.48 41.25
CA GLY B 312 -8.60 6.36 41.23
C GLY B 312 -9.29 7.55 40.60
N GLY B 313 -8.53 8.46 40.03
CA GLY B 313 -9.16 9.59 39.36
C GLY B 313 -9.46 10.74 40.31
N CYS B 314 -10.56 11.43 40.06
CA CYS B 314 -10.93 12.65 40.79
C CYS B 314 -11.42 12.36 42.20
N SER B 315 -10.84 13.04 43.19
CA SER B 315 -11.31 12.89 44.56
C SER B 315 -12.28 13.99 44.95
N GLY B 316 -13.47 13.60 45.40
CA GLY B 316 -14.51 14.55 45.77
C GLY B 316 -13.99 15.79 46.47
N GLY B 317 -14.40 16.96 45.95
CA GLY B 317 -14.07 18.24 46.56
C GLY B 317 -12.60 18.56 46.80
N ALA B 318 -11.71 17.91 46.05
CA ALA B 318 -10.27 18.15 46.26
C ALA B 318 -9.69 19.36 45.52
N TYR B 319 -10.23 19.66 44.34
CA TYR B 319 -9.67 20.73 43.51
C TYR B 319 -10.75 21.64 42.92
N ASP B 320 -10.39 22.90 42.70
CA ASP B 320 -11.29 23.85 42.06
C ASP B 320 -11.06 23.83 40.56
N ILE B 321 -9.80 23.61 40.19
CA ILE B 321 -9.38 23.68 38.81
C ILE B 321 -8.50 22.49 38.44
N ILE B 322 -8.86 21.78 37.39
CA ILE B 322 -8.04 20.70 36.90
C ILE B 322 -7.54 21.04 35.52
N ILE B 323 -6.23 21.20 35.40
CA ILE B 323 -5.60 21.45 34.13
C ILE B 323 -5.17 20.12 33.49
N CYS B 324 -5.82 19.77 32.39
CA CYS B 324 -5.31 18.68 31.56
C CYS B 324 -4.24 19.27 30.66
N ASP B 325 -3.02 19.19 31.16
CA ASP B 325 -1.87 19.80 30.48
C ASP B 325 -1.41 18.95 29.31
N GLU B 326 -0.77 19.60 28.35
CA GLU B 326 -0.24 18.95 27.18
C GLU B 326 -1.33 18.06 26.55
N CYS B 327 -2.55 18.60 26.45
CA CYS B 327 -3.68 17.83 25.97
C CYS B 327 -3.58 17.48 24.47
N HIS B 328 -2.44 17.80 23.87
CA HIS B 328 -2.15 17.39 22.49
C HIS B 328 -1.70 15.94 22.49
N SER B 329 -1.42 15.41 23.68
CA SER B 329 -0.77 14.11 23.77
C SER B 329 -1.80 13.02 23.51
N THR B 330 -1.47 12.11 22.61
CA THR B 330 -2.44 11.07 22.24
C THR B 330 -1.97 9.67 22.63
N ASP B 331 -1.05 9.57 23.58
CA ASP B 331 -0.77 8.28 24.16
C ASP B 331 -2.00 7.82 24.95
N SER B 332 -2.17 6.52 25.09
CA SER B 332 -3.40 6.00 25.69
C SER B 332 -3.57 6.49 27.12
N THR B 333 -2.48 6.70 27.82
CA THR B 333 -2.60 7.10 29.22
C THR B 333 -3.21 8.50 29.29
N THR B 334 -2.81 9.37 28.37
CA THR B 334 -3.33 10.74 28.39
C THR B 334 -4.80 10.74 28.04
N ILE B 335 -5.14 9.97 27.02
CA ILE B 335 -6.51 9.98 26.53
C ILE B 335 -7.45 9.42 27.60
N LEU B 336 -7.02 8.35 28.26
CA LEU B 336 -7.85 7.76 29.31
C LEU B 336 -7.91 8.72 30.51
N GLY B 337 -6.78 9.36 30.79
CA GLY B 337 -6.69 10.31 31.88
C GLY B 337 -7.60 11.49 31.68
N ILE B 338 -7.53 12.12 30.51
CA ILE B 338 -8.37 13.27 30.19
C ILE B 338 -9.85 12.87 30.17
N GLY B 339 -10.15 11.69 29.61
CA GLY B 339 -11.52 11.21 29.58
C GLY B 339 -12.10 11.05 30.98
N THR B 340 -11.26 10.58 31.90
CA THR B 340 -11.65 10.41 33.31
C THR B 340 -11.98 11.76 33.93
N VAL B 341 -11.07 12.72 33.77
CA VAL B 341 -11.33 14.09 34.23
C VAL B 341 -12.68 14.60 33.71
N LEU B 342 -12.89 14.49 32.40
CA LEU B 342 -14.11 15.02 31.78
C LEU B 342 -15.38 14.34 32.27
N ASP B 343 -15.28 13.06 32.60
CA ASP B 343 -16.43 12.35 33.15
C ASP B 343 -16.67 12.64 34.64
N GLN B 344 -15.62 13.00 35.37
CA GLN B 344 -15.67 13.01 36.84
C GLN B 344 -15.54 14.38 37.51
N ALA B 345 -14.99 15.35 36.79
CA ALA B 345 -14.60 16.61 37.42
C ALA B 345 -15.77 17.37 38.06
N GLU B 346 -16.86 17.56 37.31
CA GLU B 346 -18.00 18.28 37.86
C GLU B 346 -18.55 17.63 39.16
N THR B 347 -18.79 16.32 39.12
CA THR B 347 -19.28 15.61 40.29
C THR B 347 -18.32 15.69 41.48
N ALA B 348 -17.04 15.83 41.18
CA ALA B 348 -16.00 15.95 42.19
C ALA B 348 -15.89 17.37 42.71
N GLY B 349 -16.69 18.26 42.16
CA GLY B 349 -16.77 19.62 42.65
C GLY B 349 -15.75 20.59 42.08
N ALA B 350 -15.14 20.25 40.95
CA ALA B 350 -14.28 21.20 40.26
C ALA B 350 -15.16 22.16 39.48
N ARG B 351 -14.73 23.41 39.38
CA ARG B 351 -15.52 24.41 38.66
C ARG B 351 -14.93 24.69 37.28
N LEU B 352 -13.69 24.28 37.06
CA LEU B 352 -13.04 24.57 35.79
C LEU B 352 -12.07 23.47 35.38
N VAL B 353 -12.22 23.00 34.13
CA VAL B 353 -11.25 22.10 33.53
C VAL B 353 -10.60 22.81 32.36
N VAL B 354 -9.26 22.86 32.35
CA VAL B 354 -8.54 23.58 31.31
C VAL B 354 -7.76 22.59 30.43
N LEU B 355 -8.01 22.66 29.14
CA LEU B 355 -7.35 21.80 28.17
C LEU B 355 -6.24 22.63 27.54
N ALA B 356 -5.01 22.42 28.01
CA ALA B 356 -3.91 23.30 27.64
C ALA B 356 -2.90 22.62 26.73
N THR B 357 -2.48 23.34 25.69
CA THR B 357 -1.44 22.86 24.77
C THR B 357 -0.92 23.99 23.89
N ALA B 358 0.32 23.86 23.42
CA ALA B 358 0.84 24.79 22.44
C ALA B 358 0.42 24.39 21.02
N THR B 359 -0.09 23.18 20.87
CA THR B 359 -0.25 22.60 19.55
C THR B 359 -1.60 21.91 19.44
N PRO B 360 -2.69 22.68 19.30
CA PRO B 360 -4.03 22.09 19.27
C PRO B 360 -4.31 21.42 17.91
N PRO B 361 -5.39 20.63 17.83
CA PRO B 361 -5.64 19.88 16.61
C PRO B 361 -5.81 20.82 15.44
N GLY B 362 -5.09 20.56 14.35
CA GLY B 362 -5.21 21.38 13.16
C GLY B 362 -4.09 22.39 13.06
N SER B 363 -3.41 22.62 14.17
CA SER B 363 -2.29 23.55 14.18
C SER B 363 -1.20 23.05 13.24
N VAL B 364 -0.42 23.98 12.72
CA VAL B 364 0.79 23.63 11.98
C VAL B 364 1.92 24.37 12.65
N THR B 365 3.14 23.93 12.39
CA THR B 365 4.29 24.57 13.01
C THR B 365 4.49 25.97 12.42
N VAL B 366 4.47 27.00 13.27
CA VAL B 366 4.81 28.36 12.87
C VAL B 366 6.13 28.77 13.52
N PRO B 367 6.77 29.85 13.02
CA PRO B 367 8.04 30.25 13.62
C PRO B 367 7.90 30.62 15.10
N HIS B 368 8.91 30.27 15.89
CA HIS B 368 8.94 30.59 17.31
C HIS B 368 9.96 31.71 17.53
N PRO B 369 9.55 32.76 18.27
CA PRO B 369 10.40 33.94 18.49
C PRO B 369 11.78 33.60 19.04
N ASN B 370 11.88 32.55 19.88
CA ASN B 370 13.14 32.22 20.52
C ASN B 370 14.03 31.25 19.73
N ILE B 371 13.51 30.76 18.61
CA ILE B 371 14.18 29.62 17.97
C ILE B 371 14.58 29.84 16.52
N GLU B 372 15.88 29.72 16.27
CA GLU B 372 16.41 29.78 14.91
C GLU B 372 16.44 28.37 14.36
N GLU B 373 15.89 28.16 13.17
CA GLU B 373 15.86 26.80 12.60
C GLU B 373 16.84 26.62 11.44
N VAL B 374 17.72 25.63 11.58
CA VAL B 374 18.71 25.35 10.56
C VAL B 374 18.63 23.90 10.11
N ALA B 375 18.43 23.69 8.81
CA ALA B 375 18.42 22.32 8.29
C ALA B 375 19.83 21.75 8.38
N LEU B 376 19.91 20.47 8.74
CA LEU B 376 21.14 19.72 8.67
C LEU B 376 21.50 19.50 7.19
N SER B 377 22.80 19.37 6.90
CA SER B 377 23.25 19.04 5.55
C SER B 377 23.89 17.66 5.60
N ASN B 378 24.45 17.22 4.47
CA ASN B 378 25.25 16.00 4.42
C ASN B 378 26.68 16.19 4.94
N THR B 379 27.01 17.44 5.25
CA THR B 379 28.33 17.77 5.79
C THR B 379 28.37 17.61 7.32
N GLY B 380 29.23 16.71 7.79
CA GLY B 380 29.44 16.54 9.22
C GLY B 380 29.98 15.16 9.55
N GLU B 381 30.58 15.02 10.73
CA GLU B 381 31.24 13.77 11.09
C GLU B 381 30.33 12.68 11.67
N ILE B 382 29.13 13.06 12.07
CA ILE B 382 28.23 12.13 12.73
C ILE B 382 27.02 11.85 11.82
N PRO B 383 26.94 10.65 11.26
CA PRO B 383 25.78 10.30 10.44
C PRO B 383 24.49 10.33 11.27
N PHE B 384 23.43 10.88 10.68
CA PHE B 384 22.19 11.06 11.40
C PHE B 384 20.98 11.07 10.46
N TYR B 385 20.29 9.93 10.37
CA TYR B 385 19.06 9.81 9.60
C TYR B 385 19.21 10.28 8.15
N GLY B 386 20.32 9.89 7.53
CA GLY B 386 20.59 10.23 6.14
C GLY B 386 21.28 11.57 5.96
N LYS B 387 21.33 12.36 7.02
CA LYS B 387 22.11 13.61 6.98
C LYS B 387 23.30 13.47 7.92
N ALA B 388 23.87 14.60 8.33
CA ALA B 388 25.02 14.55 9.23
C ALA B 388 25.01 15.66 10.26
N ILE B 389 25.51 15.37 11.46
CA ILE B 389 25.67 16.40 12.47
C ILE B 389 27.14 16.83 12.59
N PRO B 390 27.42 18.14 12.45
CA PRO B 390 28.80 18.61 12.65
C PRO B 390 29.18 18.54 14.14
N ILE B 391 30.33 17.95 14.44
CA ILE B 391 30.82 17.82 15.80
C ILE B 391 30.75 19.15 16.56
N GLU B 392 31.04 20.24 15.86
CA GLU B 392 31.13 21.56 16.48
C GLU B 392 29.78 22.11 16.88
N ALA B 393 28.71 21.49 16.39
CA ALA B 393 27.38 21.94 16.77
C ALA B 393 26.97 21.38 18.14
N ILE B 394 27.65 20.34 18.60
CA ILE B 394 27.28 19.73 19.88
C ILE B 394 28.44 19.62 20.85
N ARG B 395 29.58 20.17 20.48
CA ARG B 395 30.77 20.17 21.33
C ARG B 395 31.17 21.62 21.59
N GLY B 396 30.69 22.20 22.70
CA GLY B 396 29.81 21.56 23.65
C GLY B 396 28.57 22.42 23.94
N GLY B 397 28.31 22.67 25.23
CA GLY B 397 27.05 23.27 25.63
C GLY B 397 26.07 22.17 25.96
N ARG B 398 24.76 22.46 25.97
CA ARG B 398 23.73 21.46 26.28
C ARG B 398 22.78 21.21 25.11
N HIS B 399 22.66 19.95 24.70
CA HIS B 399 21.91 19.63 23.49
C HIS B 399 21.02 18.41 23.66
N LEU B 400 19.86 18.46 22.99
CA LEU B 400 18.90 17.37 23.06
C LEU B 400 18.66 16.85 21.65
N ILE B 401 18.99 15.57 21.42
CA ILE B 401 18.80 14.96 20.12
C ILE B 401 17.69 13.92 20.19
N PHE B 402 16.67 14.08 19.36
CA PHE B 402 15.58 13.09 19.34
C PHE B 402 15.85 11.99 18.31
N CYS B 403 15.84 10.75 18.78
CA CYS B 403 15.85 9.58 17.89
C CYS B 403 14.50 8.88 18.01
N HIS B 404 14.17 8.07 17.01
CA HIS B 404 12.86 7.44 16.98
C HIS B 404 12.76 6.20 17.89
N SER B 405 13.91 5.67 18.30
CA SER B 405 13.96 4.43 19.08
C SER B 405 15.04 4.42 20.16
N LYS B 406 14.84 3.60 21.19
CA LYS B 406 15.84 3.47 22.26
C LYS B 406 17.14 2.95 21.69
N LYS B 407 17.03 1.94 20.82
CA LYS B 407 18.21 1.35 20.21
C LYS B 407 19.04 2.42 19.50
N LYS B 408 18.37 3.31 18.77
CA LYS B 408 19.07 4.41 18.11
C LYS B 408 19.69 5.38 19.12
N CYS B 409 18.98 5.66 20.21
CA CYS B 409 19.51 6.51 21.27
C CYS B 409 20.78 5.89 21.88
N ASP B 410 20.75 4.59 22.12
CA ASP B 410 21.93 3.93 22.65
C ASP B 410 23.09 4.01 21.66
N GLU B 411 22.79 3.76 20.39
CA GLU B 411 23.86 3.68 19.40
C GLU B 411 24.54 5.02 19.23
N LEU B 412 23.73 6.08 19.12
CA LEU B 412 24.25 7.41 18.93
C LEU B 412 24.95 7.96 20.18
N ALA B 413 24.47 7.60 21.36
CA ALA B 413 25.14 8.05 22.59
C ALA B 413 26.52 7.38 22.70
N ALA B 414 26.60 6.12 22.31
CA ALA B 414 27.86 5.38 22.33
C ALA B 414 28.85 5.99 21.34
N LYS B 415 28.34 6.37 20.17
CA LYS B 415 29.14 7.01 19.12
C LYS B 415 29.65 8.37 19.56
N LEU B 416 28.81 9.17 20.21
CA LEU B 416 29.24 10.48 20.66
C LEU B 416 30.33 10.36 21.71
N SER B 417 30.42 9.22 22.38
CA SER B 417 31.39 9.08 23.46
C SER B 417 32.23 7.80 23.51
N GLY B 418 32.98 7.46 22.45
CA GLY B 418 32.88 8.06 21.16
C GLY B 418 33.98 9.02 20.78
N LEU B 419 33.55 10.26 20.58
CA LEU B 419 34.40 11.33 20.12
C LEU B 419 34.69 12.19 21.33
N GLY B 420 34.44 11.64 22.51
CA GLY B 420 34.69 12.32 23.76
C GLY B 420 33.64 13.33 24.15
N ILE B 421 32.43 13.14 23.63
CA ILE B 421 31.28 13.98 23.98
C ILE B 421 30.56 13.37 25.18
N ASN B 422 30.17 14.19 26.14
CA ASN B 422 29.40 13.67 27.26
C ASN B 422 27.95 13.47 26.84
N ALA B 423 27.60 12.22 26.51
CA ALA B 423 26.28 11.91 26.02
C ALA B 423 25.63 10.85 26.88
N VAL B 424 24.33 11.00 27.09
CA VAL B 424 23.52 9.95 27.73
C VAL B 424 22.21 9.77 27.00
N ALA B 425 21.76 8.52 26.96
CA ALA B 425 20.45 8.24 26.40
C ALA B 425 19.39 8.37 27.49
N TYR B 426 18.27 8.99 27.16
CA TYR B 426 17.14 8.91 28.05
C TYR B 426 15.91 8.41 27.28
N TYR B 427 15.28 7.39 27.84
CA TYR B 427 14.01 6.89 27.32
C TYR B 427 13.24 6.19 28.45
N ARG B 428 12.03 5.74 28.17
CA ARG B 428 11.23 5.08 29.22
C ARG B 428 11.95 3.82 29.74
N GLY B 429 12.17 3.77 31.05
CA GLY B 429 12.85 2.64 31.67
C GLY B 429 14.16 3.12 32.26
N LEU B 430 14.55 4.32 31.88
CA LEU B 430 15.72 4.92 32.47
C LEU B 430 15.24 5.91 33.53
N ASP B 431 16.05 6.10 34.56
CA ASP B 431 15.69 7.03 35.62
C ASP B 431 15.96 8.46 35.16
N VAL B 432 15.03 9.36 35.46
CA VAL B 432 15.19 10.77 35.10
C VAL B 432 16.55 11.30 35.54
N SER B 433 17.11 10.68 36.57
CA SER B 433 18.38 11.14 37.16
C SER B 433 19.56 10.94 36.20
N VAL B 434 19.41 10.09 35.20
CA VAL B 434 20.46 9.95 34.18
C VAL B 434 20.79 11.28 33.50
N ILE B 435 19.84 12.22 33.46
CA ILE B 435 20.09 13.51 32.83
C ILE B 435 20.71 14.53 33.79
N PRO B 436 21.91 15.02 33.44
CA PRO B 436 22.53 16.04 34.30
C PRO B 436 21.84 17.37 34.10
N THR B 437 21.51 18.04 35.20
CA THR B 437 20.72 19.28 35.14
C THR B 437 21.61 20.46 34.81
N ILE B 438 22.90 20.32 35.08
CA ILE B 438 23.87 21.38 34.83
C ILE B 438 25.05 20.86 34.02
N GLY B 439 25.73 21.76 33.33
CA GLY B 439 26.96 21.45 32.61
C GLY B 439 26.74 20.89 31.21
N ASP B 440 27.81 20.84 30.43
CA ASP B 440 27.78 20.28 29.09
C ASP B 440 27.19 18.87 29.06
N VAL B 441 26.30 18.63 28.11
CA VAL B 441 25.76 17.29 27.90
C VAL B 441 25.08 17.23 26.53
N VAL B 442 25.06 16.04 25.95
CA VAL B 442 24.20 15.77 24.80
C VAL B 442 23.28 14.62 25.16
N VAL B 443 22.01 14.95 25.36
CA VAL B 443 21.02 13.98 25.77
C VAL B 443 20.39 13.40 24.52
N VAL B 444 20.48 12.10 24.34
CA VAL B 444 19.86 11.45 23.19
C VAL B 444 18.61 10.71 23.64
N ALA B 445 17.44 11.21 23.21
CA ALA B 445 16.16 10.76 23.74
C ALA B 445 15.12 10.38 22.71
N THR B 446 14.19 9.55 23.17
CA THR B 446 12.95 9.27 22.46
C THR B 446 11.96 10.35 22.81
N ASP B 447 10.70 10.16 22.41
CA ASP B 447 9.67 11.12 22.79
C ASP B 447 9.38 11.15 24.30
N ALA B 448 10.11 10.34 25.07
CA ALA B 448 10.02 10.45 26.53
C ALA B 448 10.31 11.87 26.98
N LEU B 449 10.97 12.65 26.12
CA LEU B 449 11.33 14.01 26.46
C LEU B 449 10.71 15.03 25.50
N MET B 450 9.71 14.60 24.74
CA MET B 450 9.13 15.52 23.76
C MET B 450 8.24 16.61 24.34
N THR B 451 7.45 16.30 25.36
CA THR B 451 6.52 17.31 25.85
C THR B 451 6.81 17.69 27.30
N GLY B 452 6.44 18.92 27.66
CA GLY B 452 6.49 19.39 29.04
C GLY B 452 7.84 19.85 29.61
N TYR B 453 8.89 19.14 29.25
CA TYR B 453 10.19 19.23 29.90
C TYR B 453 10.98 20.49 29.60
N THR B 454 11.62 21.08 30.62
CA THR B 454 12.62 22.13 30.39
C THR B 454 13.98 21.64 30.85
N GLY B 455 14.89 21.38 29.91
CA GLY B 455 16.21 20.87 30.26
C GLY B 455 17.36 21.83 30.03
N ASP B 456 17.05 23.10 29.76
CA ASP B 456 18.07 24.14 29.52
C ASP B 456 18.99 23.79 28.34
N PHE B 457 18.39 23.42 27.22
CA PHE B 457 19.15 23.04 26.05
C PHE B 457 19.44 24.22 25.14
N ASP B 458 20.68 24.32 24.68
CA ASP B 458 21.03 25.34 23.69
C ASP B 458 20.44 24.97 22.32
N SER B 459 20.26 23.68 22.05
CA SER B 459 19.64 23.26 20.79
C SER B 459 18.89 21.95 20.89
N VAL B 460 17.98 21.75 19.94
CA VAL B 460 17.37 20.46 19.68
C VAL B 460 17.76 20.04 18.27
N ILE B 461 18.12 18.77 18.12
CA ILE B 461 18.34 18.17 16.81
C ILE B 461 17.30 17.03 16.64
N ASP B 462 16.52 17.12 15.57
CA ASP B 462 15.30 16.33 15.42
C ASP B 462 15.41 15.38 14.21
N CYS B 463 15.30 14.08 14.47
CA CYS B 463 15.32 13.10 13.37
C CYS B 463 14.06 13.24 12.50
N ASN B 464 13.05 13.90 13.05
CA ASN B 464 11.78 14.14 12.35
C ASN B 464 10.98 12.91 11.99
N THR B 465 11.32 11.78 12.60
CA THR B 465 10.48 10.59 12.47
C THR B 465 10.05 10.09 13.83
N CYS B 466 9.05 9.21 13.82
CA CYS B 466 8.57 8.63 15.06
C CYS B 466 7.93 7.26 14.86
N VAL B 467 7.66 6.59 15.96
CA VAL B 467 7.11 5.25 15.95
C VAL B 467 5.64 5.33 16.28
N THR B 468 4.81 4.74 15.42
CA THR B 468 3.38 4.71 15.67
C THR B 468 2.78 3.32 15.47
N GLN B 469 1.62 3.09 16.09
CA GLN B 469 0.92 1.81 16.01
C GLN B 469 -0.38 1.98 15.28
N THR B 470 -0.72 1.00 14.43
CA THR B 470 -1.92 1.10 13.63
C THR B 470 -2.64 -0.23 13.72
N VAL B 471 -3.96 -0.20 13.89
CA VAL B 471 -4.74 -1.42 13.85
C VAL B 471 -5.13 -1.72 12.40
N ASP B 472 -5.06 -2.98 12.04
CA ASP B 472 -5.57 -3.44 10.75
C ASP B 472 -6.58 -4.54 11.05
N PHE B 473 -7.80 -4.39 10.54
CA PHE B 473 -8.82 -5.41 10.75
C PHE B 473 -8.64 -6.46 9.68
N SER B 474 -7.63 -7.29 9.90
CA SER B 474 -7.04 -8.12 8.85
C SER B 474 -7.73 -9.47 8.71
N LEU B 475 -8.58 -9.81 9.68
CA LEU B 475 -9.39 -11.02 9.62
C LEU B 475 -8.58 -12.31 9.48
N ASP B 476 -7.38 -12.33 10.05
CA ASP B 476 -6.46 -13.44 9.87
C ASP B 476 -5.93 -14.01 11.19
N PRO B 477 -6.82 -14.33 12.13
CA PRO B 477 -8.28 -14.41 12.03
C PRO B 477 -9.03 -13.15 12.46
N THR B 478 -8.37 -12.23 13.15
CA THR B 478 -9.11 -11.15 13.77
C THR B 478 -8.58 -9.75 13.40
N PHE B 479 -7.71 -9.20 14.22
CA PHE B 479 -7.09 -7.90 13.93
C PHE B 479 -5.59 -8.02 14.14
N THR B 480 -4.87 -6.99 13.72
CA THR B 480 -3.42 -6.92 13.87
C THR B 480 -3.06 -5.55 14.42
N ILE B 481 -2.16 -5.49 15.40
CA ILE B 481 -1.59 -4.22 15.82
C ILE B 481 -0.17 -4.18 15.25
N GLU B 482 0.09 -3.16 14.45
CA GLU B 482 1.34 -3.07 13.74
C GLU B 482 2.11 -1.81 14.13
N THR B 483 3.42 -1.94 14.26
CA THR B 483 4.28 -0.84 14.63
C THR B 483 5.05 -0.39 13.41
N THR B 484 5.05 0.91 13.14
CA THR B 484 5.73 1.42 11.96
C THR B 484 6.48 2.72 12.28
N THR B 485 7.52 3.01 11.50
CA THR B 485 8.24 4.28 11.59
C THR B 485 7.71 5.23 10.53
N VAL B 486 7.27 6.41 10.97
CA VAL B 486 6.64 7.35 10.05
C VAL B 486 7.14 8.78 10.22
N PRO B 487 6.99 9.61 9.18
CA PRO B 487 7.27 11.04 9.30
C PRO B 487 6.49 11.66 10.45
N GLN B 488 7.11 12.56 11.19
CA GLN B 488 6.49 13.19 12.36
C GLN B 488 5.30 14.08 11.97
N ASP B 489 4.31 14.17 12.86
CA ASP B 489 3.23 15.11 12.63
C ASP B 489 3.61 16.51 13.13
N ALA B 490 2.70 17.47 12.98
CA ALA B 490 2.99 18.86 13.34
C ALA B 490 3.07 19.07 14.85
N VAL B 491 2.43 18.19 15.62
CA VAL B 491 2.50 18.28 17.08
C VAL B 491 3.91 17.92 17.52
N SER B 492 4.39 16.80 16.99
CA SER B 492 5.74 16.33 17.28
C SER B 492 6.80 17.37 16.89
N ARG B 493 6.71 17.91 15.69
CA ARG B 493 7.68 18.93 15.26
C ARG B 493 7.72 20.11 16.24
N SER B 494 6.56 20.68 16.54
CA SER B 494 6.51 21.86 17.39
C SER B 494 6.89 21.56 18.84
N GLN B 495 6.53 20.36 19.30
CA GLN B 495 6.78 19.99 20.70
C GLN B 495 8.24 19.66 20.90
N ARG B 496 8.79 18.84 20.00
CA ARG B 496 10.23 18.53 20.04
C ARG B 496 11.06 19.80 19.91
N ARG B 497 10.71 20.64 18.94
CA ARG B 497 11.40 21.90 18.71
C ARG B 497 11.36 22.73 19.98
N GLY B 498 10.19 22.76 20.63
CA GLY B 498 9.97 23.56 21.82
C GLY B 498 10.74 23.18 23.08
N ARG B 499 11.49 22.08 23.02
CA ARG B 499 12.37 21.70 24.12
C ARG B 499 13.55 22.69 24.23
N THR B 500 13.77 23.48 23.18
CA THR B 500 14.74 24.56 23.24
C THR B 500 13.99 25.89 23.14
N GLY B 501 14.70 27.02 23.29
CA GLY B 501 14.07 28.32 23.23
C GLY B 501 13.05 28.57 24.32
N ARG B 502 13.42 28.18 25.54
CA ARG B 502 12.54 28.32 26.68
C ARG B 502 13.11 29.42 27.58
N GLY B 503 12.56 30.61 27.46
CA GLY B 503 13.05 31.74 28.23
C GLY B 503 14.34 32.34 27.69
N ARG B 504 14.86 31.74 26.62
CA ARG B 504 16.05 32.26 25.95
C ARG B 504 16.10 31.81 24.50
N ARG B 505 17.08 32.31 23.75
CA ARG B 505 17.31 31.90 22.37
C ARG B 505 17.65 30.43 22.34
N GLY B 506 17.29 29.75 21.25
CA GLY B 506 17.77 28.41 21.03
C GLY B 506 17.83 28.07 19.56
N ILE B 507 18.42 26.92 19.24
CA ILE B 507 18.55 26.50 17.84
C ILE B 507 17.85 25.16 17.62
N TYR B 508 17.09 25.06 16.53
CA TYR B 508 16.46 23.80 16.14
C TYR B 508 17.08 23.31 14.83
N ARG B 509 17.72 22.14 14.87
CA ARG B 509 18.28 21.56 13.67
C ARG B 509 17.44 20.36 13.27
N PHE B 510 17.21 20.21 11.97
CA PHE B 510 16.32 19.13 11.50
C PHE B 510 16.83 18.42 10.27
N VAL B 511 16.35 17.21 10.11
CA VAL B 511 16.68 16.37 8.97
C VAL B 511 15.82 16.70 7.75
N THR B 512 14.52 16.87 7.95
CA THR B 512 13.63 17.18 6.83
C THR B 512 12.60 18.24 7.18
N PRO B 513 12.19 19.03 6.19
CA PRO B 513 11.26 20.15 6.37
C PRO B 513 9.81 19.75 6.71
N GLY B 514 9.33 18.63 6.20
CA GLY B 514 7.89 18.35 6.28
C GLY B 514 7.27 18.04 7.63
N GLU B 515 5.94 18.07 7.68
CA GLU B 515 5.16 17.55 8.81
C GLU B 515 3.78 17.05 8.36
N ARG B 516 3.41 15.88 8.88
CA ARG B 516 2.06 15.35 8.70
C ARG B 516 1.08 16.18 9.52
N PRO B 517 -0.20 16.13 9.15
CA PRO B 517 -1.27 16.84 9.86
C PRO B 517 -1.41 16.35 11.30
N SER B 518 -1.81 17.25 12.19
CA SER B 518 -1.94 16.95 13.60
C SER B 518 -3.39 16.69 13.97
N GLY B 519 -3.63 16.21 15.18
CA GLY B 519 -4.99 16.20 15.73
C GLY B 519 -5.81 14.93 15.56
N MET B 520 -5.21 13.91 14.97
CA MET B 520 -5.91 12.63 14.80
C MET B 520 -5.09 11.53 15.46
N PHE B 521 -5.75 10.48 15.92
CA PHE B 521 -5.01 9.32 16.40
C PHE B 521 -5.71 8.03 15.99
N ASP B 522 -4.98 6.92 16.07
CA ASP B 522 -5.47 5.66 15.51
C ASP B 522 -6.37 4.89 16.51
N SER B 523 -7.22 4.02 15.96
CA SER B 523 -8.07 3.15 16.78
C SER B 523 -7.29 2.26 17.75
N SER B 524 -6.07 1.87 17.40
CA SER B 524 -5.25 1.06 18.29
C SER B 524 -5.01 1.72 19.64
N VAL B 525 -5.01 3.07 19.69
CA VAL B 525 -4.90 3.77 20.96
C VAL B 525 -6.11 3.48 21.85
N LEU B 526 -7.28 3.36 21.24
CA LEU B 526 -8.46 3.00 22.01
C LEU B 526 -8.25 1.60 22.59
N CYS B 527 -7.73 0.71 21.76
CA CYS B 527 -7.42 -0.66 22.18
C CYS B 527 -6.49 -0.63 23.38
N GLU B 528 -5.46 0.19 23.29
CA GLU B 528 -4.52 0.36 24.39
C GLU B 528 -5.16 0.86 25.68
N CYS B 529 -6.16 1.71 25.53
CA CYS B 529 -6.88 2.23 26.69
C CYS B 529 -7.62 1.12 27.44
N TYR B 530 -8.32 0.26 26.71
CA TYR B 530 -9.03 -0.85 27.36
C TYR B 530 -8.03 -1.80 28.00
N ASP B 531 -6.95 -2.03 27.28
CA ASP B 531 -5.88 -2.87 27.77
C ASP B 531 -5.30 -2.32 29.09
N ALA B 532 -5.03 -1.01 29.14
CA ALA B 532 -4.51 -0.40 30.36
C ALA B 532 -5.54 -0.41 31.48
N GLY B 533 -6.82 -0.19 31.13
CA GLY B 533 -7.87 -0.21 32.12
C GLY B 533 -7.91 -1.53 32.86
N CYS B 534 -7.83 -2.61 32.09
CA CYS B 534 -7.89 -3.97 32.63
C CYS B 534 -6.59 -4.29 33.34
N ALA B 535 -5.46 -3.89 32.75
CA ALA B 535 -4.17 -4.31 33.27
C ALA B 535 -3.70 -3.53 34.51
N TRP B 536 -3.93 -2.21 34.52
CA TRP B 536 -3.34 -1.32 35.52
C TRP B 536 -4.33 -0.62 36.46
N TYR B 537 -5.52 -0.32 35.99
CA TYR B 537 -6.36 0.63 36.71
C TYR B 537 -7.67 0.03 37.21
N GLU B 538 -7.77 -1.30 37.15
CA GLU B 538 -8.95 -1.99 37.61
C GLU B 538 -10.25 -1.42 37.05
N LEU B 539 -10.21 -1.00 35.79
CA LEU B 539 -11.43 -0.56 35.11
C LEU B 539 -12.05 -1.70 34.30
N THR B 540 -13.35 -1.93 34.47
CA THR B 540 -14.04 -2.83 33.57
C THR B 540 -14.09 -2.16 32.20
N PRO B 541 -14.17 -2.95 31.14
CA PRO B 541 -14.32 -2.35 29.80
C PRO B 541 -15.50 -1.36 29.74
N ALA B 542 -16.59 -1.67 30.42
CA ALA B 542 -17.71 -0.74 30.47
C ALA B 542 -17.29 0.59 31.11
N GLU B 543 -16.49 0.50 32.16
CA GLU B 543 -15.98 1.66 32.89
C GLU B 543 -15.08 2.49 31.97
N THR B 544 -14.23 1.81 31.23
CA THR B 544 -13.34 2.47 30.31
C THR B 544 -14.13 3.17 29.22
N SER B 545 -15.21 2.55 28.73
CA SER B 545 -16.03 3.16 27.68
C SER B 545 -16.65 4.48 28.13
N VAL B 546 -17.11 4.53 29.37
CA VAL B 546 -17.68 5.77 29.90
C VAL B 546 -16.66 6.92 29.84
N ARG B 547 -15.44 6.63 30.25
CA ARG B 547 -14.39 7.63 30.26
C ARG B 547 -14.01 8.06 28.85
N LEU B 548 -13.78 7.09 27.95
CA LEU B 548 -13.48 7.41 26.55
C LEU B 548 -14.63 8.14 25.85
N ARG B 549 -15.87 7.77 26.17
CA ARG B 549 -17.00 8.49 25.60
C ARG B 549 -16.95 9.98 25.94
N ALA B 550 -16.64 10.31 27.19
CA ALA B 550 -16.47 11.73 27.57
C ALA B 550 -15.37 12.43 26.75
N TYR B 551 -14.26 11.73 26.51
CA TYR B 551 -13.21 12.30 25.68
C TYR B 551 -13.75 12.57 24.27
N LEU B 552 -14.35 11.56 23.66
CA LEU B 552 -14.84 11.68 22.29
C LEU B 552 -15.93 12.74 22.14
N ASN B 553 -16.65 13.03 23.21
CA ASN B 553 -17.77 13.95 23.10
C ASN B 553 -17.36 15.39 23.31
N THR B 554 -16.09 15.61 23.61
CA THR B 554 -15.62 16.95 23.95
C THR B 554 -14.96 17.59 22.74
N PRO B 555 -15.51 18.73 22.29
CA PRO B 555 -14.96 19.44 21.12
C PRO B 555 -13.58 20.00 21.40
N GLY B 556 -12.75 20.08 20.36
CA GLY B 556 -11.46 20.75 20.48
C GLY B 556 -10.28 19.86 20.85
N LEU B 557 -10.53 18.55 21.00
CA LEU B 557 -9.50 17.57 21.31
C LEU B 557 -9.15 16.75 20.08
N PRO B 558 -7.99 16.07 20.09
CA PRO B 558 -7.67 15.17 18.98
C PRO B 558 -8.83 14.20 18.73
N VAL B 559 -8.99 13.78 17.49
CA VAL B 559 -10.13 12.95 17.12
C VAL B 559 -9.71 11.54 16.72
N CYS B 560 -10.66 10.61 16.83
CA CYS B 560 -10.42 9.22 16.52
C CYS B 560 -11.70 8.62 15.98
N GLN B 561 -11.59 7.61 15.11
CA GLN B 561 -12.76 6.81 14.74
C GLN B 561 -13.46 6.23 15.99
N ASP B 562 -14.79 6.21 15.99
CA ASP B 562 -15.52 5.78 17.18
C ASP B 562 -15.65 4.27 17.21
N HIS B 563 -14.66 3.60 17.77
CA HIS B 563 -14.71 2.14 17.79
C HIS B 563 -14.89 1.65 19.23
N LEU B 564 -15.52 2.47 20.05
CA LEU B 564 -15.65 2.17 21.48
C LEU B 564 -16.42 0.86 21.73
N GLU B 565 -17.59 0.72 21.10
CA GLU B 565 -18.39 -0.47 21.33
C GLU B 565 -17.60 -1.70 20.90
N PHE B 566 -16.92 -1.60 19.77
CA PHE B 566 -16.14 -2.73 19.29
C PHE B 566 -15.08 -3.19 20.30
N TRP B 567 -14.20 -2.28 20.66
CA TRP B 567 -13.13 -2.62 21.60
C TRP B 567 -13.67 -3.09 22.93
N GLU B 568 -14.71 -2.45 23.43
CA GLU B 568 -15.30 -2.88 24.70
C GLU B 568 -15.77 -4.33 24.55
N SER B 569 -16.43 -4.62 23.44
CA SER B 569 -16.94 -5.98 23.23
C SER B 569 -15.78 -6.97 23.27
N VAL B 570 -14.66 -6.64 22.63
CA VAL B 570 -13.51 -7.53 22.62
C VAL B 570 -12.96 -7.80 24.01
N PHE B 571 -12.67 -6.75 24.77
CA PHE B 571 -12.09 -6.97 26.09
C PHE B 571 -13.06 -7.64 27.09
N THR B 572 -14.36 -7.39 26.93
CA THR B 572 -15.36 -7.97 27.80
C THR B 572 -15.32 -9.50 27.73
N GLY B 573 -14.88 -10.04 26.60
CA GLY B 573 -14.83 -11.48 26.44
C GLY B 573 -13.60 -12.14 27.00
N LEU B 574 -12.60 -11.32 27.36
CA LEU B 574 -11.32 -11.86 27.79
C LEU B 574 -11.31 -12.11 29.30
N THR B 575 -11.92 -13.22 29.70
CA THR B 575 -12.15 -13.53 31.12
C THR B 575 -11.12 -14.51 31.69
N HIS B 576 -10.88 -14.40 32.99
CA HIS B 576 -10.01 -15.34 33.68
C HIS B 576 -8.56 -15.36 33.18
N ILE B 577 -7.99 -14.19 33.02
CA ILE B 577 -6.59 -14.08 32.66
C ILE B 577 -5.74 -14.71 33.76
N ASP B 578 -4.58 -15.27 33.41
CA ASP B 578 -3.66 -15.79 34.41
C ASP B 578 -2.98 -14.64 35.14
N ALA B 579 -3.26 -14.50 36.44
CA ALA B 579 -2.77 -13.37 37.22
C ALA B 579 -1.25 -13.25 37.18
N HIS B 580 -0.57 -14.39 37.27
CA HIS B 580 0.89 -14.36 37.24
C HIS B 580 1.45 -13.91 35.89
N PHE B 581 0.87 -14.38 34.80
CA PHE B 581 1.29 -13.90 33.48
C PHE B 581 1.11 -12.38 33.36
N LEU B 582 -0.05 -11.89 33.75
CA LEU B 582 -0.35 -10.47 33.65
C LEU B 582 0.62 -9.64 34.51
N SER B 583 0.92 -10.13 35.69
CA SER B 583 1.88 -9.46 36.55
C SER B 583 3.20 -9.36 35.82
N GLN B 584 3.57 -10.41 35.10
CA GLN B 584 4.84 -10.42 34.39
C GLN B 584 4.88 -9.47 33.19
N THR B 585 3.83 -9.46 32.38
CA THR B 585 3.84 -8.55 31.23
C THR B 585 3.76 -7.08 31.68
N LYS B 586 3.03 -6.83 32.75
CA LYS B 586 3.01 -5.49 33.35
C LYS B 586 4.43 -5.08 33.76
N GLN B 587 5.16 -5.99 34.40
CA GLN B 587 6.49 -5.66 34.91
C GLN B 587 7.52 -5.46 33.82
N ALA B 588 7.39 -6.21 32.73
CA ALA B 588 8.33 -6.10 31.62
C ALA B 588 8.15 -4.80 30.84
N GLY B 589 7.01 -4.15 31.05
CA GLY B 589 6.72 -2.87 30.43
C GLY B 589 6.51 -2.83 28.92
N ASP B 590 6.27 -3.97 28.28
CA ASP B 590 5.99 -3.92 26.84
C ASP B 590 4.54 -3.47 26.54
N ASN B 591 4.27 -3.30 25.25
CA ASN B 591 3.12 -2.53 24.72
C ASN B 591 1.68 -2.79 25.17
N PHE B 592 1.26 -4.05 25.13
CA PHE B 592 -0.15 -4.39 25.37
C PHE B 592 -0.19 -5.51 26.42
N PRO B 593 0.10 -5.18 27.67
CA PRO B 593 0.33 -6.24 28.66
C PRO B 593 -0.88 -7.17 28.84
N TYR B 594 -2.08 -6.61 28.77
CA TYR B 594 -3.27 -7.42 28.95
C TYR B 594 -3.45 -8.41 27.80
N LEU B 595 -3.46 -7.91 26.56
CA LEU B 595 -3.60 -8.79 25.39
C LEU B 595 -2.50 -9.85 25.29
N VAL B 596 -1.27 -9.46 25.63
CA VAL B 596 -0.14 -10.40 25.61
C VAL B 596 -0.30 -11.50 26.67
N ALA B 597 -0.65 -11.09 27.89
CA ALA B 597 -0.83 -12.06 28.96
C ALA B 597 -2.05 -12.94 28.69
N TYR B 598 -3.04 -12.41 27.99
CA TYR B 598 -4.22 -13.20 27.71
C TYR B 598 -3.95 -14.28 26.65
N GLN B 599 -3.23 -13.91 25.59
CA GLN B 599 -2.80 -14.88 24.61
C GLN B 599 -1.93 -15.94 25.29
N ALA B 600 -1.04 -15.50 26.19
CA ALA B 600 -0.19 -16.43 26.93
C ALA B 600 -1.01 -17.39 27.80
N THR B 601 -2.06 -16.87 28.44
CA THR B 601 -2.96 -17.67 29.25
C THR B 601 -3.60 -18.75 28.38
N VAL B 602 -4.14 -18.32 27.24
CA VAL B 602 -4.80 -19.23 26.34
C VAL B 602 -3.82 -20.31 25.87
N CYS B 603 -2.58 -19.92 25.58
CA CYS B 603 -1.58 -20.88 25.13
C CYS B 603 -1.23 -21.90 26.22
N ALA B 604 -0.95 -21.42 27.43
CA ALA B 604 -0.58 -22.31 28.52
C ALA B 604 -1.70 -23.31 28.83
N ARG B 605 -2.95 -22.85 28.82
CA ARG B 605 -4.04 -23.75 29.14
C ARG B 605 -4.24 -24.77 28.03
N ALA B 606 -3.92 -24.38 26.81
CA ALA B 606 -4.10 -25.27 25.65
C ALA B 606 -2.88 -26.18 25.46
N GLN B 607 -1.88 -26.00 26.32
CA GLN B 607 -0.62 -26.74 26.23
C GLN B 607 0.04 -26.48 24.89
N ALA B 608 -0.14 -25.27 24.37
CA ALA B 608 0.32 -24.89 23.04
C ALA B 608 1.37 -23.77 23.10
N PRO B 609 2.26 -23.71 22.09
CA PRO B 609 3.30 -22.68 22.12
C PRO B 609 2.72 -21.30 21.80
N PRO B 610 3.44 -20.25 22.19
CA PRO B 610 3.06 -18.87 21.83
C PRO B 610 3.38 -18.63 20.35
N PRO B 611 2.93 -17.49 19.80
CA PRO B 611 3.07 -17.19 18.36
C PRO B 611 4.52 -17.26 17.88
N SER B 612 5.44 -16.90 18.76
CA SER B 612 6.87 -17.03 18.51
C SER B 612 7.57 -17.08 19.84
N TRP B 613 8.88 -17.26 19.82
CA TRP B 613 9.63 -17.22 21.06
C TRP B 613 10.39 -15.90 21.21
N ASP B 614 9.83 -14.85 20.62
CA ASP B 614 10.35 -13.50 20.79
C ASP B 614 10.18 -13.08 22.25
N GLN B 615 10.86 -12.00 22.64
CA GLN B 615 10.83 -11.49 24.00
C GLN B 615 9.42 -11.17 24.48
N MET B 616 8.54 -10.81 23.54
CA MET B 616 7.14 -10.53 23.85
C MET B 616 6.51 -11.69 24.62
N TRP B 617 6.95 -12.90 24.32
CA TRP B 617 6.36 -14.11 24.91
C TRP B 617 7.20 -14.77 25.99
N LYS B 618 8.16 -14.03 26.55
CA LYS B 618 9.08 -14.62 27.52
C LYS B 618 8.40 -15.17 28.78
N CYS B 619 7.20 -14.70 29.11
CA CYS B 619 6.55 -15.20 30.33
C CYS B 619 6.25 -16.70 30.23
N LEU B 620 6.33 -17.23 29.02
CA LEU B 620 5.99 -18.63 28.75
C LEU B 620 7.23 -19.54 28.71
N ILE B 621 8.42 -18.95 28.82
CA ILE B 621 9.65 -19.72 28.59
C ILE B 621 9.79 -20.90 29.54
N ARG B 622 9.41 -20.68 30.80
CA ARG B 622 9.48 -21.72 31.81
C ARG B 622 8.69 -22.97 31.39
N LEU B 623 7.64 -22.75 30.58
CA LEU B 623 6.76 -23.84 30.17
C LEU B 623 7.17 -24.42 28.83
N LYS B 624 8.13 -23.78 28.17
CA LYS B 624 8.47 -24.13 26.80
C LYS B 624 8.54 -25.64 26.52
N PRO B 625 9.31 -26.39 27.32
CA PRO B 625 9.46 -27.84 27.07
C PRO B 625 8.13 -28.59 26.96
N THR B 626 7.07 -28.07 27.59
CA THR B 626 5.80 -28.76 27.62
C THR B 626 4.81 -28.30 26.54
N LEU B 627 5.18 -27.28 25.78
CA LEU B 627 4.24 -26.69 24.81
C LEU B 627 4.51 -27.16 23.36
N HIS B 628 3.50 -27.75 22.72
CA HIS B 628 3.68 -28.28 21.35
C HIS B 628 2.42 -28.12 20.52
N GLY B 629 2.59 -28.19 19.21
CA GLY B 629 1.47 -28.07 18.30
C GLY B 629 1.26 -26.63 17.88
N PRO B 630 0.14 -26.36 17.19
CA PRO B 630 -0.14 -25.00 16.72
C PRO B 630 -0.61 -24.05 17.82
N THR B 631 -0.31 -22.77 17.62
CA THR B 631 -0.78 -21.70 18.48
C THR B 631 -2.24 -21.37 18.27
N PRO B 632 -3.04 -21.38 19.35
CA PRO B 632 -4.41 -20.91 19.27
C PRO B 632 -4.43 -19.37 19.18
N LEU B 633 -4.30 -18.87 17.96
CA LEU B 633 -4.05 -17.43 17.74
C LEU B 633 -5.31 -16.57 17.98
N LEU B 634 -5.23 -15.61 18.89
CA LEU B 634 -6.38 -14.74 19.21
C LEU B 634 -6.41 -13.49 18.31
N TYR B 635 -5.22 -12.99 17.97
CA TYR B 635 -5.00 -11.74 17.21
C TYR B 635 -3.51 -11.65 16.92
N ARG B 636 -3.08 -10.63 16.18
CA ARG B 636 -1.66 -10.51 15.82
C ARG B 636 -1.04 -9.24 16.40
N LEU B 637 -0.01 -9.43 17.23
CA LEU B 637 0.69 -8.34 17.91
C LEU B 637 2.14 -8.27 17.48
N GLY B 638 2.54 -9.19 16.61
CA GLY B 638 3.87 -9.18 16.02
C GLY B 638 3.96 -10.33 15.04
N ALA B 639 5.17 -10.67 14.62
CA ALA B 639 5.35 -11.81 13.74
C ALA B 639 4.82 -13.07 14.42
N VAL B 640 4.24 -13.95 13.62
CA VAL B 640 3.79 -15.25 14.07
C VAL B 640 4.62 -16.27 13.33
N GLN B 641 5.48 -16.98 14.05
CA GLN B 641 6.37 -17.92 13.39
C GLN B 641 5.82 -19.32 13.46
N ASN B 642 5.09 -19.61 14.52
CA ASN B 642 4.54 -20.94 14.73
C ASN B 642 3.30 -21.17 13.88
N GLU B 643 3.11 -22.42 13.46
CA GLU B 643 1.86 -22.83 12.85
C GLU B 643 0.70 -22.41 13.75
N VAL B 644 -0.45 -22.11 13.17
CA VAL B 644 -1.58 -21.66 14.00
C VAL B 644 -2.85 -22.49 13.84
N THR B 645 -3.65 -22.52 14.91
CA THR B 645 -4.98 -23.09 14.84
C THR B 645 -5.99 -22.00 15.15
N LEU B 646 -7.18 -22.10 14.55
CA LEU B 646 -8.20 -21.06 14.67
C LEU B 646 -9.44 -21.61 15.34
N THR B 647 -9.27 -22.68 16.10
CA THR B 647 -10.39 -23.39 16.73
C THR B 647 -10.76 -22.87 18.11
N HIS B 648 -9.88 -22.13 18.77
CA HIS B 648 -10.13 -21.71 20.16
C HIS B 648 -11.42 -20.89 20.30
N PRO B 649 -12.21 -21.18 21.35
CA PRO B 649 -13.45 -20.41 21.52
C PRO B 649 -13.22 -18.89 21.62
N ILE B 650 -12.08 -18.47 22.19
CA ILE B 650 -11.81 -17.03 22.31
C ILE B 650 -11.54 -16.43 20.92
N THR B 651 -10.82 -17.17 20.09
CA THR B 651 -10.64 -16.74 18.70
C THR B 651 -12.00 -16.48 18.05
N LYS B 652 -12.91 -17.42 18.21
CA LYS B 652 -14.24 -17.32 17.60
C LYS B 652 -15.05 -16.21 18.24
N TYR B 653 -14.89 -16.03 19.55
CA TYR B 653 -15.54 -14.90 20.21
C TYR B 653 -15.09 -13.60 19.55
N ILE B 654 -13.78 -13.42 19.41
CA ILE B 654 -13.26 -12.18 18.83
C ILE B 654 -13.68 -12.01 17.37
N MET B 655 -13.64 -13.09 16.59
CA MET B 655 -14.21 -13.03 15.23
C MET B 655 -15.63 -12.52 15.23
N ALA B 656 -16.47 -13.07 16.11
CA ALA B 656 -17.85 -12.64 16.20
C ALA B 656 -17.94 -11.15 16.52
N CYS B 657 -17.03 -10.65 17.36
CA CYS B 657 -17.00 -9.23 17.68
C CYS B 657 -16.77 -8.35 16.43
N MET B 658 -15.91 -8.80 15.51
CA MET B 658 -15.61 -8.04 14.29
C MET B 658 -16.80 -7.92 13.34
N SER B 659 -17.88 -8.65 13.60
CA SER B 659 -19.07 -8.54 12.75
C SER B 659 -19.85 -7.26 13.02
N ALA B 660 -19.50 -6.56 14.08
CA ALA B 660 -20.16 -5.30 14.40
C ALA B 660 -19.82 -4.23 13.37
N ASP B 661 -20.70 -3.26 13.21
CA ASP B 661 -20.44 -2.12 12.33
C ASP B 661 -19.15 -1.44 12.73
N LEU B 662 -18.26 -1.25 11.76
CA LEU B 662 -17.05 -0.49 12.00
C LEU B 662 -16.88 0.62 10.96
N GLU B 663 -16.95 1.87 11.41
CA GLU B 663 -16.73 3.00 10.51
C GLU B 663 -15.25 3.19 10.26
N VAL B 664 -14.84 3.17 8.99
CA VAL B 664 -13.45 3.47 8.64
C VAL B 664 -13.42 4.54 7.53
N VAL B 665 -12.35 5.34 7.48
CA VAL B 665 -12.34 6.51 6.60
C VAL B 665 -11.95 6.20 5.15
N THR B 666 -12.42 7.05 4.23
CA THR B 666 -12.16 6.85 2.81
C THR B 666 -11.54 8.07 2.13
#